data_5H3U
#
_entry.id   5H3U
#
_cell.length_a   76.836
_cell.length_b   92.083
_cell.length_c   110.801
_cell.angle_alpha   90.00
_cell.angle_beta   99.99
_cell.angle_gamma   90.00
#
_symmetry.space_group_name_H-M   'P 1 21 1'
#
loop_
_entity.id
_entity.type
_entity.pdbx_description
1 polymer 'Gem-associated protein 5'
2 polymer "RNA (5'-R(*AP*AP*UP*UP*UP*UP*UP*GP*AP*C)-3')"
3 non-polymer GLYCEROL
4 water water
#
loop_
_entity_poly.entity_id
_entity_poly.type
_entity_poly.pdbx_seq_one_letter_code
_entity_poly.pdbx_strand_id
1 'polypeptide(L)'
;MGQEPRTLPPSPNWYCARCSDAVPGGLFGFAARTSVFLVRVGPGAGESPGTPPFRVIGELVGHTERVSGFTFSHHPGQYN
LCATSSDDGTVKIWDVETKTVVTEHALHQHTISTLHWSPRVKDLIVSGDEKGVVFCYWFNRNDSQHLFIEPRTIFCLTCS
PHHEDLVAIGYKDGIVVIIDISKKGEVIHRLRGHDDEIHSIAWCPLPGEDCLSINQEETSEEAEITNGNAVAQAPVTKGC
YLATGSKDQTIRIWSCSRGRGVMILKLPFLKRRGGGIDPTVKERLWLTLHWPSNQPTQLVSSCFGGELLQWDLTQSWRRK
YTLFSASSEGQNHSRIVFNLCPLQTEDDKQLLLSTSMDRDVKCWDIATLECSWTLPSLGGFAYSLAFSSVDIGSLAIGVG
DGMIRVWNTLSIKNNYDVKNFWQGVKSKVTALCWHPTKEGCLAFGTDDGKVGLYDTYSNKPPQISSTYHKKTVYTLAWGP
PVPPMSLGGEGDRPSLALYSCGGEGIVLQHNPWKLSGEAFDINKLIRDTNSIKYKLPVHTEISWKADGKIMALGNEDGSI
EIFQIPNLKLICTIQQHHKLVNTISWHHEHGSQPELSYLMASGSNNAVIYVHNLKTVIESSPESPVTITEPYRTLSGHTA
KITSVAWSPHHDGRLVSASYDGTAQVWDALREEPLCNFRGHRGRLLCVAWSPLDPDCIYSGADDFCVHKWLTSMQDHSRP
PQGKKSIELEKKRLSQPKAK
;
A,B
2 'polyribonucleotide' AAUUUUUGAC C
#
loop_
_chem_comp.id
_chem_comp.type
_chem_comp.name
_chem_comp.formula
A RNA linking ADENOSINE-5'-MONOPHOSPHATE 'C10 H14 N5 O7 P'
C RNA linking CYTIDINE-5'-MONOPHOSPHATE 'C9 H14 N3 O8 P'
G RNA linking GUANOSINE-5'-MONOPHOSPHATE 'C10 H14 N5 O8 P'
GOL non-polymer GLYCEROL 'C3 H8 O3'
U RNA linking URIDINE-5'-MONOPHOSPHATE 'C9 H13 N2 O9 P'
#
# COMPACT_ATOMS: atom_id res chain seq x y z
N GLN A 3 -5.01 6.41 -17.45
CA GLN A 3 -4.04 5.90 -16.50
C GLN A 3 -4.35 6.40 -15.09
N GLU A 4 -5.56 6.92 -14.91
CA GLU A 4 -6.01 7.46 -13.64
C GLU A 4 -7.26 6.73 -13.18
N PRO A 5 -7.27 6.13 -12.00
CA PRO A 5 -8.49 5.51 -11.48
C PRO A 5 -9.54 6.54 -11.07
N ARG A 6 -10.79 6.23 -11.40
CA ARG A 6 -11.94 7.06 -11.07
C ARG A 6 -12.91 6.24 -10.22
N THR A 7 -13.73 6.93 -9.43
CA THR A 7 -14.69 6.27 -8.55
C THR A 7 -15.99 7.05 -8.62
N LEU A 8 -17.05 6.40 -9.10
CA LEU A 8 -18.43 6.84 -8.99
C LEU A 8 -19.01 6.46 -7.63
N PRO A 9 -19.14 7.39 -6.68
CA PRO A 9 -19.42 7.03 -5.29
C PRO A 9 -20.91 6.90 -5.05
N PRO A 10 -21.30 6.40 -3.86
CA PRO A 10 -22.70 6.46 -3.46
C PRO A 10 -23.11 7.89 -3.13
N SER A 11 -24.42 8.13 -3.12
CA SER A 11 -24.94 9.48 -2.92
C SER A 11 -24.66 9.97 -1.51
N PRO A 12 -24.30 11.24 -1.34
CA PRO A 12 -24.24 11.82 0.00
C PRO A 12 -25.54 11.62 0.77
N ASN A 13 -25.42 11.37 2.07
CA ASN A 13 -26.61 11.07 2.85
C ASN A 13 -27.45 12.33 3.08
N TRP A 14 -28.76 12.12 3.12
CA TRP A 14 -29.72 13.19 3.22
C TRP A 14 -30.05 13.50 4.68
N TYR A 15 -30.49 14.73 4.92
CA TYR A 15 -31.15 15.13 6.17
C TYR A 15 -30.24 15.01 7.39
N CYS A 16 -28.94 15.24 7.19
CA CYS A 16 -27.96 15.29 8.27
C CYS A 16 -27.38 16.69 8.34
N ALA A 17 -27.31 17.24 9.54
CA ALA A 17 -26.91 18.63 9.71
C ALA A 17 -25.43 18.81 9.38
N ARG A 18 -24.60 17.80 9.68
CA ARG A 18 -23.18 17.87 9.35
C ARG A 18 -22.71 16.45 9.01
N CYS A 19 -22.96 16.01 7.78
CA CYS A 19 -22.34 14.75 7.37
C CYS A 19 -21.31 14.95 6.26
N SER A 20 -20.70 16.14 6.22
CA SER A 20 -19.68 16.46 5.22
C SER A 20 -18.82 17.65 5.68
N ASP A 21 -17.51 17.56 5.49
CA ASP A 21 -16.62 18.64 5.90
C ASP A 21 -15.40 18.64 4.99
N ALA A 22 -14.61 19.71 5.10
CA ALA A 22 -13.44 19.93 4.27
C ALA A 22 -12.38 20.62 5.12
N VAL A 23 -11.12 20.45 4.71
CA VAL A 23 -10.00 21.06 5.42
C VAL A 23 -9.04 21.67 4.40
N PRO A 24 -8.30 22.70 4.82
CA PRO A 24 -7.35 23.36 3.92
C PRO A 24 -6.44 22.41 3.17
N GLY A 25 -5.86 22.86 2.06
CA GLY A 25 -5.03 21.99 1.26
C GLY A 25 -5.82 21.00 0.44
N GLY A 26 -7.10 21.27 0.26
CA GLY A 26 -7.92 20.53 -0.65
C GLY A 26 -8.28 19.12 -0.26
N LEU A 27 -8.90 18.91 0.91
CA LEU A 27 -9.41 17.60 1.27
C LEU A 27 -10.86 17.72 1.76
N PHE A 28 -11.76 17.01 1.10
CA PHE A 28 -13.19 17.05 1.40
C PHE A 28 -13.70 15.66 1.75
N GLY A 29 -14.63 15.60 2.70
CA GLY A 29 -15.18 14.31 3.10
C GLY A 29 -16.69 14.36 3.15
N PHE A 30 -17.36 13.32 2.68
CA PHE A 30 -18.81 13.33 2.71
C PHE A 30 -19.35 11.94 3.01
N ALA A 31 -20.34 11.89 3.90
CA ALA A 31 -20.93 10.63 4.33
C ALA A 31 -21.85 10.08 3.24
N ALA A 32 -21.52 8.92 2.73
CA ALA A 32 -22.34 8.27 1.72
C ALA A 32 -22.62 6.88 2.22
N ARG A 33 -23.89 6.57 2.42
CA ARG A 33 -24.29 5.24 2.83
C ARG A 33 -23.66 4.97 4.18
N THR A 34 -22.78 3.98 4.27
CA THR A 34 -22.16 3.62 5.54
C THR A 34 -20.65 3.86 5.52
N SER A 35 -20.25 4.81 4.69
CA SER A 35 -18.85 5.16 4.51
C SER A 35 -18.73 6.67 4.42
N VAL A 36 -17.49 7.14 4.52
CA VAL A 36 -17.15 8.52 4.21
C VAL A 36 -16.16 8.53 3.06
N PHE A 37 -16.45 9.32 2.03
CA PHE A 37 -15.58 9.45 0.88
C PHE A 37 -14.78 10.72 0.97
N LEU A 38 -13.48 10.59 0.70
CA LEU A 38 -12.50 11.65 0.73
C LEU A 38 -12.15 12.04 -0.71
N VAL A 39 -12.18 13.33 -0.98
CA VAL A 39 -11.93 13.87 -2.30
C VAL A 39 -10.87 14.94 -2.14
N ARG A 40 -9.76 14.79 -2.86
CA ARG A 40 -8.75 15.82 -2.95
C ARG A 40 -9.19 16.84 -3.99
N VAL A 41 -9.16 18.12 -3.62
CA VAL A 41 -9.55 19.18 -4.54
C VAL A 41 -8.53 20.33 -4.56
N GLY A 42 -8.21 20.82 -5.75
CA GLY A 42 -7.28 21.90 -5.88
C GLY A 42 -5.99 21.42 -6.51
N PRO A 43 -4.98 22.29 -6.53
CA PRO A 43 -3.72 21.97 -7.22
C PRO A 43 -3.13 20.64 -6.81
N GLY A 44 -3.29 20.23 -5.55
CA GLY A 44 -2.72 18.98 -5.08
C GLY A 44 -3.38 17.72 -5.61
N ALA A 45 -4.54 17.86 -6.29
CA ALA A 45 -5.16 16.70 -6.93
C ALA A 45 -4.31 16.14 -8.06
N GLY A 46 -3.41 16.96 -8.63
CA GLY A 46 -2.54 16.50 -9.69
C GLY A 46 -3.24 16.31 -11.01
N GLU A 47 -4.47 16.79 -11.13
CA GLU A 47 -5.23 16.57 -12.34
C GLU A 47 -4.58 17.26 -13.54
N SER A 48 -4.89 16.72 -14.72
CA SER A 48 -4.37 17.30 -15.93
C SER A 48 -5.10 18.61 -16.21
N PRO A 49 -4.42 19.57 -16.81
CA PRO A 49 -5.05 20.86 -17.09
C PRO A 49 -6.30 20.69 -17.92
N GLY A 50 -7.20 21.67 -17.79
CA GLY A 50 -8.43 21.64 -18.55
C GLY A 50 -9.45 20.66 -18.03
N THR A 51 -9.16 20.06 -16.88
CA THR A 51 -10.05 19.11 -16.23
C THR A 51 -10.27 19.56 -14.80
N PRO A 52 -11.45 19.32 -14.24
CA PRO A 52 -11.73 19.76 -12.88
C PRO A 52 -10.68 19.25 -11.90
N PRO A 53 -10.16 20.11 -11.06
CA PRO A 53 -9.03 19.73 -10.21
C PRO A 53 -9.51 19.04 -8.94
N PHE A 54 -10.14 17.87 -9.11
CA PHE A 54 -10.60 17.10 -7.97
C PHE A 54 -10.41 15.63 -8.28
N ARG A 55 -10.25 14.82 -7.23
CA ARG A 55 -10.07 13.38 -7.37
C ARG A 55 -10.50 12.69 -6.10
N VAL A 56 -11.29 11.64 -6.28
CA VAL A 56 -11.65 10.72 -5.21
C VAL A 56 -10.42 9.86 -4.88
N ILE A 57 -10.00 9.88 -3.62
CA ILE A 57 -8.76 9.22 -3.24
C ILE A 57 -8.95 8.22 -2.12
N GLY A 58 -9.99 8.31 -1.33
CA GLY A 58 -10.11 7.40 -0.21
C GLY A 58 -11.52 7.24 0.29
N GLU A 59 -11.73 6.13 1.01
CA GLU A 59 -13.01 5.77 1.57
C GLU A 59 -12.77 5.28 2.99
N LEU A 60 -13.57 5.78 3.93
CA LEU A 60 -13.47 5.39 5.34
C LEU A 60 -14.47 4.27 5.58
N VAL A 61 -13.95 3.05 5.71
CA VAL A 61 -14.75 1.85 5.83
C VAL A 61 -14.65 1.36 7.27
N GLY A 62 -15.79 0.99 7.84
CA GLY A 62 -15.75 0.59 9.23
C GLY A 62 -17.09 0.56 9.90
N HIS A 63 -17.90 1.60 9.69
CA HIS A 63 -19.25 1.66 10.26
C HIS A 63 -20.13 0.59 9.64
N THR A 64 -21.06 0.09 10.47
CA THR A 64 -22.01 -0.96 10.15
C THR A 64 -23.32 -0.41 9.63
N GLU A 65 -23.61 0.84 9.96
CA GLU A 65 -24.87 1.50 9.67
C GLU A 65 -24.58 2.85 9.02
N ARG A 66 -25.65 3.42 8.48
CA ARG A 66 -25.68 4.77 7.94
C ARG A 66 -24.85 5.75 8.78
N VAL A 67 -23.89 6.40 8.13
CA VAL A 67 -23.15 7.46 8.80
C VAL A 67 -24.01 8.72 8.85
N SER A 68 -24.18 9.26 10.05
CA SER A 68 -25.06 10.40 10.28
C SER A 68 -24.30 11.70 10.43
N GLY A 69 -23.03 11.64 10.74
CA GLY A 69 -22.29 12.86 11.02
C GLY A 69 -20.82 12.67 10.69
N PHE A 70 -20.17 13.77 10.30
CA PHE A 70 -18.76 13.72 9.93
C PHE A 70 -18.10 15.08 10.14
N THR A 71 -16.92 15.06 10.72
CA THR A 71 -16.31 16.29 11.22
C THR A 71 -14.80 16.14 11.14
N PHE A 72 -14.16 17.09 10.49
CA PHE A 72 -12.71 17.16 10.36
C PHE A 72 -12.13 17.88 11.56
N SER A 73 -10.94 17.47 12.00
CA SER A 73 -10.18 18.31 12.89
C SER A 73 -9.67 19.50 12.10
N HIS A 74 -9.87 20.70 12.64
CA HIS A 74 -9.40 21.91 11.98
C HIS A 74 -8.21 22.52 12.70
N HIS A 75 -7.60 21.79 13.60
CA HIS A 75 -6.42 22.28 14.31
C HIS A 75 -5.18 22.10 13.45
N PRO A 76 -4.37 23.13 13.25
CA PRO A 76 -3.16 23.00 12.42
C PRO A 76 -2.29 21.85 12.89
N GLY A 77 -1.78 21.07 11.94
CA GLY A 77 -1.05 19.85 12.23
C GLY A 77 -1.92 18.64 12.49
N GLN A 78 -3.18 18.84 12.87
CA GLN A 78 -4.12 17.75 13.13
C GLN A 78 -5.17 17.64 12.04
N TYR A 79 -4.92 18.20 10.85
CA TYR A 79 -5.93 18.22 9.80
C TYR A 79 -6.26 16.83 9.28
N ASN A 80 -5.43 15.84 9.57
CA ASN A 80 -5.69 14.50 9.08
C ASN A 80 -6.73 13.76 9.91
N LEU A 81 -6.94 14.13 11.17
CA LEU A 81 -7.91 13.42 11.98
C LEU A 81 -9.33 13.97 11.77
N CYS A 82 -10.31 13.07 11.90
CA CYS A 82 -11.69 13.40 11.70
C CYS A 82 -12.54 12.44 12.51
N ALA A 83 -13.79 12.79 12.76
CA ALA A 83 -14.65 11.96 13.58
C ALA A 83 -15.96 11.73 12.85
N THR A 84 -16.54 10.56 13.06
CA THR A 84 -17.82 10.24 12.45
C THR A 84 -18.78 9.74 13.50
N SER A 85 -20.07 9.77 13.12
CA SER A 85 -21.22 9.30 13.88
C SER A 85 -21.95 8.30 13.01
N SER A 86 -22.61 7.33 13.63
CA SER A 86 -23.34 6.34 12.87
C SER A 86 -24.55 5.82 13.64
N ASP A 87 -25.55 5.39 12.88
CA ASP A 87 -26.75 4.74 13.40
C ASP A 87 -26.39 3.46 14.15
N ASP A 88 -25.15 2.98 14.04
CA ASP A 88 -24.75 1.83 14.83
C ASP A 88 -24.33 2.20 16.25
N GLY A 89 -24.53 3.45 16.65
CA GLY A 89 -24.30 3.87 18.00
C GLY A 89 -22.87 4.26 18.33
N THR A 90 -21.99 4.24 17.34
CA THR A 90 -20.57 4.45 17.58
C THR A 90 -20.12 5.81 17.06
N VAL A 91 -19.15 6.43 17.75
CA VAL A 91 -18.41 7.59 17.27
C VAL A 91 -16.95 7.17 17.10
N LYS A 92 -16.40 7.38 15.90
CA LYS A 92 -15.08 6.90 15.56
C LYS A 92 -14.16 8.07 15.21
N ILE A 93 -12.96 8.07 15.76
CA ILE A 93 -11.89 8.93 15.30
C ILE A 93 -11.06 8.20 14.25
N TRP A 94 -10.79 8.88 13.14
CA TRP A 94 -10.11 8.31 11.98
C TRP A 94 -8.84 9.08 11.68
N ASP A 95 -7.91 8.42 10.99
CA ASP A 95 -6.69 9.03 10.48
C ASP A 95 -6.77 8.93 8.97
N VAL A 96 -6.84 10.06 8.25
CA VAL A 96 -7.09 9.93 6.82
C VAL A 96 -5.86 9.39 6.12
N GLU A 97 -4.65 9.66 6.64
CA GLU A 97 -3.44 9.14 6.00
C GLU A 97 -3.50 7.63 5.89
N THR A 98 -3.80 6.94 6.99
CA THR A 98 -3.87 5.49 7.01
C THR A 98 -5.28 4.97 6.73
N LYS A 99 -6.29 5.84 6.78
CA LYS A 99 -7.70 5.49 6.58
C LYS A 99 -8.17 4.42 7.57
N THR A 100 -7.64 4.43 8.79
CA THR A 100 -8.04 3.48 9.81
C THR A 100 -8.52 4.22 11.05
N VAL A 101 -9.16 3.44 11.93
CA VAL A 101 -9.79 3.97 13.13
C VAL A 101 -8.74 4.16 14.22
N VAL A 102 -8.54 5.40 14.66
CA VAL A 102 -7.63 5.64 15.78
C VAL A 102 -8.24 5.17 17.08
N THR A 103 -9.51 5.48 17.32
CA THR A 103 -10.19 5.15 18.55
C THR A 103 -11.67 5.40 18.34
N GLU A 104 -12.51 4.75 19.14
CA GLU A 104 -13.94 4.89 18.97
C GLU A 104 -14.60 4.91 20.34
N HIS A 105 -15.88 5.25 20.36
CA HIS A 105 -16.65 5.08 21.58
C HIS A 105 -18.09 4.73 21.23
N ALA A 106 -18.76 4.12 22.21
CA ALA A 106 -20.16 3.71 22.12
C ALA A 106 -20.96 4.31 23.28
N LEU A 107 -20.67 5.58 23.61
CA LEU A 107 -21.25 6.19 24.81
C LEU A 107 -22.73 6.50 24.64
N HIS A 108 -23.18 6.89 23.45
CA HIS A 108 -24.58 7.24 23.32
C HIS A 108 -25.46 6.00 23.49
N GLN A 109 -26.58 6.16 24.19
CA GLN A 109 -27.57 5.09 24.34
C GLN A 109 -28.75 5.25 23.38
N HIS A 110 -28.75 6.28 22.55
CA HIS A 110 -29.83 6.55 21.59
C HIS A 110 -29.20 7.00 20.28
N THR A 111 -30.02 7.04 19.23
CA THR A 111 -29.55 7.37 17.89
C THR A 111 -28.83 8.70 17.85
N ILE A 112 -27.60 8.71 17.33
CA ILE A 112 -26.83 9.93 17.27
C ILE A 112 -27.37 10.84 16.16
N SER A 113 -27.54 12.12 16.46
CA SER A 113 -27.99 13.10 15.47
C SER A 113 -26.84 13.69 14.67
N THR A 114 -25.83 14.20 15.36
CA THR A 114 -24.73 14.92 14.73
C THR A 114 -23.56 14.92 15.70
N LEU A 115 -22.39 15.30 15.20
CA LEU A 115 -21.23 15.53 16.04
C LEU A 115 -20.41 16.68 15.47
N HIS A 116 -19.57 17.27 16.32
CA HIS A 116 -18.75 18.39 15.88
C HIS A 116 -17.39 18.31 16.57
N TRP A 117 -16.32 18.47 15.80
CA TRP A 117 -15.00 18.55 16.38
C TRP A 117 -14.73 19.94 16.89
N SER A 118 -14.31 20.04 18.16
CA SER A 118 -14.14 21.34 18.79
C SER A 118 -13.03 22.14 18.11
N PRO A 119 -13.30 23.40 17.72
CA PRO A 119 -12.25 24.23 17.12
C PRO A 119 -11.24 24.78 18.10
N ARG A 120 -11.42 24.64 19.42
CA ARG A 120 -10.41 25.11 20.37
C ARG A 120 -9.73 24.00 21.17
N VAL A 121 -10.28 22.78 21.20
CA VAL A 121 -9.64 21.68 21.92
C VAL A 121 -9.27 20.62 20.91
N LYS A 122 -7.99 20.30 20.84
CA LYS A 122 -7.48 19.42 19.81
C LYS A 122 -8.20 18.08 19.83
N ASP A 123 -8.41 17.52 21.01
CA ASP A 123 -8.88 16.16 21.13
C ASP A 123 -10.33 16.06 21.62
N LEU A 124 -11.13 17.12 21.43
CA LEU A 124 -12.50 17.15 21.95
C LEU A 124 -13.49 17.09 20.81
N ILE A 125 -14.35 16.08 20.83
CA ILE A 125 -15.44 15.89 19.89
C ILE A 125 -16.71 15.86 20.70
N VAL A 126 -17.73 16.62 20.27
CA VAL A 126 -18.99 16.71 20.97
C VAL A 126 -20.08 16.15 20.07
N SER A 127 -20.86 15.21 20.61
CA SER A 127 -21.89 14.53 19.84
C SER A 127 -23.19 14.60 20.62
N GLY A 128 -24.31 14.49 19.90
CA GLY A 128 -25.62 14.60 20.51
C GLY A 128 -26.59 13.66 19.83
N ASP A 129 -27.60 13.21 20.59
CA ASP A 129 -28.54 12.23 20.06
C ASP A 129 -29.98 12.76 20.02
N GLU A 130 -30.85 12.00 19.39
CA GLU A 130 -32.25 12.38 19.26
C GLU A 130 -32.96 12.49 20.60
N LYS A 131 -32.40 11.84 21.62
CA LYS A 131 -32.98 11.88 22.95
C LYS A 131 -32.66 13.17 23.68
N GLY A 132 -31.61 13.85 23.23
CA GLY A 132 -31.19 15.10 23.84
C GLY A 132 -29.92 14.98 24.64
N VAL A 133 -29.32 13.79 24.63
CA VAL A 133 -28.09 13.56 25.38
C VAL A 133 -26.91 14.04 24.54
N VAL A 134 -25.96 14.71 25.19
CA VAL A 134 -24.77 15.21 24.55
C VAL A 134 -23.56 14.63 25.28
N PHE A 135 -22.61 14.09 24.53
CA PHE A 135 -21.35 13.57 25.08
C PHE A 135 -20.20 14.44 24.62
N CYS A 136 -19.45 14.98 25.58
CA CYS A 136 -18.15 15.59 25.34
C CYS A 136 -17.09 14.52 25.51
N TYR A 137 -16.30 14.27 24.46
CA TYR A 137 -15.33 13.19 24.45
C TYR A 137 -13.94 13.70 24.12
N TRP A 138 -13.00 13.52 25.05
CA TRP A 138 -11.60 13.89 24.84
C TRP A 138 -10.79 12.63 24.54
N PHE A 139 -10.49 12.39 23.27
CA PHE A 139 -9.80 11.17 22.85
C PHE A 139 -8.37 10.93 23.35
N ASN A 140 -7.68 11.99 23.74
CA ASN A 140 -6.31 11.84 24.20
C ASN A 140 -6.20 10.90 25.40
N ARG A 141 -7.08 11.05 26.39
CA ARG A 141 -7.04 10.18 27.56
C ARG A 141 -8.38 9.48 27.84
N ASN A 142 -9.20 9.37 26.80
CA ASN A 142 -10.51 8.73 26.89
C ASN A 142 -11.46 9.27 27.96
N ASP A 143 -11.45 10.59 28.17
CA ASP A 143 -12.34 11.21 29.14
C ASP A 143 -13.72 11.40 28.50
N SER A 144 -14.78 11.46 29.31
CA SER A 144 -16.10 11.62 28.74
C SER A 144 -17.01 12.35 29.70
N GLN A 145 -17.87 13.21 29.15
CA GLN A 145 -18.86 13.94 29.90
C GLN A 145 -20.23 13.67 29.31
N HIS A 146 -21.19 13.36 30.18
CA HIS A 146 -22.55 13.05 29.79
C HIS A 146 -23.42 14.23 30.18
N LEU A 147 -24.03 14.89 29.18
CA LEU A 147 -24.86 16.06 29.41
C LEU A 147 -26.26 15.80 28.87
N PHE A 148 -27.26 16.21 29.64
CA PHE A 148 -28.66 16.23 29.23
C PHE A 148 -29.17 17.64 29.47
N ILE A 149 -29.56 18.32 28.41
CA ILE A 149 -30.00 19.71 28.51
C ILE A 149 -31.51 19.81 28.59
N GLU A 150 -32.20 19.24 27.60
CA GLU A 150 -33.64 19.33 27.44
C GLU A 150 -34.14 18.02 26.84
N PRO A 151 -35.38 17.60 27.18
CA PRO A 151 -35.93 16.40 26.51
C PRO A 151 -36.51 16.74 25.14
N ARG A 152 -35.62 17.12 24.22
CA ARG A 152 -36.00 17.51 22.87
C ARG A 152 -35.02 16.87 21.89
N THR A 153 -35.51 16.62 20.66
CA THR A 153 -34.68 16.01 19.63
C THR A 153 -33.67 17.01 19.07
N ILE A 154 -32.40 16.61 19.06
CA ILE A 154 -31.33 17.46 18.55
C ILE A 154 -31.22 17.25 17.05
N PHE A 155 -31.23 18.34 16.29
CA PHE A 155 -30.95 18.29 14.87
C PHE A 155 -29.53 18.71 14.55
N CYS A 156 -28.96 19.63 15.32
CA CYS A 156 -27.63 20.11 14.98
C CYS A 156 -26.96 20.62 16.24
N LEU A 157 -25.65 20.81 16.13
CA LEU A 157 -24.85 21.23 17.26
C LEU A 157 -23.57 21.82 16.71
N THR A 158 -23.07 22.88 17.31
CA THR A 158 -21.94 23.57 16.72
C THR A 158 -21.12 24.17 17.86
N CYS A 159 -19.87 23.75 17.99
CA CYS A 159 -19.02 24.33 19.02
C CYS A 159 -18.68 25.77 18.66
N SER A 160 -18.67 26.62 19.67
CA SER A 160 -18.23 28.00 19.47
C SER A 160 -16.78 28.00 18.98
N PRO A 161 -16.46 28.81 17.96
CA PRO A 161 -15.08 28.95 17.50
C PRO A 161 -14.18 29.78 18.42
N HIS A 162 -14.72 30.57 19.34
CA HIS A 162 -13.88 31.38 20.20
C HIS A 162 -13.88 30.93 21.65
N HIS A 163 -14.85 30.11 22.05
CA HIS A 163 -15.00 29.72 23.44
C HIS A 163 -15.02 28.19 23.53
N GLU A 164 -14.02 27.63 24.21
CA GLU A 164 -13.90 26.18 24.31
C GLU A 164 -15.08 25.56 25.03
N ASP A 165 -15.66 26.27 25.98
CA ASP A 165 -16.75 25.73 26.78
C ASP A 165 -18.13 25.97 26.18
N LEU A 166 -18.23 26.75 25.09
CA LEU A 166 -19.52 27.15 24.55
C LEU A 166 -19.90 26.27 23.37
N VAL A 167 -21.11 25.71 23.44
CA VAL A 167 -21.66 24.88 22.38
C VAL A 167 -23.09 25.34 22.13
N ALA A 168 -23.48 25.38 20.86
CA ALA A 168 -24.83 25.75 20.46
C ALA A 168 -25.55 24.52 19.94
N ILE A 169 -26.80 24.37 20.37
CA ILE A 169 -27.58 23.17 20.06
C ILE A 169 -28.93 23.59 19.50
N GLY A 170 -29.30 23.00 18.37
CA GLY A 170 -30.55 23.30 17.71
C GLY A 170 -31.43 22.06 17.68
N TYR A 171 -32.72 22.27 17.93
CA TYR A 171 -33.63 21.17 18.17
C TYR A 171 -34.70 21.08 17.09
N LYS A 172 -35.40 19.95 17.10
CA LYS A 172 -36.43 19.71 16.12
C LYS A 172 -37.64 20.62 16.32
N ASP A 173 -37.87 21.10 17.53
CA ASP A 173 -39.01 21.95 17.81
C ASP A 173 -38.72 23.40 17.58
N GLY A 174 -37.54 23.73 17.07
CA GLY A 174 -37.20 25.12 16.84
C GLY A 174 -36.46 25.79 17.96
N ILE A 175 -36.29 25.14 19.08
CA ILE A 175 -35.55 25.75 20.18
C ILE A 175 -34.06 25.70 19.88
N VAL A 176 -33.36 26.71 20.37
CA VAL A 176 -31.91 26.85 20.24
C VAL A 176 -31.38 27.27 21.59
N VAL A 177 -30.37 26.57 22.09
CA VAL A 177 -29.81 26.89 23.39
C VAL A 177 -28.30 26.88 23.27
N ILE A 178 -27.66 27.56 24.20
CA ILE A 178 -26.21 27.68 24.28
C ILE A 178 -25.81 27.19 25.66
N ILE A 179 -24.97 26.16 25.70
CA ILE A 179 -24.60 25.56 26.96
C ILE A 179 -23.11 25.78 27.20
N ASP A 180 -22.71 25.69 28.47
CA ASP A 180 -21.32 25.76 28.86
C ASP A 180 -20.88 24.39 29.38
N ILE A 181 -19.82 23.85 28.77
CA ILE A 181 -19.32 22.52 29.14
C ILE A 181 -18.78 22.51 30.55
N SER A 182 -18.11 23.59 30.97
CA SER A 182 -17.56 23.63 32.32
C SER A 182 -18.67 23.54 33.37
N LYS A 183 -19.85 24.07 33.06
CA LYS A 183 -20.95 24.16 34.02
C LYS A 183 -21.93 23.01 33.87
N LYS A 184 -21.45 21.82 33.51
CA LYS A 184 -22.29 20.65 33.25
C LYS A 184 -23.40 20.99 32.24
N GLY A 185 -22.99 21.59 31.13
CA GLY A 185 -23.95 21.96 30.11
C GLY A 185 -25.04 22.88 30.61
N GLU A 186 -24.73 23.71 31.62
CA GLU A 186 -25.66 24.75 32.04
C GLU A 186 -26.06 25.62 30.86
N VAL A 187 -27.35 25.86 30.74
CA VAL A 187 -27.86 26.68 29.63
C VAL A 187 -27.55 28.13 29.98
N ILE A 188 -26.68 28.76 29.20
CA ILE A 188 -26.34 30.16 29.42
C ILE A 188 -27.35 31.05 28.75
N HIS A 189 -27.76 30.69 27.54
CA HIS A 189 -28.72 31.44 26.76
C HIS A 189 -29.74 30.48 26.18
N ARG A 190 -31.00 30.89 26.18
CA ARG A 190 -32.05 30.17 25.49
C ARG A 190 -32.60 31.10 24.43
N LEU A 191 -32.53 30.65 23.17
CA LEU A 191 -32.88 31.44 22.00
C LEU A 191 -34.22 30.96 21.45
N ARG A 192 -35.25 31.75 21.65
CA ARG A 192 -36.59 31.42 21.17
C ARG A 192 -37.03 32.38 20.09
N GLY A 193 -37.52 31.83 18.98
CA GLY A 193 -37.97 32.62 17.86
C GLY A 193 -38.38 31.73 16.71
N HIS A 194 -37.62 30.65 16.51
CA HIS A 194 -37.91 29.70 15.44
C HIS A 194 -39.13 28.87 15.80
N ASP A 195 -39.92 28.51 14.80
CA ASP A 195 -41.12 27.73 15.00
C ASP A 195 -41.01 26.32 14.43
N ASP A 196 -39.86 25.97 13.87
CA ASP A 196 -39.72 24.70 13.20
C ASP A 196 -38.30 24.22 13.44
N GLU A 197 -37.99 23.02 12.97
CA GLU A 197 -36.70 22.40 13.27
C GLU A 197 -35.53 23.28 12.80
N ILE A 198 -34.47 23.28 13.61
CA ILE A 198 -33.23 24.01 13.32
C ILE A 198 -32.34 23.12 12.48
N HIS A 199 -31.99 23.59 11.29
CA HIS A 199 -31.18 22.82 10.36
C HIS A 199 -29.69 23.11 10.46
N SER A 200 -29.31 24.29 10.94
CA SER A 200 -27.89 24.57 11.05
C SER A 200 -27.69 25.77 11.93
N ILE A 201 -26.57 25.77 12.64
CA ILE A 201 -26.12 26.87 13.48
C ILE A 201 -24.73 27.25 13.00
N ALA A 202 -24.52 28.55 12.75
CA ALA A 202 -23.21 29.04 12.31
C ALA A 202 -22.79 30.24 13.17
N TRP A 203 -21.65 30.12 13.84
CA TRP A 203 -21.14 31.19 14.69
C TRP A 203 -20.42 32.24 13.86
N CYS A 204 -20.54 33.49 14.26
CA CYS A 204 -19.82 34.56 13.60
C CYS A 204 -18.32 34.28 13.66
N PRO A 205 -17.61 34.40 12.54
CA PRO A 205 -16.17 34.13 12.57
C PRO A 205 -15.37 35.11 13.39
N LEU A 206 -15.87 36.34 13.59
CA LEU A 206 -15.20 37.32 14.43
C LEU A 206 -15.75 37.25 15.86
N PRO A 207 -15.02 37.80 16.83
CA PRO A 207 -15.57 37.90 18.20
C PRO A 207 -16.17 39.27 18.55
N GLY A 208 -17.36 39.27 19.14
CA GLY A 208 -18.00 40.51 19.55
C GLY A 208 -19.48 40.57 19.25
N CYS A 240 -20.96 38.32 20.84
CA CYS A 240 -20.92 37.00 20.21
C CYS A 240 -22.16 36.75 19.37
N TYR A 241 -22.04 36.97 18.07
CA TYR A 241 -23.14 36.78 17.14
C TYR A 241 -23.31 35.30 16.78
N LEU A 242 -24.53 34.94 16.38
CA LEU A 242 -24.90 33.57 16.09
C LEU A 242 -25.96 33.55 15.00
N ALA A 243 -25.86 32.59 14.08
CA ALA A 243 -26.82 32.49 12.99
C ALA A 243 -27.45 31.11 12.95
N THR A 244 -28.78 31.08 12.74
CA THR A 244 -29.51 29.83 12.75
C THR A 244 -30.45 29.77 11.56
N GLY A 245 -30.62 28.57 11.02
CA GLY A 245 -31.47 28.35 9.85
C GLY A 245 -32.47 27.27 10.18
N SER A 246 -33.70 27.46 9.71
CA SER A 246 -34.83 26.70 10.22
C SER A 246 -35.75 26.32 9.07
N LYS A 247 -36.45 25.21 9.25
CA LYS A 247 -37.56 24.85 8.38
C LYS A 247 -38.64 25.93 8.34
N ASP A 248 -38.69 26.83 9.34
CA ASP A 248 -39.70 27.87 9.22
C ASP A 248 -39.34 28.95 8.16
N GLN A 249 -38.37 28.65 7.31
CA GLN A 249 -37.99 29.47 6.17
C GLN A 249 -37.37 30.80 6.58
N THR A 250 -36.93 30.93 7.81
CA THR A 250 -36.18 32.12 8.18
C THR A 250 -34.79 31.74 8.65
N ILE A 251 -33.91 32.72 8.52
CA ILE A 251 -32.57 32.71 9.10
C ILE A 251 -32.53 33.77 10.18
N ARG A 252 -32.14 33.38 11.40
CA ARG A 252 -32.05 34.31 12.52
C ARG A 252 -30.60 34.57 12.93
N ILE A 253 -30.30 35.82 13.23
CA ILE A 253 -29.00 36.22 13.78
C ILE A 253 -29.21 36.63 15.23
N TRP A 254 -28.55 35.92 16.14
CA TRP A 254 -28.70 36.16 17.55
C TRP A 254 -27.48 36.89 18.10
N SER A 255 -27.70 37.66 19.17
CA SER A 255 -26.63 38.29 19.93
C SER A 255 -26.45 37.49 21.22
N CYS A 256 -25.29 36.84 21.38
CA CYS A 256 -25.11 36.02 22.57
C CYS A 256 -24.92 36.88 23.82
N SER A 257 -24.36 38.08 23.68
CA SER A 257 -24.29 38.98 24.83
C SER A 257 -25.70 39.41 25.23
N ARG A 258 -26.49 39.89 24.28
CA ARG A 258 -27.84 40.31 24.61
C ARG A 258 -28.78 39.13 24.81
N GLY A 259 -28.49 37.99 24.20
CA GLY A 259 -29.36 36.85 24.32
C GLY A 259 -30.62 36.89 23.48
N ARG A 260 -30.70 37.81 22.50
CA ARG A 260 -31.88 37.96 21.66
C ARG A 260 -31.45 38.11 20.21
N GLY A 261 -32.41 37.90 19.30
CA GLY A 261 -32.11 38.01 17.88
C GLY A 261 -31.89 39.46 17.46
N VAL A 262 -30.93 39.66 16.57
CA VAL A 262 -30.60 40.97 16.03
C VAL A 262 -31.15 41.18 14.63
N MET A 263 -31.49 40.12 13.91
CA MET A 263 -31.78 40.24 12.49
C MET A 263 -32.48 38.98 12.04
N ILE A 264 -33.50 39.12 11.21
CA ILE A 264 -34.31 38.01 10.72
C ILE A 264 -34.33 38.10 9.21
N LEU A 265 -34.07 36.96 8.55
CA LEU A 265 -34.07 36.91 7.10
C LEU A 265 -35.10 35.88 6.62
N LYS A 266 -35.94 36.29 5.67
CA LYS A 266 -36.95 35.41 5.12
C LYS A 266 -36.55 34.94 3.73
N LEU A 267 -36.43 33.62 3.57
CA LEU A 267 -36.04 33.05 2.28
C LEU A 267 -36.97 33.54 1.19
N PRO A 268 -36.40 33.99 0.07
CA PRO A 268 -37.21 34.46 -1.04
C PRO A 268 -37.82 33.30 -1.82
N PHE A 269 -38.84 33.64 -2.61
CA PHE A 269 -39.46 32.73 -3.56
C PHE A 269 -38.99 33.09 -4.96
N LEU A 270 -38.32 32.17 -5.63
CA LEU A 270 -37.69 32.41 -6.91
C LEU A 270 -38.28 31.50 -7.97
N LYS A 271 -38.11 31.88 -9.23
CA LYS A 271 -38.59 31.07 -10.33
C LYS A 271 -37.63 29.90 -10.59
N ARG A 272 -38.16 28.83 -11.17
CA ARG A 272 -37.40 27.64 -11.56
C ARG A 272 -36.54 27.09 -10.43
N VAL A 281 -47.21 20.09 -4.10
CA VAL A 281 -47.78 21.15 -3.27
C VAL A 281 -46.69 21.85 -2.46
N LYS A 282 -46.55 21.51 -1.18
CA LYS A 282 -45.55 22.17 -0.35
C LYS A 282 -44.15 21.75 -0.77
N GLU A 283 -43.21 22.69 -0.65
CA GLU A 283 -41.86 22.49 -1.16
C GLU A 283 -40.94 22.09 -0.04
N ARG A 284 -40.19 21.00 -0.26
CA ARG A 284 -39.19 20.58 0.69
C ARG A 284 -38.14 21.67 0.86
N LEU A 285 -37.63 21.80 2.07
CA LEU A 285 -36.64 22.81 2.36
C LEU A 285 -35.67 22.27 3.41
N TRP A 286 -34.39 22.47 3.17
CA TRP A 286 -33.39 22.29 4.18
C TRP A 286 -32.54 23.54 4.15
N LEU A 287 -32.36 24.19 5.29
CA LEU A 287 -31.74 25.52 5.31
C LEU A 287 -30.43 25.52 6.10
N THR A 288 -29.33 25.24 5.42
CA THR A 288 -28.01 25.24 6.06
C THR A 288 -27.32 26.57 5.82
N LEU A 289 -26.31 26.88 6.64
CA LEU A 289 -25.62 28.15 6.50
C LEU A 289 -24.09 28.04 6.52
N HIS A 290 -23.45 28.92 5.77
CA HIS A 290 -22.01 28.99 5.68
C HIS A 290 -21.67 30.44 5.97
N TRP A 291 -20.90 30.67 7.02
CA TRP A 291 -20.54 32.04 7.41
C TRP A 291 -19.07 32.25 7.12
N PRO A 292 -18.72 32.81 5.95
CA PRO A 292 -17.32 32.78 5.51
C PRO A 292 -16.44 33.64 6.40
N SER A 293 -15.30 33.09 6.83
CA SER A 293 -14.33 33.90 7.56
C SER A 293 -13.84 35.07 6.71
N ASN A 294 -13.66 34.83 5.43
CA ASN A 294 -13.10 35.82 4.52
C ASN A 294 -13.99 37.06 4.39
N GLN A 295 -15.30 36.88 4.49
CA GLN A 295 -16.27 37.97 4.36
C GLN A 295 -17.23 37.89 5.53
N PRO A 296 -16.82 38.37 6.72
CA PRO A 296 -17.69 38.32 7.90
C PRO A 296 -19.07 38.91 7.69
N THR A 297 -19.13 39.93 6.83
CA THR A 297 -20.35 40.58 6.41
C THR A 297 -21.32 39.65 5.69
N GLN A 298 -20.84 38.67 4.94
CA GLN A 298 -21.72 37.91 4.07
C GLN A 298 -22.15 36.63 4.77
N LEU A 299 -23.29 36.10 4.36
CA LEU A 299 -23.81 34.84 4.88
C LEU A 299 -24.39 34.09 3.69
N VAL A 300 -24.06 32.81 3.59
CA VAL A 300 -24.56 31.97 2.49
C VAL A 300 -25.36 30.80 3.02
N SER A 301 -26.66 30.80 2.75
CA SER A 301 -27.55 29.72 3.21
C SER A 301 -28.23 29.04 2.02
N SER A 302 -28.87 27.92 2.29
CA SER A 302 -29.58 27.16 1.25
C SER A 302 -31.01 27.64 1.12
N CYS A 303 -31.58 27.45 -0.07
CA CYS A 303 -32.95 27.86 -0.33
C CYS A 303 -33.75 26.73 -1.00
N PHE A 304 -35.02 26.99 -1.27
CA PHE A 304 -35.89 26.00 -1.90
C PHE A 304 -35.28 25.48 -3.20
N GLY A 305 -35.54 24.21 -3.49
CA GLY A 305 -35.01 23.58 -4.68
C GLY A 305 -33.50 23.45 -4.70
N GLY A 306 -32.84 23.80 -3.61
CA GLY A 306 -31.40 23.74 -3.60
C GLY A 306 -30.71 24.94 -4.23
N GLU A 307 -31.41 26.06 -4.42
CA GLU A 307 -30.72 27.29 -4.75
C GLU A 307 -29.79 27.70 -3.62
N LEU A 308 -28.69 28.36 -3.98
CA LEU A 308 -27.81 28.95 -2.98
C LEU A 308 -27.87 30.47 -3.08
N LEU A 309 -27.71 31.17 -2.04
CA LEU A 309 -27.95 32.57 -1.72
C LEU A 309 -26.80 33.21 -0.95
N GLN A 310 -26.23 34.26 -1.30
CA GLN A 310 -25.29 35.00 -0.47
C GLN A 310 -25.98 36.26 0.04
N TRP A 311 -26.07 36.38 1.35
CA TRP A 311 -26.79 37.44 2.00
C TRP A 311 -25.79 38.53 2.36
N ASP A 312 -26.15 39.78 2.11
CA ASP A 312 -25.27 40.88 2.49
C ASP A 312 -25.83 41.44 3.80
N LEU A 313 -25.17 41.11 4.92
CA LEU A 313 -25.64 41.57 6.22
C LEU A 313 -25.44 43.08 6.38
N THR A 314 -24.50 43.71 5.65
CA THR A 314 -24.38 45.18 5.74
C THR A 314 -25.70 45.85 5.37
N GLN A 315 -26.29 45.43 4.26
CA GLN A 315 -27.59 45.94 3.84
C GLN A 315 -28.72 45.18 4.54
N SER A 316 -28.72 45.30 5.87
CA SER A 316 -29.71 44.57 6.67
C SER A 316 -31.12 45.01 6.32
N TRP A 317 -31.39 46.33 6.36
CA TRP A 317 -32.72 46.84 6.06
C TRP A 317 -33.17 46.48 4.64
N ARG A 318 -32.28 46.62 3.65
CA ARG A 318 -32.62 46.19 2.30
C ARG A 318 -32.70 44.66 2.19
N ARG A 319 -32.00 43.93 3.06
CA ARG A 319 -32.07 42.46 3.10
C ARG A 319 -31.64 41.84 1.76
N LYS A 320 -30.53 42.35 1.23
CA LYS A 320 -30.11 41.95 -0.10
C LYS A 320 -29.59 40.52 -0.08
N TYR A 321 -29.79 39.84 -1.20
CA TYR A 321 -29.24 38.52 -1.41
C TYR A 321 -28.80 38.43 -2.85
N THR A 322 -27.94 37.46 -3.13
CA THR A 322 -27.47 37.20 -4.48
C THR A 322 -27.58 35.71 -4.76
N LEU A 323 -28.10 35.38 -5.93
CA LEU A 323 -28.31 34.00 -6.32
C LEU A 323 -27.05 33.43 -6.95
N PHE A 324 -26.63 32.25 -6.47
CA PHE A 324 -25.46 31.59 -7.03
C PHE A 324 -25.78 31.23 -8.48
N SER A 325 -24.77 31.28 -9.35
CA SER A 325 -24.93 30.95 -10.76
C SER A 325 -26.11 31.67 -11.41
N ALA A 326 -26.02 32.99 -11.50
CA ALA A 326 -27.07 33.80 -12.10
C ALA A 326 -27.43 33.36 -13.52
N SER A 327 -26.40 32.93 -14.26
CA SER A 327 -26.61 32.48 -15.64
C SER A 327 -26.69 30.94 -15.73
N GLY A 330 -28.08 25.54 -16.06
CA GLY A 330 -28.52 24.47 -15.19
C GLY A 330 -27.43 24.03 -14.23
N GLN A 331 -26.51 24.95 -13.94
CA GLN A 331 -25.42 24.61 -13.02
C GLN A 331 -25.89 24.46 -11.58
N ASN A 332 -27.10 24.90 -11.26
CA ASN A 332 -27.55 24.85 -9.89
C ASN A 332 -28.13 23.47 -9.55
N HIS A 333 -28.27 23.21 -8.26
CA HIS A 333 -28.88 21.97 -7.80
C HIS A 333 -30.36 21.98 -8.18
N SER A 334 -30.93 20.79 -8.39
CA SER A 334 -32.35 20.69 -8.69
C SER A 334 -33.17 20.23 -7.48
N ARG A 335 -32.53 19.98 -6.34
CA ARG A 335 -33.20 19.56 -5.12
C ARG A 335 -32.47 20.20 -3.96
N ILE A 336 -33.07 20.14 -2.77
CA ILE A 336 -32.54 20.86 -1.62
C ILE A 336 -31.09 20.47 -1.32
N VAL A 337 -30.38 21.41 -0.71
CA VAL A 337 -28.98 21.27 -0.37
C VAL A 337 -28.88 21.09 1.13
N PHE A 338 -28.14 20.07 1.55
CA PHE A 338 -28.06 19.73 2.97
C PHE A 338 -26.83 20.32 3.65
N ASN A 339 -25.69 20.38 2.96
CA ASN A 339 -24.41 20.73 3.56
C ASN A 339 -23.68 21.68 2.64
N LEU A 340 -22.94 22.61 3.22
CA LEU A 340 -22.05 23.51 2.51
C LEU A 340 -20.71 23.48 3.21
N CYS A 341 -19.63 23.22 2.46
CA CYS A 341 -18.32 23.07 3.09
C CYS A 341 -17.31 24.00 2.44
N PRO A 342 -16.74 24.95 3.18
CA PRO A 342 -15.70 25.80 2.62
C PRO A 342 -14.40 25.03 2.46
N LEU A 343 -13.75 25.22 1.33
CA LEU A 343 -12.47 24.61 1.03
C LEU A 343 -11.57 25.68 0.45
N GLN A 344 -10.41 25.86 1.05
CA GLN A 344 -9.43 26.81 0.54
C GLN A 344 -8.25 26.03 -0.01
N THR A 345 -8.03 26.15 -1.33
CA THR A 345 -6.95 25.40 -1.95
C THR A 345 -5.61 26.08 -1.68
N GLU A 346 -4.53 25.34 -1.94
CA GLU A 346 -3.16 25.84 -1.76
C GLU A 346 -2.83 26.99 -2.69
N ASP A 347 -3.59 27.12 -3.78
CA ASP A 347 -3.64 28.25 -4.68
C ASP A 347 -4.21 29.51 -4.03
N ASP A 348 -4.73 29.40 -2.80
CA ASP A 348 -5.51 30.47 -2.13
C ASP A 348 -6.80 30.79 -2.88
N LYS A 349 -7.45 29.75 -3.42
CA LYS A 349 -8.74 29.88 -4.08
C LYS A 349 -9.83 29.37 -3.14
N GLN A 350 -10.89 30.18 -2.93
CA GLN A 350 -11.91 29.85 -1.95
C GLN A 350 -13.08 29.17 -2.64
N LEU A 351 -13.33 27.91 -2.26
CA LEU A 351 -14.42 27.15 -2.85
C LEU A 351 -15.45 26.72 -1.81
N LEU A 352 -16.61 26.28 -2.28
CA LEU A 352 -17.68 25.84 -1.40
C LEU A 352 -18.36 24.61 -1.97
N LEU A 353 -18.22 23.49 -1.28
CA LEU A 353 -18.82 22.23 -1.70
C LEU A 353 -20.24 22.10 -1.16
N SER A 354 -21.16 21.68 -2.02
CA SER A 354 -22.55 21.52 -1.60
C SER A 354 -23.01 20.09 -1.84
N THR A 355 -23.81 19.60 -0.91
CA THR A 355 -24.38 18.26 -0.96
C THR A 355 -25.88 18.37 -1.12
N SER A 356 -26.49 17.48 -1.89
CA SER A 356 -27.87 17.73 -2.25
C SER A 356 -28.64 16.43 -2.46
N MET A 357 -29.93 16.50 -2.17
CA MET A 357 -30.89 15.44 -2.48
C MET A 357 -30.85 15.03 -3.94
N ASP A 358 -30.33 15.87 -4.81
CA ASP A 358 -30.28 15.53 -6.22
C ASP A 358 -29.10 14.64 -6.56
N ARG A 359 -28.35 14.19 -5.55
CA ARG A 359 -27.29 13.18 -5.66
C ARG A 359 -26.02 13.71 -6.32
N ASP A 360 -25.91 15.04 -6.45
CA ASP A 360 -24.72 15.67 -7.00
C ASP A 360 -23.94 16.35 -5.89
N VAL A 361 -22.62 16.28 -5.95
CA VAL A 361 -21.75 17.13 -5.17
C VAL A 361 -21.26 18.22 -6.10
N LYS A 362 -21.46 19.47 -5.71
CA LYS A 362 -21.07 20.59 -6.53
C LYS A 362 -19.99 21.39 -5.82
N CYS A 363 -19.03 21.88 -6.61
CA CYS A 363 -18.00 22.76 -6.09
C CYS A 363 -18.29 24.14 -6.65
N TRP A 364 -18.31 25.14 -5.77
CA TRP A 364 -18.62 26.52 -6.14
C TRP A 364 -17.38 27.37 -5.91
N ASP A 365 -17.05 28.21 -6.88
CA ASP A 365 -16.02 29.21 -6.67
C ASP A 365 -16.67 30.39 -5.99
N ILE A 366 -16.16 30.78 -4.82
CA ILE A 366 -16.82 31.80 -4.03
C ILE A 366 -16.74 33.15 -4.73
N ALA A 367 -15.62 33.43 -5.41
CA ALA A 367 -15.44 34.76 -6.00
C ALA A 367 -16.42 35.00 -7.14
N THR A 368 -16.65 34.00 -7.98
CA THR A 368 -17.55 34.16 -9.12
C THR A 368 -18.98 33.72 -8.84
N LEU A 369 -19.23 33.02 -7.73
CA LEU A 369 -20.53 32.41 -7.45
C LEU A 369 -20.93 31.45 -8.55
N GLU A 370 -19.97 30.85 -9.23
CA GLU A 370 -20.26 29.91 -10.29
C GLU A 370 -19.83 28.51 -9.87
N CYS A 371 -20.33 27.53 -10.61
CA CYS A 371 -20.14 26.12 -10.30
C CYS A 371 -18.90 25.63 -11.05
N SER A 372 -17.81 25.35 -10.31
CA SER A 372 -16.58 24.90 -10.94
C SER A 372 -16.67 23.48 -11.46
N TRP A 373 -17.34 22.58 -10.75
CA TRP A 373 -17.48 21.21 -11.21
C TRP A 373 -18.57 20.54 -10.41
N THR A 374 -19.14 19.48 -10.99
CA THR A 374 -20.08 18.63 -10.27
C THR A 374 -19.64 17.17 -10.31
N LEU A 375 -19.79 16.52 -9.16
CA LEU A 375 -19.48 15.11 -8.97
C LEU A 375 -20.77 14.31 -8.85
N PRO A 376 -21.13 13.46 -9.79
CA PRO A 376 -22.38 12.69 -9.69
C PRO A 376 -22.20 11.49 -8.76
N SER A 377 -23.32 10.82 -8.48
CA SER A 377 -23.28 9.78 -7.47
C SER A 377 -24.39 8.77 -7.73
N LEU A 378 -24.28 7.61 -7.09
CA LEU A 378 -25.23 6.54 -7.35
C LEU A 378 -26.15 6.37 -6.14
N GLY A 379 -27.38 5.97 -6.42
CA GLY A 379 -28.38 5.87 -5.38
C GLY A 379 -28.92 4.45 -5.27
N GLY A 380 -28.19 3.49 -5.83
CA GLY A 380 -28.57 2.09 -5.79
C GLY A 380 -27.39 1.25 -6.22
N PHE A 381 -27.60 -0.05 -6.18
CA PHE A 381 -26.57 -0.98 -6.62
C PHE A 381 -26.26 -0.73 -8.09
N ALA A 382 -25.00 -0.91 -8.47
CA ALA A 382 -24.63 -0.90 -9.87
C ALA A 382 -24.89 -2.31 -10.40
N TYR A 383 -26.08 -2.53 -10.95
CA TYR A 383 -26.41 -3.84 -11.48
C TYR A 383 -25.72 -4.11 -12.81
N SER A 384 -25.59 -3.09 -13.67
CA SER A 384 -25.16 -3.38 -15.02
C SER A 384 -24.21 -2.32 -15.56
N LEU A 385 -23.50 -2.70 -16.63
CA LEU A 385 -22.38 -1.93 -17.17
C LEU A 385 -22.26 -2.33 -18.62
N ALA A 386 -22.49 -1.42 -19.53
CA ALA A 386 -22.51 -1.76 -20.94
C ALA A 386 -21.79 -0.68 -21.72
N PHE A 387 -20.80 -1.07 -22.51
CA PHE A 387 -20.08 -0.14 -23.36
C PHE A 387 -20.64 -0.25 -24.76
N SER A 388 -21.03 0.87 -25.33
CA SER A 388 -21.52 0.87 -26.70
C SER A 388 -20.40 0.54 -27.68
N SER A 389 -20.72 -0.26 -28.69
CA SER A 389 -19.76 -0.48 -29.77
C SER A 389 -19.74 0.70 -30.72
N VAL A 390 -20.90 1.28 -31.03
CA VAL A 390 -20.94 2.34 -32.03
C VAL A 390 -20.32 3.61 -31.46
N ASP A 391 -20.72 3.97 -30.25
CA ASP A 391 -20.20 5.16 -29.59
C ASP A 391 -19.15 4.81 -28.55
N ILE A 392 -17.91 4.68 -28.99
CA ILE A 392 -16.80 4.34 -28.11
C ILE A 392 -16.69 5.34 -26.96
N GLY A 393 -16.62 4.84 -25.74
CA GLY A 393 -16.51 5.69 -24.57
C GLY A 393 -17.77 5.70 -23.73
N SER A 394 -18.92 5.72 -24.40
CA SER A 394 -20.21 5.74 -23.73
C SER A 394 -20.45 4.43 -22.98
N LEU A 395 -20.63 4.53 -21.66
CA LEU A 395 -20.87 3.36 -20.83
C LEU A 395 -22.16 3.50 -20.03
N ALA A 396 -23.13 2.66 -20.34
CA ALA A 396 -24.42 2.69 -19.64
C ALA A 396 -24.34 1.97 -18.30
N ILE A 397 -24.98 2.55 -17.28
CA ILE A 397 -24.99 1.98 -15.95
C ILE A 397 -26.42 1.79 -15.50
N GLY A 398 -26.78 0.55 -15.18
CA GLY A 398 -28.07 0.22 -14.60
C GLY A 398 -27.98 0.31 -13.09
N VAL A 399 -28.69 1.26 -12.49
CA VAL A 399 -28.56 1.55 -11.06
C VAL A 399 -29.86 1.16 -10.38
N GLY A 400 -29.77 0.84 -9.09
CA GLY A 400 -30.98 0.39 -8.42
C GLY A 400 -31.94 1.45 -7.98
N ASP A 401 -31.54 2.73 -8.03
CA ASP A 401 -32.43 3.86 -7.77
C ASP A 401 -33.38 4.09 -8.93
N GLY A 402 -33.33 3.24 -9.97
CA GLY A 402 -34.19 3.45 -11.06
C GLY A 402 -33.83 4.73 -11.75
N MET A 403 -32.73 4.65 -12.49
CA MET A 403 -32.18 5.69 -13.31
C MET A 403 -31.01 5.08 -14.05
N ILE A 404 -30.99 5.19 -15.36
CA ILE A 404 -29.82 4.79 -16.13
C ILE A 404 -28.87 5.96 -16.21
N ARG A 405 -27.60 5.71 -15.97
CA ARG A 405 -26.58 6.70 -16.19
C ARG A 405 -25.83 6.35 -17.47
N VAL A 406 -25.51 7.36 -18.27
CA VAL A 406 -24.60 7.18 -19.40
C VAL A 406 -23.37 8.04 -19.13
N TRP A 407 -22.23 7.39 -19.06
CA TRP A 407 -20.99 8.02 -18.67
C TRP A 407 -20.13 8.17 -19.94
N ASN A 408 -19.83 9.42 -20.31
CA ASN A 408 -18.96 9.74 -21.44
C ASN A 408 -17.52 9.69 -20.96
N THR A 409 -16.97 8.49 -21.06
CA THR A 409 -15.62 8.16 -20.60
C THR A 409 -14.54 8.91 -21.40
N LEU A 410 -14.90 9.35 -22.60
CA LEU A 410 -14.01 9.98 -23.56
C LEU A 410 -13.76 11.46 -23.27
N SER A 411 -14.52 12.07 -22.38
CA SER A 411 -14.52 13.53 -22.29
C SER A 411 -13.15 14.05 -21.88
N ILE A 412 -12.65 15.03 -22.66
CA ILE A 412 -11.39 15.71 -22.38
C ILE A 412 -11.53 16.65 -21.20
N LYS A 413 -12.67 17.33 -21.11
CA LYS A 413 -12.87 18.42 -20.18
C LYS A 413 -13.50 17.99 -18.86
N ASN A 414 -14.08 16.78 -18.82
CA ASN A 414 -14.90 16.36 -17.69
C ASN A 414 -14.68 14.88 -17.43
N ASN A 415 -14.09 14.55 -16.28
CA ASN A 415 -13.87 13.15 -15.93
C ASN A 415 -15.13 12.45 -15.45
N TYR A 416 -16.14 13.18 -15.00
CA TYR A 416 -17.36 12.57 -14.50
C TYR A 416 -18.58 13.08 -15.28
N ASP A 417 -18.49 13.04 -16.60
CA ASP A 417 -19.52 13.55 -17.49
C ASP A 417 -20.65 12.54 -17.66
N VAL A 418 -21.70 12.65 -16.86
CA VAL A 418 -22.71 11.60 -16.73
C VAL A 418 -24.10 12.19 -16.97
N LYS A 419 -24.83 11.61 -17.92
CA LYS A 419 -26.21 11.97 -18.21
C LYS A 419 -27.18 10.96 -17.59
N ASN A 420 -28.28 11.47 -17.05
CA ASN A 420 -29.23 10.65 -16.30
C ASN A 420 -30.50 10.41 -17.14
N PHE A 421 -30.96 9.18 -17.13
CA PHE A 421 -32.18 8.82 -17.85
C PHE A 421 -33.07 8.13 -16.84
N TRP A 422 -34.11 8.84 -16.43
CA TRP A 422 -35.05 8.36 -15.44
C TRP A 422 -36.42 8.08 -16.03
N GLN A 423 -36.67 8.47 -17.27
CA GLN A 423 -38.01 8.34 -17.82
C GLN A 423 -38.27 6.89 -18.17
N GLY A 424 -39.39 6.35 -17.68
CA GLY A 424 -39.78 4.99 -18.00
C GLY A 424 -39.12 3.92 -17.16
N VAL A 425 -38.02 4.25 -16.49
CA VAL A 425 -37.32 3.30 -15.66
C VAL A 425 -38.14 3.02 -14.40
N LYS A 426 -38.11 3.98 -13.48
CA LYS A 426 -38.86 3.89 -12.23
C LYS A 426 -38.70 2.55 -11.52
N SER A 427 -37.88 1.67 -12.07
CA SER A 427 -37.67 0.36 -11.47
C SER A 427 -36.17 0.11 -11.50
N LYS A 428 -35.70 -0.80 -10.63
CA LYS A 428 -34.28 -1.13 -10.66
C LYS A 428 -33.89 -1.62 -12.06
N VAL A 429 -32.80 -1.06 -12.61
CA VAL A 429 -32.31 -1.43 -13.92
C VAL A 429 -31.34 -2.60 -13.76
N THR A 430 -31.82 -3.80 -14.05
CA THR A 430 -31.05 -5.01 -13.80
C THR A 430 -30.26 -5.45 -15.02
N ALA A 431 -30.55 -4.89 -16.19
CA ALA A 431 -29.90 -5.35 -17.40
C ALA A 431 -29.87 -4.23 -18.41
N LEU A 432 -28.76 -4.12 -19.14
CA LEU A 432 -28.52 -3.07 -20.12
C LEU A 432 -27.81 -3.68 -21.30
N CYS A 433 -28.20 -3.31 -22.51
CA CYS A 433 -27.41 -3.76 -23.65
C CYS A 433 -27.51 -2.76 -24.77
N TRP A 434 -26.39 -2.15 -25.12
CA TRP A 434 -26.33 -1.22 -26.23
C TRP A 434 -26.64 -1.91 -27.54
N HIS A 435 -27.09 -1.14 -28.50
CA HIS A 435 -27.29 -1.68 -29.83
C HIS A 435 -25.94 -1.86 -30.52
N PRO A 436 -25.77 -2.94 -31.30
CA PRO A 436 -24.49 -3.17 -31.95
C PRO A 436 -24.19 -2.18 -33.06
N THR A 437 -25.19 -1.88 -33.89
CA THR A 437 -25.00 -0.97 -35.00
C THR A 437 -25.53 0.45 -34.74
N LYS A 438 -26.80 0.54 -34.35
CA LYS A 438 -27.42 1.83 -34.08
C LYS A 438 -26.85 2.51 -32.83
N GLU A 439 -26.37 3.73 -33.00
CA GLU A 439 -25.81 4.50 -31.88
C GLU A 439 -26.93 5.12 -31.05
N GLY A 440 -26.66 5.36 -29.78
CA GLY A 440 -27.65 5.93 -28.90
C GLY A 440 -28.84 5.05 -28.61
N CYS A 441 -28.94 3.89 -29.23
CA CYS A 441 -30.04 2.96 -28.98
C CYS A 441 -29.64 2.03 -27.84
N LEU A 442 -30.33 2.14 -26.70
CA LEU A 442 -29.98 1.44 -25.48
C LEU A 442 -31.17 0.64 -24.97
N ALA A 443 -30.99 -0.67 -24.84
CA ALA A 443 -32.05 -1.55 -24.35
C ALA A 443 -31.85 -1.78 -22.86
N PHE A 444 -32.93 -1.65 -22.08
CA PHE A 444 -32.82 -1.87 -20.65
C PHE A 444 -33.88 -2.85 -20.16
N GLY A 445 -33.60 -3.46 -19.03
CA GLY A 445 -34.55 -4.36 -18.39
C GLY A 445 -34.58 -4.09 -16.89
N THR A 446 -35.73 -4.37 -16.28
CA THR A 446 -35.94 -3.94 -14.91
C THR A 446 -36.29 -5.11 -14.01
N ASP A 447 -36.19 -4.84 -12.69
CA ASP A 447 -36.55 -5.81 -11.67
C ASP A 447 -38.00 -6.26 -11.81
N ASP A 448 -38.87 -5.40 -12.32
CA ASP A 448 -40.27 -5.76 -12.52
C ASP A 448 -40.54 -6.64 -13.74
N GLY A 449 -39.50 -7.04 -14.48
CA GLY A 449 -39.69 -7.77 -15.71
C GLY A 449 -39.99 -6.91 -16.92
N LYS A 450 -39.86 -5.60 -16.80
CA LYS A 450 -40.13 -4.70 -17.91
C LYS A 450 -38.90 -4.51 -18.80
N VAL A 451 -39.12 -4.51 -20.12
CA VAL A 451 -38.05 -4.30 -21.09
C VAL A 451 -38.39 -3.09 -21.94
N GLY A 452 -37.41 -2.20 -22.11
CA GLY A 452 -37.64 -0.96 -22.81
C GLY A 452 -36.45 -0.61 -23.70
N LEU A 453 -36.70 0.31 -24.62
CA LEU A 453 -35.72 0.73 -25.61
C LEU A 453 -35.56 2.24 -25.56
N TYR A 454 -34.36 2.69 -25.19
CA TYR A 454 -34.07 4.09 -24.96
C TYR A 454 -33.32 4.69 -26.15
N ASP A 455 -33.61 5.96 -26.43
CA ASP A 455 -32.86 6.75 -27.40
C ASP A 455 -31.98 7.73 -26.63
N THR A 456 -30.70 7.38 -26.52
CA THR A 456 -29.73 8.15 -25.77
C THR A 456 -29.63 9.59 -26.27
N TYR A 457 -29.85 9.80 -27.56
CA TYR A 457 -29.59 11.13 -28.10
C TYR A 457 -30.82 12.03 -27.95
N SER A 458 -32.00 11.44 -28.00
CA SER A 458 -33.26 12.15 -27.86
C SER A 458 -33.61 12.36 -26.40
N ASN A 459 -34.52 13.30 -26.18
CA ASN A 459 -35.13 13.53 -24.88
C ASN A 459 -36.42 12.75 -24.69
N LYS A 460 -36.70 11.78 -25.55
CA LYS A 460 -37.98 11.08 -25.49
C LYS A 460 -38.01 10.05 -24.35
N PRO A 461 -39.20 9.70 -23.86
CA PRO A 461 -39.31 8.53 -23.01
C PRO A 461 -39.05 7.28 -23.81
N PRO A 462 -38.48 6.24 -23.20
CA PRO A 462 -38.19 5.02 -23.95
C PRO A 462 -39.46 4.26 -24.34
N GLN A 463 -39.40 3.60 -25.49
CA GLN A 463 -40.43 2.66 -25.85
C GLN A 463 -40.36 1.43 -24.94
N ILE A 464 -41.52 0.99 -24.49
CA ILE A 464 -41.63 -0.08 -23.51
C ILE A 464 -42.24 -1.29 -24.21
N SER A 465 -41.57 -2.43 -24.08
CA SER A 465 -42.08 -3.65 -24.68
C SER A 465 -43.43 -4.02 -24.06
N SER A 466 -44.39 -4.37 -24.92
CA SER A 466 -45.71 -4.72 -24.42
C SER A 466 -45.68 -5.96 -23.54
N THR A 467 -44.76 -6.89 -23.82
CA THR A 467 -44.66 -8.13 -23.06
C THR A 467 -43.72 -7.95 -21.87
N TYR A 468 -44.20 -8.32 -20.68
CA TYR A 468 -43.49 -8.14 -19.43
C TYR A 468 -43.05 -9.49 -18.88
N HIS A 469 -41.78 -9.61 -18.55
CA HIS A 469 -41.32 -10.82 -17.88
C HIS A 469 -41.96 -10.94 -16.51
N LYS A 470 -42.28 -12.18 -16.12
CA LYS A 470 -42.90 -12.42 -14.82
C LYS A 470 -41.95 -12.08 -13.68
N LYS A 471 -40.65 -12.30 -13.87
CA LYS A 471 -39.68 -11.98 -12.83
C LYS A 471 -38.71 -10.94 -13.36
N THR A 472 -37.74 -10.59 -12.52
CA THR A 472 -36.69 -9.67 -12.88
C THR A 472 -35.97 -10.08 -14.17
N VAL A 473 -35.59 -9.10 -14.97
CA VAL A 473 -34.85 -9.31 -16.21
C VAL A 473 -33.36 -9.47 -15.87
N TYR A 474 -32.79 -10.62 -16.20
CA TYR A 474 -31.38 -10.84 -15.87
C TYR A 474 -30.47 -10.33 -16.98
N THR A 475 -30.81 -10.59 -18.23
CA THR A 475 -29.88 -10.23 -19.26
C THR A 475 -30.64 -9.87 -20.52
N LEU A 476 -30.05 -8.96 -21.30
CA LEU A 476 -30.53 -8.61 -22.64
C LEU A 476 -29.42 -8.87 -23.66
N ALA A 477 -29.83 -9.20 -24.88
CA ALA A 477 -28.85 -9.51 -25.90
C ALA A 477 -29.44 -9.26 -27.28
N TRP A 478 -28.59 -8.77 -28.18
CA TRP A 478 -28.98 -8.53 -29.57
C TRP A 478 -28.50 -9.67 -30.44
N GLY A 479 -29.37 -10.17 -31.30
CA GLY A 479 -29.02 -11.26 -32.18
C GLY A 479 -29.94 -11.31 -33.38
N PRO A 480 -29.66 -12.24 -34.29
CA PRO A 480 -30.48 -12.36 -35.49
C PRO A 480 -31.89 -12.77 -35.14
N PRO A 481 -32.89 -12.27 -35.84
CA PRO A 481 -34.26 -12.70 -35.59
C PRO A 481 -34.45 -14.19 -35.91
N VAL A 482 -35.41 -14.79 -35.23
CA VAL A 482 -35.76 -16.19 -35.41
C VAL A 482 -37.26 -16.32 -35.63
N PRO A 483 -37.68 -17.42 -36.26
CA PRO A 483 -39.10 -17.65 -36.52
C PRO A 483 -39.93 -17.42 -35.27
N PRO A 484 -41.12 -16.85 -35.43
CA PRO A 484 -41.65 -16.54 -36.76
C PRO A 484 -41.38 -15.10 -37.19
N MET A 485 -40.46 -14.44 -36.49
CA MET A 485 -40.09 -13.06 -36.77
C MET A 485 -39.18 -12.98 -38.00
N SER A 495 -33.95 -6.50 -38.76
CA SER A 495 -32.53 -6.80 -38.97
C SER A 495 -31.92 -7.50 -37.76
N LEU A 496 -31.89 -6.79 -36.64
CA LEU A 496 -31.50 -7.37 -35.36
C LEU A 496 -32.71 -7.40 -34.44
N ALA A 497 -32.96 -8.54 -33.81
CA ALA A 497 -33.97 -8.70 -32.78
C ALA A 497 -33.35 -8.56 -31.40
N LEU A 498 -34.21 -8.27 -30.42
CA LEU A 498 -33.77 -8.07 -29.04
C LEU A 498 -34.28 -9.23 -28.19
N TYR A 499 -33.39 -9.85 -27.44
CA TYR A 499 -33.69 -11.01 -26.63
C TYR A 499 -33.58 -10.62 -25.16
N SER A 500 -34.60 -10.99 -24.38
CA SER A 500 -34.62 -10.74 -22.94
C SER A 500 -34.84 -12.05 -22.22
N CYS A 501 -34.13 -12.24 -21.12
CA CYS A 501 -34.23 -13.45 -20.32
C CYS A 501 -34.78 -13.08 -18.96
N GLY A 502 -35.87 -13.73 -18.56
CA GLY A 502 -36.48 -13.45 -17.28
C GLY A 502 -36.01 -14.36 -16.16
N GLY A 503 -36.11 -13.86 -14.94
CA GLY A 503 -35.78 -14.67 -13.77
C GLY A 503 -36.63 -15.91 -13.67
N GLU A 504 -37.80 -15.92 -14.30
CA GLU A 504 -38.62 -17.12 -14.41
C GLU A 504 -38.08 -18.12 -15.41
N GLY A 505 -37.03 -17.77 -16.15
CA GLY A 505 -36.40 -18.70 -17.06
C GLY A 505 -36.89 -18.67 -18.48
N ILE A 506 -37.73 -17.70 -18.84
CA ILE A 506 -38.27 -17.59 -20.19
C ILE A 506 -37.45 -16.56 -20.95
N VAL A 507 -36.98 -16.94 -22.14
CA VAL A 507 -36.32 -16.02 -23.05
C VAL A 507 -37.32 -15.56 -24.10
N LEU A 508 -37.45 -14.25 -24.28
CA LEU A 508 -38.43 -13.68 -25.19
C LEU A 508 -37.69 -12.92 -26.29
N GLN A 509 -38.24 -12.98 -27.51
CA GLN A 509 -37.69 -12.27 -28.65
C GLN A 509 -38.65 -11.17 -29.07
N HIS A 510 -38.32 -9.91 -28.78
CA HIS A 510 -39.18 -8.78 -29.13
C HIS A 510 -38.83 -8.13 -30.46
N ASN A 511 -39.76 -7.34 -30.99
CA ASN A 511 -39.54 -6.65 -32.28
C ASN A 511 -38.94 -5.28 -31.87
N PRO A 512 -37.67 -4.91 -32.15
CA PRO A 512 -37.36 -3.59 -31.59
C PRO A 512 -38.21 -2.50 -32.19
N TRP A 513 -38.57 -2.61 -33.46
CA TRP A 513 -39.28 -1.52 -34.09
C TRP A 513 -40.77 -1.54 -33.75
N LYS A 514 -41.32 -2.71 -33.47
CA LYS A 514 -42.70 -2.83 -33.02
C LYS A 514 -42.69 -3.44 -31.61
N LEU A 515 -42.14 -2.70 -30.65
CA LEU A 515 -42.11 -3.19 -29.26
C LEU A 515 -43.51 -3.41 -28.72
N SER A 516 -44.49 -2.67 -29.25
CA SER A 516 -45.88 -2.91 -28.87
C SER A 516 -46.34 -4.29 -29.31
N GLY A 517 -45.71 -4.84 -30.35
CA GLY A 517 -46.08 -6.16 -30.82
C GLY A 517 -45.65 -7.24 -29.86
N GLU A 518 -46.45 -8.32 -29.82
CA GLU A 518 -46.22 -9.39 -28.85
C GLU A 518 -44.84 -10.01 -29.07
N ALA A 519 -44.10 -10.17 -27.98
CA ALA A 519 -42.83 -10.88 -28.04
C ALA A 519 -43.09 -12.38 -28.16
N PHE A 520 -42.14 -13.07 -28.77
CA PHE A 520 -42.26 -14.50 -29.01
C PHE A 520 -41.32 -15.27 -28.08
N ASP A 521 -41.85 -16.29 -27.41
CA ASP A 521 -41.07 -17.15 -26.53
C ASP A 521 -40.23 -18.12 -27.35
N ILE A 522 -38.90 -18.05 -27.21
CA ILE A 522 -38.03 -18.85 -28.06
C ILE A 522 -38.15 -20.34 -27.77
N ASN A 523 -38.68 -20.72 -26.60
CA ASN A 523 -38.85 -22.14 -26.28
C ASN A 523 -39.67 -22.88 -27.34
N LYS A 524 -40.69 -22.21 -27.91
CA LYS A 524 -41.49 -22.86 -28.94
C LYS A 524 -40.65 -23.24 -30.15
N LEU A 525 -39.73 -22.35 -30.56
CA LEU A 525 -38.89 -22.68 -31.70
C LEU A 525 -37.95 -23.84 -31.36
N ILE A 526 -37.39 -23.83 -30.16
CA ILE A 526 -36.49 -24.90 -29.73
C ILE A 526 -37.20 -26.25 -29.76
N ARG A 527 -38.44 -26.29 -29.25
CA ARG A 527 -39.19 -27.54 -29.22
C ARG A 527 -39.53 -28.03 -30.63
N ASP A 528 -40.04 -27.13 -31.47
CA ASP A 528 -40.44 -27.53 -32.81
C ASP A 528 -39.22 -27.95 -33.64
N THR A 529 -38.17 -27.11 -33.63
CA THR A 529 -37.00 -27.42 -34.46
C THR A 529 -36.33 -28.71 -34.04
N ASN A 530 -36.23 -28.95 -32.74
CA ASN A 530 -35.45 -30.08 -32.27
C ASN A 530 -36.29 -31.28 -31.86
N SER A 531 -37.62 -31.20 -31.97
CA SER A 531 -38.53 -32.31 -31.67
C SER A 531 -38.38 -32.76 -30.21
N ILE A 532 -38.58 -31.82 -29.32
CA ILE A 532 -38.29 -32.00 -27.92
C ILE A 532 -39.59 -31.78 -27.16
N LYS A 533 -40.13 -32.84 -26.57
CA LYS A 533 -41.34 -32.71 -25.79
C LYS A 533 -41.11 -32.68 -24.30
N TYR A 534 -39.88 -32.84 -23.83
CA TYR A 534 -39.64 -32.69 -22.40
C TYR A 534 -39.66 -31.22 -22.02
N LYS A 535 -39.85 -30.99 -20.73
CA LYS A 535 -39.93 -29.65 -20.18
C LYS A 535 -38.57 -28.97 -20.27
N LEU A 536 -38.51 -27.86 -21.00
CA LEU A 536 -37.25 -27.19 -21.24
C LEU A 536 -36.69 -26.63 -19.93
N PRO A 537 -35.37 -26.67 -19.75
CA PRO A 537 -34.78 -26.08 -18.54
C PRO A 537 -35.10 -24.59 -18.47
N VAL A 538 -35.10 -24.03 -17.26
CA VAL A 538 -35.38 -22.61 -17.16
C VAL A 538 -34.09 -21.83 -17.38
N HIS A 539 -34.18 -20.88 -18.30
CA HIS A 539 -33.04 -20.16 -18.82
C HIS A 539 -32.63 -19.03 -17.87
N THR A 540 -31.34 -18.91 -17.59
CA THR A 540 -30.86 -17.84 -16.72
C THR A 540 -29.85 -16.94 -17.39
N GLU A 541 -29.38 -17.29 -18.57
CA GLU A 541 -28.42 -16.44 -19.26
C GLU A 541 -28.63 -16.60 -20.76
N ILE A 542 -28.62 -15.48 -21.49
CA ILE A 542 -28.65 -15.54 -22.95
C ILE A 542 -27.43 -14.83 -23.49
N SER A 543 -26.70 -15.49 -24.38
CA SER A 543 -25.49 -14.93 -24.97
C SER A 543 -25.33 -15.35 -26.42
N TRP A 544 -24.89 -14.41 -27.25
CA TRP A 544 -24.72 -14.64 -28.68
C TRP A 544 -23.24 -14.69 -29.00
N LYS A 545 -22.86 -15.55 -29.95
CA LYS A 545 -21.51 -15.53 -30.47
C LYS A 545 -21.27 -14.24 -31.27
N ALA A 546 -19.99 -13.86 -31.37
CA ALA A 546 -19.64 -12.59 -32.03
C ALA A 546 -20.19 -12.54 -33.45
N ASP A 547 -20.05 -13.64 -34.20
CA ASP A 547 -20.65 -13.71 -35.52
C ASP A 547 -22.17 -13.69 -35.48
N GLY A 548 -22.78 -13.98 -34.33
CA GLY A 548 -24.22 -14.12 -34.28
C GLY A 548 -24.77 -15.34 -35.00
N LYS A 549 -23.92 -16.30 -35.34
CA LYS A 549 -24.41 -17.55 -35.88
C LYS A 549 -24.75 -18.56 -34.80
N ILE A 550 -24.35 -18.32 -33.56
CA ILE A 550 -24.53 -19.27 -32.48
C ILE A 550 -25.08 -18.55 -31.26
N MET A 551 -26.13 -19.11 -30.66
CA MET A 551 -26.72 -18.59 -29.43
C MET A 551 -26.48 -19.58 -28.30
N ALA A 552 -25.92 -19.10 -27.19
CA ALA A 552 -25.72 -19.92 -26.00
C ALA A 552 -26.75 -19.54 -24.96
N LEU A 553 -27.34 -20.55 -24.33
CA LEU A 553 -28.30 -20.36 -23.26
C LEU A 553 -27.79 -21.08 -22.03
N GLY A 554 -27.84 -20.41 -20.89
CA GLY A 554 -27.49 -21.01 -19.62
C GLY A 554 -28.74 -21.18 -18.77
N ASN A 555 -28.82 -22.31 -18.09
CA ASN A 555 -30.03 -22.71 -17.40
C ASN A 555 -29.80 -22.86 -15.90
N GLU A 556 -30.92 -22.85 -15.17
CA GLU A 556 -30.87 -22.89 -13.72
C GLU A 556 -30.20 -24.16 -13.21
N ASP A 557 -30.27 -25.27 -13.96
CA ASP A 557 -29.61 -26.49 -13.51
C ASP A 557 -28.10 -26.45 -13.68
N GLY A 558 -27.56 -25.40 -14.31
CA GLY A 558 -26.15 -25.29 -14.55
C GLY A 558 -25.70 -25.69 -15.93
N SER A 559 -26.54 -26.34 -16.70
CA SER A 559 -26.15 -26.73 -18.04
C SER A 559 -26.21 -25.53 -18.98
N ILE A 560 -25.47 -25.64 -20.08
CA ILE A 560 -25.41 -24.61 -21.11
C ILE A 560 -25.66 -25.25 -22.46
N GLU A 561 -26.56 -24.67 -23.23
CA GLU A 561 -26.97 -25.21 -24.52
C GLU A 561 -26.57 -24.26 -25.65
N ILE A 562 -26.20 -24.86 -26.79
CA ILE A 562 -25.65 -24.16 -27.95
C ILE A 562 -26.60 -24.40 -29.13
N PHE A 563 -27.00 -23.33 -29.81
CA PHE A 563 -28.01 -23.42 -30.86
C PHE A 563 -27.54 -22.81 -32.18
N GLN A 564 -27.94 -23.42 -33.31
CA GLN A 564 -27.54 -22.96 -34.62
C GLN A 564 -28.48 -21.90 -35.18
N ILE A 565 -27.92 -21.01 -36.00
CA ILE A 565 -28.58 -19.73 -36.26
C ILE A 565 -29.93 -19.87 -36.95
N PRO A 566 -30.10 -20.66 -38.01
CA PRO A 566 -31.35 -20.49 -38.79
C PRO A 566 -32.60 -20.75 -37.97
N ASN A 567 -32.71 -21.88 -37.29
CA ASN A 567 -33.94 -22.15 -36.55
C ASN A 567 -33.64 -22.75 -35.20
N LEU A 568 -32.51 -22.38 -34.60
CA LEU A 568 -32.19 -22.76 -33.22
C LEU A 568 -32.11 -24.27 -33.02
N LYS A 569 -31.53 -24.98 -34.00
CA LYS A 569 -31.22 -26.37 -33.78
C LYS A 569 -30.19 -26.48 -32.66
N LEU A 570 -30.38 -27.47 -31.80
CA LEU A 570 -29.46 -27.71 -30.70
C LEU A 570 -28.21 -28.42 -31.23
N ILE A 571 -27.08 -27.71 -31.20
CA ILE A 571 -25.83 -28.31 -31.67
C ILE A 571 -25.18 -29.09 -30.55
N CYS A 572 -25.19 -28.53 -29.34
CA CYS A 572 -24.44 -29.18 -28.29
C CYS A 572 -24.94 -28.73 -26.92
N THR A 573 -24.76 -29.61 -25.93
CA THR A 573 -25.09 -29.32 -24.53
C THR A 573 -23.84 -29.47 -23.68
N ILE A 574 -23.62 -28.52 -22.77
CA ILE A 574 -22.46 -28.50 -21.89
C ILE A 574 -22.95 -28.62 -20.46
N GLN A 575 -22.31 -29.48 -19.66
CA GLN A 575 -22.81 -29.76 -18.31
C GLN A 575 -21.75 -29.56 -17.24
N GLN A 576 -20.89 -28.54 -17.41
CA GLN A 576 -19.80 -28.34 -16.46
C GLN A 576 -20.30 -27.79 -15.14
N HIS A 577 -21.18 -26.80 -15.18
CA HIS A 577 -21.65 -26.13 -13.98
C HIS A 577 -22.73 -26.95 -13.29
N HIS A 578 -22.72 -26.92 -11.95
CA HIS A 578 -23.67 -27.65 -11.13
C HIS A 578 -24.66 -26.73 -10.43
N LYS A 579 -24.57 -25.43 -10.64
CA LYS A 579 -25.51 -24.46 -10.13
C LYS A 579 -25.95 -23.56 -11.28
N LEU A 580 -26.95 -22.73 -11.04
CA LEU A 580 -27.48 -21.78 -11.99
C LEU A 580 -26.36 -20.96 -12.65
N VAL A 581 -26.42 -20.76 -13.97
CA VAL A 581 -25.36 -20.01 -14.63
C VAL A 581 -25.79 -18.53 -14.75
N ASN A 582 -24.94 -17.64 -14.24
CA ASN A 582 -25.21 -16.23 -14.20
C ASN A 582 -24.73 -15.53 -15.44
N THR A 583 -23.67 -16.02 -16.07
CA THR A 583 -22.96 -15.20 -17.04
C THR A 583 -22.22 -16.09 -18.01
N ILE A 584 -22.41 -15.83 -19.30
CA ILE A 584 -21.72 -16.49 -20.41
C ILE A 584 -21.15 -15.39 -21.29
N SER A 585 -19.92 -15.57 -21.75
CA SER A 585 -19.30 -14.59 -22.62
C SER A 585 -18.44 -15.24 -23.69
N TRP A 586 -18.71 -14.91 -24.96
CA TRP A 586 -17.93 -15.38 -26.09
C TRP A 586 -16.72 -14.47 -26.33
N HIS A 587 -15.65 -15.07 -26.83
CA HIS A 587 -14.42 -14.34 -27.08
C HIS A 587 -14.53 -13.52 -28.37
N HIS A 588 -13.85 -12.37 -28.39
CA HIS A 588 -13.92 -11.50 -29.56
C HIS A 588 -13.32 -12.15 -30.80
N GLU A 589 -13.69 -11.64 -31.96
CA GLU A 589 -13.31 -12.26 -33.21
C GLU A 589 -11.90 -11.86 -33.68
N HIS A 590 -11.39 -10.70 -33.28
CA HIS A 590 -10.10 -10.19 -33.77
C HIS A 590 -8.97 -10.65 -32.85
N GLY A 591 -8.18 -11.62 -33.28
CA GLY A 591 -7.16 -12.14 -32.39
C GLY A 591 -6.06 -12.85 -33.15
N SER A 592 -4.92 -13.00 -32.46
CA SER A 592 -3.77 -13.66 -33.08
C SER A 592 -4.14 -15.05 -33.58
N GLN A 593 -4.91 -15.79 -32.80
CA GLN A 593 -5.40 -17.06 -33.33
C GLN A 593 -6.82 -16.89 -33.83
N PRO A 594 -7.14 -17.38 -35.03
CA PRO A 594 -8.52 -17.28 -35.50
C PRO A 594 -9.51 -18.05 -34.65
N GLU A 595 -9.11 -19.24 -34.19
CA GLU A 595 -9.97 -20.13 -33.42
C GLU A 595 -10.30 -19.57 -32.04
N LEU A 596 -9.75 -18.40 -31.71
CA LEU A 596 -9.98 -17.85 -30.38
C LEU A 596 -11.42 -17.42 -30.17
N SER A 597 -12.15 -17.09 -31.25
CA SER A 597 -13.54 -16.67 -31.12
C SER A 597 -14.43 -17.80 -30.57
N TYR A 598 -14.03 -19.04 -30.72
CA TYR A 598 -14.82 -20.17 -30.26
C TYR A 598 -14.73 -20.42 -28.76
N LEU A 599 -13.84 -19.72 -28.06
CA LEU A 599 -13.72 -19.86 -26.62
C LEU A 599 -14.91 -19.22 -25.94
N MET A 600 -15.50 -19.92 -24.98
CA MET A 600 -16.68 -19.42 -24.26
C MET A 600 -16.46 -19.54 -22.76
N ALA A 601 -16.58 -18.41 -22.08
CA ALA A 601 -16.45 -18.36 -20.64
C ALA A 601 -17.80 -18.41 -19.97
N SER A 602 -17.82 -18.98 -18.78
CA SER A 602 -19.07 -19.35 -18.15
C SER A 602 -18.98 -19.20 -16.64
N GLY A 603 -19.99 -18.52 -16.07
CA GLY A 603 -20.03 -18.23 -14.63
C GLY A 603 -21.35 -18.62 -13.97
N SER A 604 -21.29 -19.35 -12.86
CA SER A 604 -22.48 -19.85 -12.18
C SER A 604 -22.47 -19.41 -10.71
N ASN A 605 -23.41 -19.97 -9.93
CA ASN A 605 -23.40 -19.79 -8.48
C ASN A 605 -22.28 -20.55 -7.78
N ASN A 606 -21.56 -21.46 -8.45
CA ASN A 606 -20.29 -21.95 -7.93
C ASN A 606 -19.17 -20.96 -8.23
N ALA A 607 -18.09 -21.04 -7.45
CA ALA A 607 -17.00 -20.09 -7.58
C ALA A 607 -16.10 -20.39 -8.78
N VAL A 608 -16.03 -21.65 -9.21
CA VAL A 608 -15.16 -22.01 -10.33
C VAL A 608 -15.71 -21.46 -11.65
N ILE A 609 -14.80 -21.02 -12.52
CA ILE A 609 -15.15 -20.52 -13.83
C ILE A 609 -14.63 -21.50 -14.87
N TYR A 610 -15.46 -21.79 -15.88
CA TYR A 610 -15.08 -22.71 -16.93
C TYR A 610 -14.95 -21.98 -18.28
N VAL A 611 -13.94 -22.38 -19.03
CA VAL A 611 -13.76 -21.96 -20.40
C VAL A 611 -13.92 -23.20 -21.27
N HIS A 612 -14.68 -23.06 -22.35
CA HIS A 612 -14.89 -24.14 -23.29
C HIS A 612 -14.54 -23.68 -24.70
N ASN A 613 -13.99 -24.62 -25.46
CA ASN A 613 -13.66 -24.45 -26.87
C ASN A 613 -14.71 -25.19 -27.68
N LEU A 614 -15.37 -24.48 -28.60
CA LEU A 614 -16.48 -25.05 -29.34
C LEU A 614 -16.23 -25.11 -30.84
N LYS A 615 -14.98 -24.87 -31.28
CA LYS A 615 -14.64 -24.94 -32.69
C LYS A 615 -14.91 -26.32 -33.28
N THR A 616 -14.53 -27.38 -32.55
CA THR A 616 -14.74 -28.74 -33.04
C THR A 616 -16.21 -29.01 -33.28
N VAL A 617 -17.06 -28.67 -32.30
CA VAL A 617 -18.46 -29.08 -32.35
C VAL A 617 -19.25 -28.15 -33.26
N ILE A 618 -19.00 -26.84 -33.18
CA ILE A 618 -19.67 -25.89 -34.07
C ILE A 618 -19.36 -26.21 -35.52
N GLU A 619 -18.10 -26.54 -35.82
CA GLU A 619 -17.74 -26.85 -37.20
C GLU A 619 -18.49 -28.09 -37.69
N SER A 620 -18.69 -29.08 -36.82
CA SER A 620 -19.28 -30.35 -37.24
C SER A 620 -20.75 -30.18 -37.63
N SER A 621 -21.47 -29.25 -37.01
CA SER A 621 -22.89 -29.05 -37.18
C SER A 621 -23.62 -30.40 -37.18
N PRO A 622 -23.46 -31.18 -36.11
CA PRO A 622 -23.89 -32.59 -36.18
C PRO A 622 -25.40 -32.69 -36.13
N GLU A 623 -25.93 -33.66 -36.87
CA GLU A 623 -27.38 -33.90 -36.83
C GLU A 623 -27.83 -34.19 -35.41
N SER A 624 -27.04 -34.90 -34.65
CA SER A 624 -27.57 -35.14 -33.31
C SER A 624 -26.72 -34.42 -32.28
N PRO A 625 -27.35 -33.94 -31.21
CA PRO A 625 -26.64 -33.06 -30.27
C PRO A 625 -25.53 -33.77 -29.51
N VAL A 626 -24.45 -33.04 -29.27
CA VAL A 626 -23.25 -33.52 -28.61
C VAL A 626 -23.19 -32.94 -27.22
N THR A 627 -22.78 -33.74 -26.24
CA THR A 627 -22.67 -33.31 -24.87
C THR A 627 -21.19 -33.25 -24.49
N ILE A 628 -20.76 -32.12 -23.95
CA ILE A 628 -19.39 -31.92 -23.49
C ILE A 628 -19.39 -31.96 -21.97
N THR A 629 -18.57 -32.85 -21.43
CA THR A 629 -18.41 -33.00 -19.99
C THR A 629 -17.08 -32.47 -19.51
N GLU A 630 -16.21 -32.05 -20.41
CA GLU A 630 -14.88 -31.64 -20.05
C GLU A 630 -14.63 -30.20 -20.48
N PRO A 631 -14.05 -29.37 -19.62
CA PRO A 631 -13.82 -27.98 -19.96
C PRO A 631 -12.48 -27.79 -20.63
N TYR A 632 -12.42 -26.79 -21.51
CA TYR A 632 -11.15 -26.48 -22.16
C TYR A 632 -10.17 -25.88 -21.16
N ARG A 633 -10.64 -25.01 -20.27
CA ARG A 633 -9.79 -24.37 -19.27
C ARG A 633 -10.60 -24.18 -18.00
N THR A 634 -9.90 -24.17 -16.86
CA THR A 634 -10.54 -24.14 -15.55
C THR A 634 -9.92 -23.03 -14.73
N LEU A 635 -10.74 -22.07 -14.32
CA LEU A 635 -10.28 -20.88 -13.63
C LEU A 635 -10.77 -20.94 -12.20
N SER A 636 -9.86 -21.27 -11.27
CA SER A 636 -10.18 -21.49 -9.87
C SER A 636 -9.54 -20.44 -8.98
N GLY A 637 -10.34 -19.89 -8.06
CA GLY A 637 -9.80 -18.99 -7.07
C GLY A 637 -10.83 -18.12 -6.38
N HIS A 638 -11.97 -17.87 -7.02
CA HIS A 638 -13.01 -17.13 -6.34
C HIS A 638 -13.61 -17.92 -5.17
N THR A 639 -14.26 -17.19 -4.28
CA THR A 639 -14.71 -17.65 -2.98
C THR A 639 -16.23 -17.72 -2.91
N ALA A 640 -16.91 -17.21 -3.94
CA ALA A 640 -18.35 -17.09 -3.96
C ALA A 640 -18.77 -17.01 -5.42
N LYS A 641 -20.07 -16.82 -5.64
CA LYS A 641 -20.61 -17.00 -6.98
C LYS A 641 -20.07 -15.92 -7.92
N ILE A 642 -20.11 -16.25 -9.22
CA ILE A 642 -19.59 -15.40 -10.27
C ILE A 642 -20.76 -14.64 -10.88
N THR A 643 -20.71 -13.32 -10.81
CA THR A 643 -21.84 -12.58 -11.33
C THR A 643 -21.67 -12.18 -12.79
N SER A 644 -20.43 -12.07 -13.28
CA SER A 644 -20.22 -11.54 -14.62
C SER A 644 -18.80 -11.85 -15.07
N VAL A 645 -18.65 -12.27 -16.33
CA VAL A 645 -17.34 -12.49 -16.94
C VAL A 645 -17.24 -11.73 -18.28
N ALA A 646 -16.03 -11.31 -18.62
CA ALA A 646 -15.84 -10.48 -19.80
C ALA A 646 -14.45 -10.69 -20.35
N TRP A 647 -14.39 -10.96 -21.64
CA TRP A 647 -13.13 -11.09 -22.34
C TRP A 647 -12.58 -9.71 -22.69
N SER A 648 -11.30 -9.61 -22.71
CA SER A 648 -10.67 -8.34 -23.02
C SER A 648 -10.63 -8.12 -24.53
N PRO A 649 -11.00 -6.93 -25.01
CA PRO A 649 -10.93 -6.67 -26.45
C PRO A 649 -9.51 -6.48 -26.97
N HIS A 650 -8.58 -6.18 -26.08
CA HIS A 650 -7.21 -5.84 -26.46
C HIS A 650 -6.28 -7.03 -26.47
N HIS A 651 -6.55 -8.07 -25.66
CA HIS A 651 -5.63 -9.18 -25.50
C HIS A 651 -6.33 -10.49 -25.81
N ASP A 652 -5.59 -11.40 -26.43
CA ASP A 652 -6.06 -12.75 -26.68
C ASP A 652 -6.17 -13.55 -25.39
N GLY A 653 -7.35 -14.10 -25.12
CA GLY A 653 -7.55 -15.04 -24.04
C GLY A 653 -7.39 -14.48 -22.64
N ARG A 654 -7.79 -13.23 -22.42
CA ARG A 654 -7.67 -12.62 -21.10
C ARG A 654 -9.05 -12.27 -20.58
N LEU A 655 -9.42 -12.86 -19.45
CA LEU A 655 -10.73 -12.83 -18.88
C LEU A 655 -10.71 -12.06 -17.56
N VAL A 656 -11.71 -11.22 -17.32
CA VAL A 656 -11.95 -10.63 -16.00
C VAL A 656 -13.24 -11.22 -15.44
N SER A 657 -13.23 -11.53 -14.14
CA SER A 657 -14.38 -12.08 -13.43
C SER A 657 -14.82 -11.17 -12.30
N ALA A 658 -16.13 -11.07 -12.15
CA ALA A 658 -16.70 -10.46 -10.94
C ALA A 658 -17.42 -11.49 -10.08
N SER A 659 -17.32 -11.32 -8.78
CA SER A 659 -17.75 -12.36 -7.88
C SER A 659 -18.38 -11.77 -6.61
N TYR A 660 -19.29 -12.54 -6.01
CA TYR A 660 -19.87 -12.18 -4.71
C TYR A 660 -18.85 -12.11 -3.59
N ASP A 661 -17.62 -12.55 -3.81
CA ASP A 661 -16.60 -12.45 -2.79
C ASP A 661 -16.01 -11.04 -2.67
N GLY A 662 -16.59 -10.06 -3.38
CA GLY A 662 -16.14 -8.69 -3.24
C GLY A 662 -14.85 -8.35 -3.96
N THR A 663 -14.45 -9.17 -4.93
CA THR A 663 -13.24 -8.91 -5.67
C THR A 663 -13.52 -9.16 -7.14
N ALA A 664 -12.70 -8.56 -7.98
CA ALA A 664 -12.62 -8.86 -9.40
C ALA A 664 -11.23 -9.41 -9.67
N GLN A 665 -11.15 -10.46 -10.47
CA GLN A 665 -9.85 -10.99 -10.83
C GLN A 665 -9.67 -11.07 -12.35
N VAL A 666 -8.47 -10.79 -12.79
CA VAL A 666 -8.11 -10.87 -14.19
C VAL A 666 -7.29 -12.13 -14.38
N TRP A 667 -7.55 -12.85 -15.45
CA TRP A 667 -6.87 -14.11 -15.65
C TRP A 667 -6.30 -14.17 -17.06
N ASP A 668 -5.16 -14.83 -17.20
CA ASP A 668 -4.79 -15.37 -18.52
C ASP A 668 -5.51 -16.70 -18.65
N ALA A 669 -6.62 -16.70 -19.39
CA ALA A 669 -7.44 -17.88 -19.46
C ALA A 669 -6.70 -19.03 -20.13
N LEU A 670 -5.80 -18.73 -21.07
CA LEU A 670 -5.13 -19.81 -21.79
C LEU A 670 -4.15 -20.54 -20.89
N ARG A 671 -3.34 -19.80 -20.13
CA ARG A 671 -2.42 -20.45 -19.22
C ARG A 671 -3.03 -20.71 -17.83
N GLU A 672 -4.35 -20.44 -17.67
CA GLU A 672 -5.08 -20.69 -16.43
C GLU A 672 -4.37 -20.02 -15.27
N GLU A 673 -3.84 -18.82 -15.53
CA GLU A 673 -3.04 -18.07 -14.63
C GLU A 673 -3.81 -16.85 -14.11
N PRO A 674 -3.89 -16.62 -12.78
CA PRO A 674 -4.48 -15.38 -12.25
C PRO A 674 -3.49 -14.21 -12.28
N LEU A 675 -3.83 -13.19 -13.04
CA LEU A 675 -2.91 -12.09 -13.26
C LEU A 675 -3.01 -11.03 -12.16
N CYS A 676 -4.24 -10.67 -11.78
CA CYS A 676 -4.41 -9.61 -10.79
C CYS A 676 -5.84 -9.61 -10.25
N ASN A 677 -5.96 -9.18 -9.00
CA ASN A 677 -7.19 -9.20 -8.21
C ASN A 677 -7.49 -7.81 -7.69
N PHE A 678 -8.66 -7.27 -8.03
CA PHE A 678 -9.05 -5.93 -7.58
C PHE A 678 -9.95 -6.03 -6.37
N ARG A 679 -9.53 -5.41 -5.25
CA ARG A 679 -10.20 -5.54 -3.96
C ARG A 679 -10.75 -4.21 -3.46
N GLY A 680 -11.02 -3.27 -4.37
CA GLY A 680 -11.39 -1.94 -3.94
C GLY A 680 -12.84 -1.81 -3.53
N HIS A 681 -13.73 -2.60 -4.10
CA HIS A 681 -15.12 -2.55 -3.68
C HIS A 681 -15.23 -3.01 -2.24
N ARG A 682 -16.24 -2.47 -1.56
CA ARG A 682 -16.59 -2.98 -0.23
C ARG A 682 -17.84 -3.83 -0.28
N GLY A 683 -18.36 -4.12 -1.45
CA GLY A 683 -19.42 -5.11 -1.46
C GLY A 683 -19.31 -6.18 -2.53
N ARG A 684 -20.40 -6.88 -2.78
CA ARG A 684 -20.41 -7.93 -3.77
C ARG A 684 -20.46 -7.34 -5.17
N LEU A 685 -19.59 -7.81 -6.06
CA LEU A 685 -19.58 -7.26 -7.42
C LEU A 685 -20.69 -7.88 -8.23
N LEU A 686 -21.26 -7.06 -9.12
CA LEU A 686 -22.39 -7.45 -9.94
C LEU A 686 -22.10 -7.40 -11.44
N CYS A 687 -20.99 -6.80 -11.87
CA CYS A 687 -20.79 -6.50 -13.27
C CYS A 687 -19.39 -5.99 -13.48
N VAL A 688 -18.83 -6.28 -14.65
CA VAL A 688 -17.49 -5.92 -15.08
C VAL A 688 -17.56 -5.55 -16.54
N ALA A 689 -16.87 -4.49 -16.92
CA ALA A 689 -16.76 -4.15 -18.32
C ALA A 689 -15.33 -3.73 -18.55
N TRP A 690 -14.72 -4.31 -19.57
CA TRP A 690 -13.38 -3.90 -19.94
C TRP A 690 -13.45 -2.55 -20.65
N SER A 691 -12.51 -1.68 -20.34
CA SER A 691 -12.40 -0.45 -21.08
C SER A 691 -12.10 -0.76 -22.53
N PRO A 692 -12.86 -0.20 -23.47
CA PRO A 692 -12.56 -0.42 -24.89
C PRO A 692 -11.43 0.46 -25.41
N LEU A 693 -10.99 1.46 -24.64
CA LEU A 693 -9.89 2.30 -25.09
C LEU A 693 -8.55 1.95 -24.46
N ASP A 694 -8.52 1.52 -23.20
CA ASP A 694 -7.27 1.29 -22.50
C ASP A 694 -7.13 -0.18 -22.13
N PRO A 695 -6.03 -0.84 -22.50
CA PRO A 695 -5.90 -2.28 -22.22
C PRO A 695 -5.71 -2.63 -20.74
N ASP A 696 -5.35 -1.66 -19.91
CA ASP A 696 -5.05 -1.92 -18.51
C ASP A 696 -6.20 -1.56 -17.59
N CYS A 697 -7.34 -1.20 -18.15
CA CYS A 697 -8.31 -0.42 -17.42
C CYS A 697 -9.64 -1.16 -17.38
N ILE A 698 -10.26 -1.26 -16.19
CA ILE A 698 -11.49 -2.02 -16.03
C ILE A 698 -12.48 -1.26 -15.16
N TYR A 699 -13.76 -1.43 -15.49
CA TYR A 699 -14.89 -0.90 -14.71
C TYR A 699 -15.67 -2.03 -14.04
N SER A 700 -15.91 -1.89 -12.74
CA SER A 700 -16.74 -2.83 -12.03
C SER A 700 -17.73 -2.06 -11.16
N GLY A 701 -18.94 -2.62 -11.05
CA GLY A 701 -19.93 -2.11 -10.13
C GLY A 701 -20.31 -3.18 -9.11
N ALA A 702 -20.77 -2.73 -7.95
CA ALA A 702 -21.08 -3.64 -6.87
C ALA A 702 -22.31 -3.15 -6.13
N ASP A 703 -22.72 -3.95 -5.14
CA ASP A 703 -23.85 -3.69 -4.27
C ASP A 703 -23.52 -2.67 -3.17
N ASP A 704 -22.33 -2.09 -3.22
CA ASP A 704 -21.94 -0.98 -2.36
C ASP A 704 -22.22 0.39 -3.01
N PHE A 705 -23.12 0.46 -4.01
CA PHE A 705 -23.50 1.72 -4.66
C PHE A 705 -22.31 2.37 -5.36
N CYS A 706 -21.33 1.58 -5.78
CA CYS A 706 -20.07 2.08 -6.31
C CYS A 706 -19.77 1.49 -7.67
N VAL A 707 -19.25 2.34 -8.55
CA VAL A 707 -18.51 1.89 -9.73
C VAL A 707 -17.08 2.34 -9.62
N HIS A 708 -16.15 1.41 -9.83
CA HIS A 708 -14.72 1.67 -9.81
C HIS A 708 -14.14 1.45 -11.19
N LYS A 709 -13.28 2.36 -11.58
CA LYS A 709 -12.45 2.25 -12.77
C LYS A 709 -11.03 2.09 -12.24
N TRP A 710 -10.42 0.93 -12.49
CA TRP A 710 -9.12 0.60 -11.91
C TRP A 710 -8.17 0.09 -12.99
N LEU A 711 -6.87 0.14 -12.66
CA LEU A 711 -5.81 -0.26 -13.58
C LEU A 711 -5.26 -1.62 -13.18
N THR A 712 -5.31 -2.57 -14.11
CA THR A 712 -4.79 -3.92 -13.88
C THR A 712 -3.38 -3.89 -13.30
N SER A 713 -2.55 -2.96 -13.79
CA SER A 713 -1.16 -2.92 -13.34
C SER A 713 -1.01 -2.31 -11.96
N MET A 714 -2.05 -1.66 -11.43
CA MET A 714 -1.93 -1.02 -10.13
C MET A 714 -2.22 -1.94 -8.96
N GLN A 715 -2.74 -3.15 -9.19
CA GLN A 715 -3.20 -3.96 -8.09
C GLN A 715 -2.04 -4.58 -7.31
N ASP A 716 -2.20 -4.66 -5.98
CA ASP A 716 -1.17 -5.25 -5.13
C ASP A 716 -1.26 -6.77 -5.02
N HIS A 717 -2.38 -7.37 -5.43
CA HIS A 717 -2.66 -8.78 -5.22
C HIS A 717 -2.97 -9.45 -6.56
N SER A 718 -2.42 -10.65 -6.70
CA SER A 718 -2.61 -11.51 -7.87
C SER A 718 -3.92 -12.30 -7.83
N ARG A 719 -4.44 -12.66 -6.66
CA ARG A 719 -5.49 -13.67 -6.66
C ARG A 719 -6.51 -13.36 -5.57
N PRO A 720 -7.68 -13.99 -5.61
CA PRO A 720 -8.71 -13.65 -4.64
C PRO A 720 -8.30 -14.11 -3.26
N PRO A 721 -8.78 -13.44 -2.23
CA PRO A 721 -8.46 -13.84 -0.86
C PRO A 721 -8.94 -15.26 -0.61
N GLN A 722 -8.27 -15.94 0.32
CA GLN A 722 -8.66 -17.30 0.72
C GLN A 722 -9.86 -17.28 1.68
N GLN B 3 7.78 -3.11 18.93
CA GLN B 3 6.47 -2.60 18.56
C GLN B 3 6.54 -1.78 17.26
N GLU B 4 7.74 -1.34 16.89
CA GLU B 4 7.91 -0.58 15.66
C GLU B 4 8.88 -1.30 14.72
N PRO B 5 8.58 -1.32 13.42
CA PRO B 5 9.48 -1.94 12.45
C PRO B 5 10.84 -1.26 12.45
N ARG B 6 11.89 -2.07 12.40
CA ARG B 6 13.26 -1.58 12.26
C ARG B 6 13.91 -2.31 11.10
N THR B 7 14.98 -1.73 10.57
CA THR B 7 15.66 -2.39 9.45
C THR B 7 17.15 -2.17 9.54
N LEU B 8 17.90 -3.27 9.42
CA LEU B 8 19.35 -3.23 9.38
C LEU B 8 19.81 -3.26 7.93
N PRO B 9 20.13 -2.11 7.36
CA PRO B 9 20.37 -2.05 5.94
C PRO B 9 21.75 -2.60 5.63
N PRO B 10 22.01 -2.92 4.36
CA PRO B 10 23.38 -3.21 3.97
C PRO B 10 24.28 -2.02 4.20
N SER B 11 25.59 -2.26 4.12
CA SER B 11 26.54 -1.17 4.25
C SER B 11 26.45 -0.23 3.04
N PRO B 12 26.64 1.07 3.23
CA PRO B 12 26.78 1.98 2.09
C PRO B 12 28.01 1.63 1.26
N ASN B 13 27.91 1.78 -0.05
CA ASN B 13 28.98 1.38 -0.95
C ASN B 13 30.22 2.23 -0.74
N TRP B 14 31.38 1.64 -1.08
CA TRP B 14 32.70 2.19 -0.81
C TRP B 14 33.29 2.81 -2.08
N TYR B 15 34.20 3.77 -1.88
CA TYR B 15 34.97 4.39 -2.98
C TYR B 15 34.06 5.00 -4.04
N CYS B 16 32.99 5.66 -3.59
CA CYS B 16 32.10 6.41 -4.47
C CYS B 16 32.16 7.87 -4.06
N ALA B 17 32.52 8.74 -5.02
CA ALA B 17 32.59 10.17 -4.74
C ALA B 17 31.26 10.71 -4.25
N ARG B 18 30.15 10.22 -4.81
CA ARG B 18 28.82 10.67 -4.38
C ARG B 18 27.83 9.51 -4.50
N CYS B 19 27.71 8.72 -3.45
CA CYS B 19 26.64 7.73 -3.38
C CYS B 19 25.71 7.97 -2.19
N SER B 20 25.78 9.15 -1.59
CA SER B 20 24.77 9.54 -0.61
C SER B 20 24.58 11.05 -0.66
N ASP B 21 23.37 11.49 -0.28
CA ASP B 21 22.99 12.89 -0.34
C ASP B 21 21.80 13.09 0.58
N ALA B 22 21.56 14.34 0.96
CA ALA B 22 20.47 14.66 1.87
C ALA B 22 19.85 16.00 1.50
N VAL B 23 18.62 16.20 1.96
CA VAL B 23 17.87 17.43 1.67
C VAL B 23 17.31 17.98 2.99
N PRO B 24 16.85 19.24 3.01
CA PRO B 24 16.36 19.86 4.25
C PRO B 24 15.12 19.20 4.85
N GLY B 25 14.93 19.46 6.15
CA GLY B 25 13.77 19.02 6.88
C GLY B 25 14.16 17.73 7.55
N GLY B 26 14.62 16.78 6.73
CA GLY B 26 15.33 15.63 7.20
C GLY B 26 15.11 14.39 6.36
N LEU B 27 15.73 14.34 5.19
CA LEU B 27 15.69 13.13 4.36
C LEU B 27 17.09 12.79 3.90
N PHE B 28 17.53 11.57 4.20
CA PHE B 28 18.86 11.10 3.85
C PHE B 28 18.75 9.83 3.02
N GLY B 29 19.53 9.76 1.96
CA GLY B 29 19.58 8.58 1.12
C GLY B 29 21.02 8.17 0.95
N PHE B 30 21.27 6.85 1.01
CA PHE B 30 22.61 6.32 0.81
C PHE B 30 22.52 5.05 -0.01
N ALA B 31 23.46 4.90 -0.93
CA ALA B 31 23.50 3.74 -1.81
C ALA B 31 24.13 2.56 -1.08
N ALA B 32 23.35 1.48 -0.92
CA ALA B 32 23.82 0.22 -0.35
C ALA B 32 23.53 -0.90 -1.34
N ARG B 33 24.58 -1.53 -1.86
CA ARG B 33 24.43 -2.66 -2.80
C ARG B 33 23.70 -2.15 -4.04
N THR B 34 22.58 -2.76 -4.41
CA THR B 34 21.81 -2.41 -5.60
C THR B 34 20.69 -1.42 -5.29
N SER B 35 20.67 -0.86 -4.09
CA SER B 35 19.54 -0.04 -3.68
C SER B 35 20.03 1.27 -3.06
N VAL B 36 19.08 2.16 -2.85
CA VAL B 36 19.28 3.37 -2.08
C VAL B 36 18.29 3.33 -0.93
N PHE B 37 18.79 3.48 0.29
CA PHE B 37 17.97 3.47 1.49
C PHE B 37 17.74 4.89 1.94
N LEU B 38 16.48 5.20 2.26
CA LEU B 38 16.04 6.54 2.63
C LEU B 38 15.82 6.59 4.13
N VAL B 39 16.47 7.54 4.79
CA VAL B 39 16.39 7.68 6.25
C VAL B 39 15.88 9.08 6.57
N ARG B 40 14.65 9.14 7.09
CA ARG B 40 14.10 10.39 7.60
C ARG B 40 14.84 10.80 8.87
N VAL B 41 15.26 12.07 8.93
CA VAL B 41 15.99 12.62 10.07
C VAL B 41 15.29 13.89 10.54
N GLY B 42 15.43 14.20 11.83
CA GLY B 42 14.79 15.37 12.37
C GLY B 42 13.45 15.07 13.01
N PRO B 43 12.63 16.12 13.19
CA PRO B 43 11.32 15.92 13.82
C PRO B 43 10.42 14.95 13.09
N GLY B 44 10.49 14.94 11.75
CA GLY B 44 9.59 14.14 10.95
C GLY B 44 9.77 12.65 11.13
N ALA B 45 10.90 12.22 11.72
CA ALA B 45 11.09 10.81 12.04
C ALA B 45 9.96 10.27 12.93
N GLY B 46 9.41 11.10 13.82
CA GLY B 46 8.36 10.66 14.69
C GLY B 46 8.83 9.88 15.89
N GLU B 47 10.13 9.84 16.15
CA GLU B 47 10.65 9.06 17.28
C GLU B 47 10.43 9.82 18.58
N SER B 48 10.20 9.05 19.65
CA SER B 48 9.99 9.66 20.95
C SER B 48 11.29 10.28 21.45
N PRO B 49 11.20 11.23 22.36
CA PRO B 49 12.39 11.95 22.81
C PRO B 49 13.31 11.06 23.64
N GLY B 50 14.59 11.45 23.68
CA GLY B 50 15.64 10.65 24.29
C GLY B 50 16.19 9.59 23.38
N THR B 51 15.71 9.50 22.15
CA THR B 51 16.01 8.53 21.12
C THR B 51 16.70 9.23 19.96
N PRO B 52 17.61 8.57 19.26
CA PRO B 52 18.09 9.12 18.00
C PRO B 52 16.92 9.42 17.08
N PRO B 53 16.78 10.72 16.64
CA PRO B 53 15.63 11.12 15.81
C PRO B 53 15.84 10.75 14.34
N PHE B 54 15.90 9.45 14.08
CA PHE B 54 16.03 8.97 12.72
C PHE B 54 15.26 7.67 12.57
N ARG B 55 14.80 7.43 11.34
CA ARG B 55 14.12 6.19 11.03
C ARG B 55 14.32 5.84 9.56
N VAL B 56 14.52 4.55 9.29
CA VAL B 56 14.57 4.05 7.92
C VAL B 56 13.13 3.90 7.42
N ILE B 57 12.77 4.66 6.40
CA ILE B 57 11.36 4.70 6.00
C ILE B 57 11.17 3.98 4.68
N GLY B 58 12.23 3.89 3.87
CA GLY B 58 12.03 3.24 2.59
C GLY B 58 13.32 2.97 1.87
N GLU B 59 13.17 2.22 0.78
CA GLU B 59 14.29 1.81 -0.05
C GLU B 59 13.89 1.94 -1.52
N LEU B 60 14.87 2.31 -2.35
CA LEU B 60 14.67 2.50 -3.78
C LEU B 60 15.17 1.27 -4.52
N VAL B 61 14.24 0.48 -5.06
CA VAL B 61 14.57 -0.82 -5.62
C VAL B 61 14.26 -0.77 -7.12
N GLY B 62 15.24 -1.12 -7.93
CA GLY B 62 15.12 -1.01 -9.37
C GLY B 62 16.39 -1.39 -10.09
N HIS B 63 17.53 -0.90 -9.62
CA HIS B 63 18.79 -1.21 -10.28
C HIS B 63 19.17 -2.68 -10.08
N THR B 64 19.63 -3.31 -11.15
CA THR B 64 20.09 -4.68 -11.10
C THR B 64 21.59 -4.81 -10.82
N GLU B 65 22.32 -3.70 -10.70
CA GLU B 65 23.75 -3.76 -10.39
C GLU B 65 24.07 -2.71 -9.34
N ARG B 66 25.30 -2.80 -8.82
CA ARG B 66 25.79 -1.87 -7.80
C ARG B 66 25.49 -0.43 -8.17
N VAL B 67 25.05 0.34 -7.19
CA VAL B 67 24.67 1.73 -7.38
C VAL B 67 25.90 2.59 -7.13
N SER B 68 26.36 3.29 -8.16
CA SER B 68 27.61 4.04 -8.09
C SER B 68 27.42 5.47 -7.63
N GLY B 69 26.23 6.03 -7.81
CA GLY B 69 26.00 7.43 -7.47
C GLY B 69 24.55 7.70 -7.14
N PHE B 70 24.35 8.57 -6.16
CA PHE B 70 23.02 9.02 -5.78
C PHE B 70 23.04 10.53 -5.60
N THR B 71 21.99 11.20 -6.08
CA THR B 71 22.00 12.66 -5.97
C THR B 71 20.57 13.16 -5.79
N PHE B 72 20.41 14.05 -4.83
CA PHE B 72 19.11 14.66 -4.53
C PHE B 72 18.96 15.91 -5.37
N SER B 73 17.77 16.11 -5.93
CA SER B 73 17.40 17.43 -6.42
C SER B 73 17.32 18.40 -5.27
N HIS B 74 18.09 19.48 -5.33
CA HIS B 74 18.10 20.44 -4.25
C HIS B 74 17.24 21.66 -4.52
N HIS B 75 16.35 21.60 -5.52
CA HIS B 75 15.51 22.75 -5.81
C HIS B 75 14.26 22.76 -4.93
N PRO B 76 13.88 23.92 -4.40
CA PRO B 76 12.65 24.00 -3.61
C PRO B 76 11.44 23.48 -4.38
N GLY B 77 10.56 22.77 -3.66
CA GLY B 77 9.44 22.12 -4.29
C GLY B 77 9.78 20.88 -5.09
N GLN B 78 11.07 20.59 -5.31
CA GLN B 78 11.52 19.39 -6.02
C GLN B 78 12.38 18.48 -5.14
N TYR B 79 12.31 18.65 -3.80
CA TYR B 79 13.17 17.88 -2.90
C TYR B 79 12.87 16.38 -2.93
N ASN B 80 11.71 15.99 -3.44
CA ASN B 80 11.35 14.58 -3.50
C ASN B 80 12.11 13.86 -4.62
N LEU B 81 12.53 14.56 -5.66
CA LEU B 81 13.16 13.89 -6.79
C LEU B 81 14.64 13.71 -6.53
N CYS B 82 15.21 12.70 -7.18
CA CYS B 82 16.62 12.36 -7.03
C CYS B 82 17.02 11.51 -8.23
N ALA B 83 18.33 11.31 -8.38
CA ALA B 83 18.87 10.55 -9.50
C ALA B 83 19.85 9.49 -9.00
N THR B 84 19.97 8.40 -9.76
CA THR B 84 20.82 7.27 -9.38
C THR B 84 21.67 6.82 -10.56
N SER B 85 22.95 6.54 -10.29
CA SER B 85 23.80 5.85 -11.25
C SER B 85 24.10 4.45 -10.73
N SER B 86 24.32 3.54 -11.67
CA SER B 86 24.51 2.13 -11.33
C SER B 86 25.44 1.47 -12.34
N ASP B 87 26.08 0.37 -11.90
CA ASP B 87 26.93 -0.43 -12.80
C ASP B 87 26.16 -1.05 -13.95
N ASP B 88 24.84 -1.11 -13.80
CA ASP B 88 23.96 -1.25 -14.93
C ASP B 88 24.38 -0.44 -16.13
N GLY B 89 24.82 0.80 -15.92
CA GLY B 89 24.90 1.80 -17.00
C GLY B 89 23.62 2.57 -17.23
N THR B 90 22.69 2.50 -16.28
CA THR B 90 21.38 3.17 -16.33
C THR B 90 21.44 4.31 -15.33
N VAL B 91 20.85 5.44 -15.69
CA VAL B 91 20.65 6.58 -14.79
C VAL B 91 19.15 6.70 -14.61
N LYS B 92 18.70 6.85 -13.36
CA LYS B 92 17.28 6.80 -13.07
C LYS B 92 16.87 7.98 -12.21
N ILE B 93 15.71 8.56 -12.52
CA ILE B 93 15.12 9.66 -11.76
C ILE B 93 14.02 9.08 -10.89
N TRP B 94 14.12 9.27 -9.58
CA TRP B 94 13.19 8.66 -8.64
C TRP B 94 12.38 9.73 -7.91
N ASP B 95 11.12 9.38 -7.62
CA ASP B 95 10.29 10.10 -6.67
C ASP B 95 10.36 9.39 -5.32
N VAL B 96 10.84 10.08 -4.28
CA VAL B 96 11.03 9.40 -2.99
C VAL B 96 9.68 9.09 -2.34
N GLU B 97 8.66 9.89 -2.61
CA GLU B 97 7.37 9.68 -1.99
C GLU B 97 6.75 8.36 -2.47
N THR B 98 6.70 8.17 -3.78
CA THR B 98 6.17 6.96 -4.38
C THR B 98 7.22 5.87 -4.57
N LYS B 99 8.51 6.20 -4.43
CA LYS B 99 9.62 5.24 -4.59
C LYS B 99 9.66 4.64 -5.99
N THR B 100 9.30 5.43 -6.99
CA THR B 100 9.22 4.95 -8.36
C THR B 100 10.07 5.83 -9.27
N VAL B 101 10.37 5.29 -10.46
CA VAL B 101 11.24 5.92 -11.44
C VAL B 101 10.38 6.68 -12.43
N VAL B 102 10.59 7.99 -12.50
CA VAL B 102 9.88 8.77 -13.52
C VAL B 102 10.45 8.50 -14.90
N THR B 103 11.76 8.63 -15.06
CA THR B 103 12.42 8.39 -16.33
C THR B 103 13.81 7.81 -16.05
N GLU B 104 14.40 7.23 -17.07
CA GLU B 104 15.74 6.67 -16.97
C GLU B 104 16.44 6.80 -18.32
N HIS B 105 17.77 6.84 -18.28
CA HIS B 105 18.54 6.86 -19.52
C HIS B 105 19.71 5.89 -19.42
N ALA B 106 19.99 5.24 -20.54
CA ALA B 106 21.09 4.29 -20.66
C ALA B 106 22.12 4.78 -21.67
N LEU B 107 22.33 6.10 -21.70
CA LEU B 107 23.21 6.71 -22.69
C LEU B 107 24.66 6.24 -22.52
N HIS B 108 25.13 6.14 -21.28
CA HIS B 108 26.52 5.79 -21.04
C HIS B 108 26.82 4.42 -21.61
N GLN B 109 27.91 4.33 -22.37
CA GLN B 109 28.43 3.09 -22.92
C GLN B 109 29.58 2.54 -22.10
N HIS B 110 29.89 3.18 -20.98
CA HIS B 110 30.96 2.79 -20.08
C HIS B 110 30.41 2.85 -18.65
N THR B 111 31.05 2.12 -17.74
CA THR B 111 30.60 2.11 -16.35
C THR B 111 30.63 3.52 -15.77
N ILE B 112 29.52 3.93 -15.17
CA ILE B 112 29.39 5.32 -14.72
C ILE B 112 30.15 5.49 -13.41
N SER B 113 30.93 6.58 -13.32
CA SER B 113 31.65 6.86 -12.08
C SER B 113 30.75 7.58 -11.09
N THR B 114 30.09 8.64 -11.53
CA THR B 114 29.33 9.48 -10.61
C THR B 114 28.32 10.28 -11.43
N LEU B 115 27.38 10.89 -10.71
CA LEU B 115 26.41 11.79 -11.32
C LEU B 115 26.13 12.92 -10.34
N HIS B 116 25.48 13.98 -10.84
CA HIS B 116 25.17 15.11 -10.00
C HIS B 116 23.94 15.81 -10.52
N TRP B 117 23.01 16.15 -9.61
CA TRP B 117 21.88 16.96 -10.00
C TRP B 117 22.32 18.42 -10.06
N SER B 118 22.02 19.09 -11.17
CA SER B 118 22.35 20.50 -11.25
C SER B 118 21.57 21.27 -10.20
N PRO B 119 22.22 22.13 -9.42
CA PRO B 119 21.48 22.95 -8.46
C PRO B 119 20.86 24.21 -9.05
N ARG B 120 21.33 24.65 -10.22
CA ARG B 120 20.69 25.83 -10.78
C ARG B 120 19.61 25.49 -11.80
N VAL B 121 19.70 24.37 -12.51
CA VAL B 121 18.67 23.98 -13.47
C VAL B 121 17.93 22.79 -12.90
N LYS B 122 16.60 22.90 -12.83
CA LYS B 122 15.81 21.94 -12.06
C LYS B 122 15.88 20.53 -12.61
N ASP B 123 15.99 20.38 -13.93
CA ASP B 123 15.86 19.06 -14.55
C ASP B 123 17.16 18.56 -15.16
N LEU B 124 18.30 19.11 -14.74
CA LEU B 124 19.59 18.77 -15.32
C LEU B 124 20.37 17.78 -14.43
N ILE B 125 20.74 16.64 -14.99
CA ILE B 125 21.56 15.65 -14.30
C ILE B 125 22.80 15.42 -15.14
N VAL B 126 23.97 15.56 -14.52
CA VAL B 126 25.25 15.40 -15.20
C VAL B 126 25.95 14.17 -14.63
N SER B 127 26.37 13.27 -15.53
CA SER B 127 27.00 12.00 -15.16
C SER B 127 28.28 11.82 -15.95
N GLY B 128 29.26 11.13 -15.34
CA GLY B 128 30.53 10.86 -15.99
C GLY B 128 30.90 9.40 -15.85
N ASP B 129 31.75 8.93 -16.76
CA ASP B 129 32.08 7.51 -16.78
C ASP B 129 33.59 7.26 -16.65
N GLU B 130 33.94 5.97 -16.65
CA GLU B 130 35.33 5.52 -16.50
C GLU B 130 36.21 6.10 -17.61
N LYS B 131 35.66 6.24 -18.80
CA LYS B 131 36.48 6.64 -19.93
C LYS B 131 36.50 8.15 -20.18
N GLY B 132 35.82 8.94 -19.34
CA GLY B 132 35.86 10.38 -19.45
C GLY B 132 34.71 10.99 -20.22
N VAL B 133 33.69 10.20 -20.58
CA VAL B 133 32.52 10.73 -21.27
C VAL B 133 31.59 11.33 -20.24
N VAL B 134 31.11 12.53 -20.51
CA VAL B 134 30.16 13.22 -19.66
C VAL B 134 28.84 13.29 -20.40
N PHE B 135 27.74 13.16 -19.67
CA PHE B 135 26.41 13.26 -20.24
C PHE B 135 25.61 14.26 -19.42
N CYS B 136 25.00 15.21 -20.10
CA CYS B 136 24.03 16.12 -19.54
C CYS B 136 22.66 15.66 -19.96
N TYR B 137 21.74 15.57 -19.01
CA TYR B 137 20.42 15.01 -19.27
C TYR B 137 19.37 15.91 -18.65
N TRP B 138 18.45 16.38 -19.47
CA TRP B 138 17.32 17.21 -19.05
C TRP B 138 16.05 16.36 -19.15
N PHE B 139 15.60 15.82 -18.00
CA PHE B 139 14.55 14.80 -18.07
C PHE B 139 13.20 15.40 -18.45
N ASN B 140 12.92 16.63 -18.02
CA ASN B 140 11.67 17.27 -18.42
C ASN B 140 11.63 17.50 -19.94
N ARG B 141 12.74 18.00 -20.51
CA ARG B 141 12.81 18.26 -21.94
C ARG B 141 13.19 17.03 -22.76
N ASN B 142 13.58 15.92 -22.10
CA ASN B 142 14.09 14.73 -22.77
C ASN B 142 15.16 15.09 -23.80
N ASP B 143 16.11 15.91 -23.36
CA ASP B 143 17.26 16.20 -24.20
C ASP B 143 18.52 15.76 -23.47
N SER B 144 19.45 15.22 -24.25
CA SER B 144 20.71 14.72 -23.74
C SER B 144 21.84 15.26 -24.60
N GLN B 145 22.95 15.59 -23.97
CA GLN B 145 24.11 16.06 -24.72
C GLN B 145 25.34 15.27 -24.31
N HIS B 146 26.06 14.80 -25.31
CA HIS B 146 27.27 14.01 -25.11
C HIS B 146 28.48 14.94 -25.12
N LEU B 147 29.27 14.87 -24.06
CA LEU B 147 30.49 15.67 -23.95
C LEU B 147 31.67 14.75 -23.67
N PHE B 148 32.81 15.07 -24.30
CA PHE B 148 34.07 14.40 -24.05
C PHE B 148 35.13 15.46 -23.85
N ILE B 149 35.85 15.37 -22.75
CA ILE B 149 36.81 16.38 -22.34
C ILE B 149 38.24 15.85 -22.39
N GLU B 150 38.53 14.82 -21.58
CA GLU B 150 39.86 14.30 -21.49
C GLU B 150 39.77 12.78 -21.38
N PRO B 151 40.68 12.07 -21.99
CA PRO B 151 40.75 10.60 -21.95
C PRO B 151 41.34 10.09 -20.65
N ARG B 152 40.62 10.33 -19.55
CA ARG B 152 41.04 9.93 -18.23
C ARG B 152 39.82 9.48 -17.44
N THR B 153 40.06 8.63 -16.44
CA THR B 153 38.97 8.12 -15.62
C THR B 153 38.41 9.21 -14.71
N ILE B 154 37.10 9.38 -14.72
CA ILE B 154 36.45 10.40 -13.91
C ILE B 154 36.22 9.86 -12.51
N PHE B 155 36.77 10.53 -11.50
CA PHE B 155 36.49 10.09 -10.13
C PHE B 155 35.34 10.87 -9.52
N CYS B 156 35.31 12.19 -9.69
CA CYS B 156 34.20 12.97 -9.15
C CYS B 156 33.78 14.08 -10.11
N LEU B 157 32.55 14.53 -9.92
CA LEU B 157 31.87 15.47 -10.80
C LEU B 157 30.98 16.36 -9.94
N THR B 158 31.15 17.68 -10.02
CA THR B 158 30.34 18.58 -9.18
C THR B 158 29.95 19.83 -9.95
N CYS B 159 28.66 19.97 -10.24
CA CYS B 159 28.16 21.18 -10.90
C CYS B 159 28.38 22.40 -10.03
N SER B 160 28.56 23.53 -10.67
CA SER B 160 28.69 24.76 -9.91
C SER B 160 27.31 25.25 -9.48
N PRO B 161 27.16 25.69 -8.23
CA PRO B 161 25.89 26.27 -7.80
C PRO B 161 25.70 27.70 -8.28
N HIS B 162 26.79 28.45 -8.33
CA HIS B 162 26.72 29.85 -8.73
C HIS B 162 26.49 29.98 -10.23
N HIS B 163 27.19 29.17 -11.03
CA HIS B 163 27.17 29.28 -12.49
C HIS B 163 26.50 28.03 -13.07
N GLU B 164 25.34 28.22 -13.69
CA GLU B 164 24.58 27.10 -14.23
C GLU B 164 25.37 26.27 -15.23
N ASP B 165 26.32 26.89 -15.93
CA ASP B 165 27.02 26.22 -17.02
C ASP B 165 28.36 25.63 -16.61
N LEU B 166 28.81 25.85 -15.38
CA LEU B 166 30.12 25.39 -14.97
C LEU B 166 30.02 24.05 -14.25
N VAL B 167 30.89 23.12 -14.62
CA VAL B 167 30.94 21.80 -13.99
C VAL B 167 32.40 21.46 -13.74
N ALA B 168 32.71 21.00 -12.53
CA ALA B 168 34.05 20.63 -12.12
C ALA B 168 34.19 19.11 -12.11
N ILE B 169 35.21 18.61 -12.82
CA ILE B 169 35.44 17.19 -12.99
C ILE B 169 36.81 16.87 -12.41
N GLY B 170 36.87 15.84 -11.57
CA GLY B 170 38.13 15.35 -11.00
C GLY B 170 38.40 13.94 -11.48
N TYR B 171 39.66 13.68 -11.81
CA TYR B 171 40.05 12.44 -12.48
C TYR B 171 40.95 11.60 -11.59
N LYS B 172 41.00 10.30 -11.92
CA LYS B 172 41.89 9.36 -11.24
C LYS B 172 43.35 9.82 -11.35
N ASP B 173 43.72 10.44 -12.46
CA ASP B 173 45.08 10.93 -12.64
C ASP B 173 45.43 12.08 -11.68
N GLY B 174 44.43 12.68 -11.05
CA GLY B 174 44.67 13.87 -10.27
C GLY B 174 44.43 15.16 -11.00
N ILE B 175 44.07 15.10 -12.26
CA ILE B 175 43.76 16.31 -13.00
C ILE B 175 42.35 16.78 -12.64
N VAL B 176 42.22 18.09 -12.45
CA VAL B 176 40.94 18.77 -12.25
C VAL B 176 40.79 19.79 -13.36
N VAL B 177 39.62 19.81 -14.00
CA VAL B 177 39.27 20.80 -15.02
C VAL B 177 37.91 21.39 -14.68
N ILE B 178 37.65 22.59 -15.19
CA ILE B 178 36.34 23.21 -15.16
C ILE B 178 35.86 23.37 -16.59
N ILE B 179 34.66 22.89 -16.88
CA ILE B 179 34.12 22.88 -18.23
C ILE B 179 32.80 23.65 -18.26
N ASP B 180 32.51 24.25 -19.42
CA ASP B 180 31.24 24.94 -19.69
C ASP B 180 30.34 24.03 -20.51
N ILE B 181 29.18 23.69 -19.95
CA ILE B 181 28.24 22.80 -20.64
C ILE B 181 27.69 23.46 -21.89
N SER B 182 27.46 24.78 -21.83
CA SER B 182 26.84 25.51 -22.92
C SER B 182 27.75 25.65 -24.13
N LYS B 183 29.07 25.55 -23.94
CA LYS B 183 30.03 25.62 -25.04
C LYS B 183 30.56 24.23 -25.40
N LYS B 184 29.67 23.23 -25.42
CA LYS B 184 29.99 21.87 -25.85
C LYS B 184 31.12 21.25 -25.02
N GLY B 185 31.22 21.62 -23.75
CA GLY B 185 32.20 21.00 -22.88
C GLY B 185 33.59 21.59 -22.92
N GLU B 186 33.75 22.75 -23.57
CA GLU B 186 35.03 23.44 -23.63
C GLU B 186 35.63 23.60 -22.25
N VAL B 187 36.95 23.43 -22.15
CA VAL B 187 37.64 23.48 -20.87
C VAL B 187 37.94 24.94 -20.57
N ILE B 188 37.25 25.47 -19.56
CA ILE B 188 37.45 26.86 -19.19
C ILE B 188 38.72 27.01 -18.38
N HIS B 189 38.92 26.13 -17.40
CA HIS B 189 40.05 26.16 -16.51
C HIS B 189 40.57 24.74 -16.33
N ARG B 190 41.89 24.61 -16.34
CA ARG B 190 42.55 23.34 -16.05
C ARG B 190 43.38 23.53 -14.80
N LEU B 191 43.04 22.78 -13.76
CA LEU B 191 43.66 22.96 -12.46
C LEU B 191 44.77 21.91 -12.30
N ARG B 192 46.00 22.40 -12.27
CA ARG B 192 47.21 21.59 -12.22
C ARG B 192 47.72 21.59 -10.79
N GLY B 193 47.88 20.40 -10.18
CA GLY B 193 48.34 20.37 -8.80
C GLY B 193 48.41 19.00 -8.15
N HIS B 194 47.30 18.28 -8.12
CA HIS B 194 47.27 16.97 -7.45
C HIS B 194 47.98 15.95 -8.31
N ASP B 195 48.74 15.04 -7.69
CA ASP B 195 49.30 13.95 -8.43
C ASP B 195 48.66 12.60 -8.09
N ASP B 196 47.50 12.60 -7.45
CA ASP B 196 46.76 11.38 -7.14
C ASP B 196 45.27 11.65 -7.35
N GLU B 197 44.50 10.57 -7.40
CA GLU B 197 43.07 10.64 -7.72
C GLU B 197 42.34 11.69 -6.87
N ILE B 198 41.42 12.41 -7.51
CA ILE B 198 40.60 13.42 -6.85
C ILE B 198 39.38 12.72 -6.28
N HIS B 199 39.21 12.79 -4.95
CA HIS B 199 38.09 12.10 -4.34
C HIS B 199 36.85 12.96 -4.25
N SER B 200 37.01 14.28 -4.11
CA SER B 200 35.85 15.15 -4.04
C SER B 200 36.21 16.55 -4.48
N ILE B 201 35.24 17.25 -5.05
CA ILE B 201 35.35 18.66 -5.42
C ILE B 201 34.24 19.43 -4.72
N ALA B 202 34.60 20.49 -3.99
CA ALA B 202 33.65 21.31 -3.25
C ALA B 202 33.74 22.77 -3.68
N TRP B 203 32.64 23.32 -4.21
CA TRP B 203 32.58 24.72 -4.62
C TRP B 203 32.30 25.62 -3.42
N CYS B 204 32.95 26.78 -3.37
CA CYS B 204 32.69 27.68 -2.24
C CYS B 204 31.23 28.09 -2.23
N PRO B 205 30.55 28.01 -1.09
CA PRO B 205 29.12 28.37 -1.05
C PRO B 205 28.86 29.83 -1.39
N LEU B 206 29.83 30.72 -1.18
CA LEU B 206 29.61 32.13 -1.49
C LEU B 206 30.40 32.53 -2.73
N PRO B 207 29.80 33.34 -3.62
CA PRO B 207 30.41 33.84 -4.86
C PRO B 207 31.72 34.61 -4.67
N CYS B 240 35.03 33.24 -7.83
CA CYS B 240 34.56 31.99 -7.23
C CYS B 240 35.74 31.15 -6.73
N TYR B 241 35.48 30.34 -5.70
CA TYR B 241 36.49 29.55 -5.02
C TYR B 241 36.06 28.08 -4.97
N LEU B 242 37.02 27.20 -5.14
CA LEU B 242 36.75 25.77 -5.28
C LEU B 242 37.77 24.99 -4.46
N ALA B 243 37.36 23.82 -3.95
CA ALA B 243 38.23 22.99 -3.12
C ALA B 243 38.26 21.57 -3.65
N THR B 244 39.43 20.94 -3.57
CA THR B 244 39.60 19.58 -4.07
C THR B 244 40.36 18.73 -3.07
N GLY B 245 39.95 17.49 -2.93
CA GLY B 245 40.59 16.56 -2.00
C GLY B 245 41.08 15.35 -2.77
N SER B 246 42.26 14.87 -2.39
CA SER B 246 42.90 13.88 -3.22
C SER B 246 43.53 12.78 -2.37
N LYS B 247 43.73 11.63 -3.02
CA LYS B 247 44.36 10.45 -2.45
C LYS B 247 45.79 10.73 -1.99
N ASP B 248 46.34 11.87 -2.40
CA ASP B 248 47.68 12.29 -2.03
C ASP B 248 47.71 13.06 -0.72
N GLN B 249 46.67 12.93 0.09
CA GLN B 249 46.59 13.55 1.42
C GLN B 249 46.67 15.07 1.35
N THR B 250 46.11 15.65 0.29
CA THR B 250 46.22 17.07 0.03
C THR B 250 44.84 17.63 -0.24
N ILE B 251 44.54 18.78 0.37
CA ILE B 251 43.33 19.55 0.12
C ILE B 251 43.79 20.87 -0.49
N ARG B 252 43.30 21.21 -1.68
CA ARG B 252 43.70 22.42 -2.37
C ARG B 252 42.50 23.32 -2.68
N ILE B 253 42.71 24.62 -2.48
CA ILE B 253 41.73 25.65 -2.81
C ILE B 253 42.17 26.31 -4.12
N TRP B 254 41.31 26.26 -5.13
CA TRP B 254 41.61 26.85 -6.42
C TRP B 254 40.83 28.15 -6.58
N SER B 255 41.45 29.13 -7.25
CA SER B 255 40.76 30.36 -7.62
C SER B 255 40.20 30.19 -9.02
N CYS B 256 38.89 30.45 -9.16
CA CYS B 256 38.21 30.17 -10.42
C CYS B 256 38.62 31.17 -11.49
N SER B 257 38.68 32.45 -11.13
CA SER B 257 39.06 33.41 -12.16
C SER B 257 40.57 33.44 -12.37
N ARG B 258 41.37 33.38 -11.29
CA ARG B 258 42.81 33.29 -11.47
C ARG B 258 43.18 32.02 -12.22
N GLY B 259 42.48 30.92 -11.97
CA GLY B 259 42.76 29.64 -12.59
C GLY B 259 43.82 28.82 -11.89
N ARG B 260 44.32 29.27 -10.74
CA ARG B 260 45.42 28.63 -10.05
C ARG B 260 45.06 28.45 -8.58
N GLY B 261 45.70 27.47 -7.95
CA GLY B 261 45.44 27.18 -6.56
C GLY B 261 45.89 28.31 -5.64
N VAL B 262 45.06 28.62 -4.67
CA VAL B 262 45.35 29.70 -3.74
C VAL B 262 45.94 29.22 -2.43
N MET B 263 45.72 27.98 -2.05
CA MET B 263 45.98 27.50 -0.71
C MET B 263 46.08 25.98 -0.77
N ILE B 264 46.93 25.41 0.07
CA ILE B 264 47.11 23.96 0.10
C ILE B 264 47.11 23.51 1.54
N LEU B 265 46.41 22.41 1.79
CA LEU B 265 46.17 21.91 3.13
C LEU B 265 46.64 20.47 3.22
N LYS B 266 47.56 20.19 4.15
CA LYS B 266 48.08 18.85 4.34
C LYS B 266 47.37 18.18 5.52
N LEU B 267 46.83 16.99 5.27
CA LEU B 267 46.18 16.25 6.35
C LEU B 267 47.23 15.73 7.33
N PRO B 268 46.98 15.85 8.62
CA PRO B 268 47.91 15.31 9.62
C PRO B 268 47.88 13.79 9.63
N PHE B 269 48.90 13.22 10.26
CA PHE B 269 49.02 11.78 10.33
C PHE B 269 48.63 11.25 11.71
N LYS B 282 50.71 3.83 2.73
CA LYS B 282 50.73 2.88 3.84
C LYS B 282 49.39 2.68 4.49
N GLU B 283 48.57 3.71 4.56
CA GLU B 283 47.26 3.53 5.15
C GLU B 283 46.20 4.13 4.24
N ARG B 284 45.30 3.26 3.81
CA ARG B 284 44.19 3.63 2.95
C ARG B 284 43.69 4.98 3.42
N LEU B 285 43.19 5.75 2.47
CA LEU B 285 42.61 7.07 2.73
C LEU B 285 41.71 7.46 1.59
N TRP B 286 40.54 7.98 1.93
CA TRP B 286 39.63 8.65 1.00
C TRP B 286 39.33 10.04 1.54
N LEU B 287 39.46 11.05 0.70
CA LEU B 287 39.37 12.43 1.14
C LEU B 287 38.10 13.06 0.59
N THR B 288 37.11 13.23 1.45
CA THR B 288 35.87 13.88 1.06
C THR B 288 35.77 15.21 1.77
N LEU B 289 35.17 16.20 1.12
CA LEU B 289 35.08 17.51 1.71
C LEU B 289 33.69 18.12 1.64
N HIS B 290 33.30 18.76 2.73
CA HIS B 290 32.01 19.42 2.81
C HIS B 290 32.24 20.87 3.17
N TRP B 291 31.65 21.77 2.39
CA TRP B 291 31.86 23.20 2.58
C TRP B 291 30.59 23.82 3.13
N PRO B 292 30.54 24.16 4.42
CA PRO B 292 29.29 24.64 5.01
C PRO B 292 28.86 25.99 4.44
N SER B 293 27.57 26.09 4.08
CA SER B 293 27.00 27.34 3.60
C SER B 293 26.94 28.39 4.71
N ASN B 294 26.56 27.99 5.92
CA ASN B 294 26.47 28.94 7.03
C ASN B 294 27.79 29.65 7.25
N GLN B 295 28.88 28.88 7.32
CA GLN B 295 30.21 29.44 7.53
C GLN B 295 31.08 29.19 6.31
N PRO B 296 31.28 30.20 5.45
CA PRO B 296 32.15 29.98 4.28
C PRO B 296 33.61 29.72 4.63
N THR B 297 34.13 30.33 5.71
CA THR B 297 35.54 30.16 6.05
C THR B 297 35.87 28.77 6.56
N GLN B 298 34.92 28.08 7.19
CA GLN B 298 35.20 26.75 7.72
C GLN B 298 35.11 25.69 6.63
N LEU B 299 35.94 24.66 6.73
CA LEU B 299 35.93 23.57 5.75
C LEU B 299 36.07 22.23 6.45
N VAL B 300 35.19 21.29 6.11
CA VAL B 300 35.12 20.00 6.79
C VAL B 300 35.64 18.91 5.86
N SER B 301 36.53 18.05 6.38
CA SER B 301 37.14 16.97 5.60
C SER B 301 37.26 15.70 6.43
N SER B 302 37.31 14.59 5.70
CA SER B 302 37.71 13.31 6.25
C SER B 302 39.23 13.24 6.32
N CYS B 303 39.70 12.20 7.00
CA CYS B 303 41.11 11.98 7.20
C CYS B 303 41.40 10.49 7.21
N PHE B 304 42.66 10.15 7.38
CA PHE B 304 43.08 8.77 7.59
C PHE B 304 42.32 8.17 8.78
N GLY B 305 42.03 6.88 8.71
CA GLY B 305 41.36 6.24 9.82
C GLY B 305 39.92 6.67 10.04
N GLY B 306 39.36 7.46 9.12
CA GLY B 306 38.00 7.92 9.24
C GLY B 306 37.80 9.12 10.14
N GLU B 307 38.87 9.76 10.60
CA GLU B 307 38.71 10.94 11.43
C GLU B 307 38.06 12.06 10.63
N LEU B 308 37.31 12.91 11.31
CA LEU B 308 36.70 14.07 10.66
C LEU B 308 37.35 15.33 11.20
N LEU B 309 37.61 16.27 10.30
CA LEU B 309 38.34 17.49 10.62
C LEU B 309 37.58 18.72 10.16
N GLN B 310 37.77 19.80 10.92
CA GLN B 310 37.24 21.11 10.57
C GLN B 310 38.43 22.04 10.38
N TRP B 311 38.55 22.58 9.17
CA TRP B 311 39.68 23.42 8.78
C TRP B 311 39.30 24.88 8.89
N ASP B 312 40.14 25.65 9.57
CA ASP B 312 40.05 27.11 9.54
C ASP B 312 40.99 27.61 8.46
N LEU B 313 40.41 28.01 7.31
CA LEU B 313 41.22 28.47 6.19
C LEU B 313 41.90 29.80 6.49
N THR B 314 41.31 30.61 7.37
CA THR B 314 41.91 31.89 7.72
C THR B 314 43.26 31.72 8.43
N GLN B 315 43.47 30.58 9.10
CA GLN B 315 44.73 30.31 9.80
C GLN B 315 45.46 29.12 9.17
N ARG B 319 47.70 26.05 9.78
CA ARG B 319 47.34 24.64 9.71
C ARG B 319 46.37 24.26 10.83
N LYS B 320 45.54 25.21 11.25
CA LYS B 320 44.61 24.99 12.35
C LYS B 320 43.48 24.08 11.91
N TYR B 321 43.23 23.02 12.70
CA TYR B 321 42.12 22.11 12.46
C TYR B 321 41.49 21.73 13.78
N THR B 322 40.23 21.32 13.73
CA THR B 322 39.55 20.78 14.90
C THR B 322 39.14 19.34 14.61
N LEU B 323 39.34 18.48 15.61
CA LEU B 323 39.05 17.06 15.50
C LEU B 323 37.67 16.76 16.09
N PHE B 324 36.80 16.18 15.27
CA PHE B 324 35.50 15.75 15.74
C PHE B 324 35.64 14.65 16.80
N SER B 325 34.62 14.54 17.65
CA SER B 325 34.58 13.51 18.69
C SER B 325 35.81 13.65 19.61
N ALA B 326 35.82 14.76 20.34
CA ALA B 326 36.88 15.03 21.30
C ALA B 326 36.94 13.93 22.35
N SER B 327 35.79 13.46 22.81
CA SER B 327 35.71 12.38 23.78
C SER B 327 35.83 11.03 23.12
N GLY B 330 35.87 4.79 19.90
CA GLY B 330 34.87 5.63 20.53
C GLY B 330 33.79 6.09 19.58
N GLN B 331 33.42 7.37 19.68
CA GLN B 331 32.35 7.89 18.83
C GLN B 331 32.79 8.00 17.37
N ASN B 332 34.07 8.28 17.10
CA ASN B 332 34.51 8.51 15.73
C ASN B 332 34.61 7.22 14.94
N HIS B 333 34.67 7.35 13.61
CA HIS B 333 34.81 6.21 12.70
C HIS B 333 36.17 5.53 12.89
N SER B 334 36.19 4.20 12.72
CA SER B 334 37.45 3.48 12.76
C SER B 334 38.03 3.22 11.37
N ARG B 335 37.31 3.56 10.30
CA ARG B 335 37.87 3.44 8.96
C ARG B 335 37.45 4.64 8.13
N ILE B 336 38.09 4.77 6.97
CA ILE B 336 38.00 5.98 6.16
C ILE B 336 36.55 6.31 5.82
N VAL B 337 36.29 7.60 5.63
CA VAL B 337 34.96 8.14 5.37
C VAL B 337 34.87 8.45 3.88
N PHE B 338 33.88 7.89 3.20
CA PHE B 338 33.75 8.18 1.78
C PHE B 338 32.92 9.44 1.52
N ASN B 339 31.79 9.60 2.21
CA ASN B 339 30.87 10.70 1.91
C ASN B 339 30.50 11.47 3.17
N LEU B 340 30.19 12.75 2.98
CA LEU B 340 29.69 13.64 4.03
C LEU B 340 28.46 14.38 3.50
N CYS B 341 27.36 14.30 4.24
CA CYS B 341 26.10 14.88 3.77
C CYS B 341 25.55 15.89 4.77
N PRO B 342 25.45 17.17 4.41
CA PRO B 342 24.83 18.16 5.30
C PRO B 342 23.32 18.05 5.26
N LEU B 343 22.71 18.10 6.43
CA LEU B 343 21.26 18.09 6.54
C LEU B 343 20.87 19.12 7.58
N GLN B 344 20.04 20.07 7.17
CA GLN B 344 19.43 21.01 8.09
C GLN B 344 18.03 20.50 8.43
N THR B 345 17.79 20.29 9.72
CA THR B 345 16.50 19.74 10.12
C THR B 345 15.43 20.82 10.09
N GLU B 346 14.18 20.37 10.17
CA GLU B 346 13.05 21.28 10.16
C GLU B 346 13.10 22.26 11.33
N ASP B 347 13.78 21.91 12.41
CA ASP B 347 13.88 22.79 13.57
C ASP B 347 15.25 23.49 13.67
N ASP B 348 15.93 23.64 12.54
CA ASP B 348 17.17 24.41 12.39
C ASP B 348 18.39 23.70 12.96
N LYS B 349 18.31 22.41 13.30
CA LYS B 349 19.51 21.64 13.65
C LYS B 349 20.45 21.57 12.45
N GLN B 350 21.77 21.63 12.71
CA GLN B 350 22.78 21.52 11.66
C GLN B 350 23.51 20.19 11.80
N LEU B 351 23.23 19.25 10.90
CA LEU B 351 23.82 17.92 11.00
C LEU B 351 24.65 17.57 9.76
N LEU B 352 25.68 16.77 9.97
CA LEU B 352 26.49 16.16 8.92
C LEU B 352 26.44 14.65 9.11
N LEU B 353 26.15 13.94 8.02
CA LEU B 353 25.98 12.50 8.09
C LEU B 353 27.15 11.81 7.35
N SER B 354 27.65 10.72 7.92
CA SER B 354 28.92 10.15 7.55
C SER B 354 28.74 8.68 7.19
N THR B 355 29.18 8.30 5.99
CA THR B 355 29.29 6.91 5.60
C THR B 355 30.77 6.53 5.60
N SER B 356 31.05 5.26 5.90
CA SER B 356 32.43 4.86 6.13
C SER B 356 32.63 3.39 5.79
N MET B 357 33.87 3.07 5.41
CA MET B 357 34.26 1.68 5.23
C MET B 357 33.97 0.84 6.48
N ASP B 358 33.93 1.47 7.65
CA ASP B 358 33.66 0.75 8.88
C ASP B 358 32.20 0.31 9.00
N ARG B 359 31.48 0.35 7.88
CA ARG B 359 30.08 -0.03 7.82
C ARG B 359 29.23 0.62 8.91
N ASP B 360 29.38 1.92 9.07
CA ASP B 360 28.64 2.65 10.10
C ASP B 360 28.29 4.05 9.63
N VAL B 361 27.01 4.39 9.70
CA VAL B 361 26.57 5.72 9.29
C VAL B 361 26.45 6.57 10.56
N LYS B 362 27.22 7.65 10.64
CA LYS B 362 27.23 8.48 11.82
C LYS B 362 26.65 9.84 11.51
N CYS B 363 25.92 10.38 12.47
CA CYS B 363 25.28 11.67 12.32
C CYS B 363 25.93 12.61 13.31
N TRP B 364 26.63 13.62 12.79
CA TRP B 364 27.39 14.53 13.60
C TRP B 364 26.59 15.81 13.77
N ASP B 365 26.53 16.32 14.99
CA ASP B 365 25.99 17.65 15.20
C ASP B 365 27.06 18.67 14.83
N ILE B 366 26.75 19.56 13.89
CA ILE B 366 27.78 20.48 13.40
C ILE B 366 28.22 21.44 14.51
N ALA B 367 27.30 21.81 15.39
CA ALA B 367 27.61 22.82 16.40
C ALA B 367 28.57 22.27 17.45
N THR B 368 28.29 21.09 17.97
CA THR B 368 29.14 20.52 19.00
C THR B 368 30.26 19.65 18.45
N LEU B 369 30.18 19.26 17.17
CA LEU B 369 31.16 18.37 16.52
C LEU B 369 31.32 17.06 17.27
N GLU B 370 30.19 16.54 17.73
CA GLU B 370 30.14 15.23 18.34
C GLU B 370 29.01 14.45 17.70
N CYS B 371 29.07 13.13 17.87
CA CYS B 371 28.24 12.21 17.10
C CYS B 371 26.90 12.00 17.83
N SER B 372 25.81 12.48 17.22
CA SER B 372 24.51 12.36 17.87
C SER B 372 24.06 10.91 17.91
N TRP B 373 24.16 10.21 16.79
CA TRP B 373 23.71 8.82 16.75
C TRP B 373 24.47 8.10 15.65
N THR B 374 24.37 6.77 15.67
CA THR B 374 25.05 5.87 14.75
C THR B 374 24.07 4.83 14.25
N LEU B 375 24.11 4.57 12.95
CA LEU B 375 23.28 3.53 12.35
C LEU B 375 24.18 2.42 11.84
N PRO B 376 24.06 1.20 12.35
CA PRO B 376 24.89 0.09 11.88
C PRO B 376 24.41 -0.45 10.54
N SER B 377 24.93 -1.34 9.76
CA SER B 377 24.82 -1.88 8.42
C SER B 377 25.55 -3.22 8.35
N LEU B 378 25.16 -3.99 7.50
CA LEU B 378 25.55 -5.37 7.31
C LEU B 378 26.42 -5.50 6.08
N GLY B 379 27.58 -6.12 6.23
CA GLY B 379 28.44 -6.34 5.10
C GLY B 379 28.30 -7.67 4.40
N GLY B 380 27.40 -8.54 4.87
CA GLY B 380 27.20 -9.83 4.22
C GLY B 380 25.76 -10.31 4.38
N PHE B 381 25.53 -11.51 3.85
CA PHE B 381 24.30 -12.23 4.11
C PHE B 381 24.08 -12.34 5.61
N ALA B 382 22.82 -12.22 6.05
CA ALA B 382 22.49 -12.60 7.41
C ALA B 382 22.16 -14.09 7.42
N TYR B 383 23.09 -14.89 7.95
CA TYR B 383 22.94 -16.34 7.91
C TYR B 383 22.13 -16.90 9.08
N SER B 384 22.20 -16.29 10.25
CA SER B 384 21.50 -16.85 11.40
C SER B 384 21.10 -15.73 12.34
N LEU B 385 20.00 -15.96 13.05
CA LEU B 385 19.42 -15.01 14.00
C LEU B 385 19.08 -15.78 15.27
N ALA B 386 19.51 -15.27 16.43
CA ALA B 386 19.34 -16.04 17.66
C ALA B 386 19.06 -15.09 18.82
N PHE B 387 18.01 -15.40 19.57
CA PHE B 387 17.66 -14.68 20.78
C PHE B 387 18.17 -15.43 22.00
N SER B 388 18.58 -14.69 23.03
CA SER B 388 19.07 -15.29 24.26
C SER B 388 17.94 -15.39 25.28
N SER B 389 17.84 -16.54 25.95
CA SER B 389 16.88 -16.68 27.04
C SER B 389 17.33 -15.96 28.30
N VAL B 390 18.65 -15.86 28.54
CA VAL B 390 19.14 -15.16 29.72
C VAL B 390 18.91 -13.66 29.60
N ASP B 391 19.04 -13.10 28.39
CA ASP B 391 18.83 -11.69 28.08
C ASP B 391 17.65 -11.56 27.13
N ILE B 392 16.54 -11.01 27.61
CA ILE B 392 15.29 -11.11 26.83
C ILE B 392 15.40 -10.27 25.54
N GLY B 393 16.01 -9.08 25.65
CA GLY B 393 16.18 -8.28 24.44
C GLY B 393 17.31 -8.65 23.52
N SER B 394 18.30 -9.44 23.97
CA SER B 394 19.56 -9.60 23.25
C SER B 394 19.41 -10.49 22.02
N LEU B 395 19.90 -10.02 20.86
CA LEU B 395 19.76 -10.74 19.59
C LEU B 395 21.09 -10.79 18.86
N ALA B 396 21.48 -11.98 18.40
CA ALA B 396 22.76 -12.19 17.73
C ALA B 396 22.54 -12.48 16.25
N ILE B 397 23.31 -11.80 15.39
CA ILE B 397 23.24 -11.98 13.96
C ILE B 397 24.60 -12.47 13.45
N GLY B 398 24.58 -13.57 12.70
CA GLY B 398 25.75 -14.04 11.97
C GLY B 398 25.68 -13.61 10.52
N VAL B 399 26.78 -13.01 10.06
CA VAL B 399 26.83 -12.32 8.77
C VAL B 399 28.00 -12.84 7.95
N GLY B 400 27.83 -12.88 6.62
CA GLY B 400 28.92 -13.25 5.73
C GLY B 400 30.09 -12.28 5.75
N ASP B 401 29.84 -11.07 6.25
CA ASP B 401 30.79 -10.13 6.81
C ASP B 401 31.96 -10.83 7.51
N GLY B 402 31.63 -11.88 8.25
CA GLY B 402 32.57 -12.50 9.16
C GLY B 402 32.56 -11.85 10.53
N MET B 403 31.53 -11.08 10.85
CA MET B 403 31.44 -10.39 12.12
C MET B 403 30.11 -10.76 12.78
N ILE B 404 30.15 -11.26 14.01
CA ILE B 404 28.93 -11.44 14.76
C ILE B 404 28.45 -10.09 15.25
N ARG B 405 27.15 -9.83 15.10
CA ARG B 405 26.49 -8.63 15.60
C ARG B 405 25.52 -9.04 16.71
N VAL B 406 25.62 -8.38 17.85
CA VAL B 406 24.70 -8.59 18.96
C VAL B 406 23.89 -7.33 19.13
N TRP B 407 22.58 -7.44 18.92
CA TRP B 407 21.66 -6.31 18.93
C TRP B 407 20.86 -6.34 20.23
N ASN B 408 20.96 -5.26 21.00
CA ASN B 408 20.11 -5.06 22.18
C ASN B 408 18.82 -4.40 21.72
N THR B 409 17.87 -5.21 21.25
CA THR B 409 16.62 -4.68 20.74
C THR B 409 15.80 -4.03 21.84
N LEU B 410 16.11 -4.34 23.09
CA LEU B 410 15.37 -3.79 24.22
C LEU B 410 15.73 -2.35 24.54
N SER B 411 16.85 -1.85 24.02
CA SER B 411 17.34 -0.54 24.47
C SER B 411 16.31 0.53 24.21
N ILE B 412 15.97 1.28 25.26
CA ILE B 412 15.03 2.38 25.09
C ILE B 412 15.70 3.55 24.41
N LYS B 413 16.94 3.86 24.80
CA LYS B 413 17.59 5.06 24.30
C LYS B 413 18.06 4.90 22.85
N ASN B 414 18.37 3.68 22.42
CA ASN B 414 18.95 3.46 21.10
C ASN B 414 18.19 2.33 20.41
N ASN B 415 17.70 2.60 19.20
CA ASN B 415 16.98 1.58 18.43
C ASN B 415 17.91 0.61 17.71
N TYR B 416 19.16 1.00 17.47
CA TYR B 416 20.09 0.18 16.73
C TYR B 416 21.36 -0.08 17.54
N ASP B 417 21.19 -0.16 18.86
CA ASP B 417 22.28 -0.40 19.77
C ASP B 417 22.93 -1.75 19.49
N VAL B 418 23.73 -1.81 18.43
CA VAL B 418 24.35 -3.07 18.02
C VAL B 418 25.85 -3.08 18.25
N LYS B 419 26.33 -4.13 18.90
CA LYS B 419 27.74 -4.32 19.15
C LYS B 419 28.27 -5.40 18.23
N ASN B 420 29.51 -5.25 17.77
CA ASN B 420 30.14 -6.20 16.87
C ASN B 420 31.29 -6.89 17.56
N PHE B 421 31.42 -8.21 17.35
CA PHE B 421 32.54 -8.98 17.86
C PHE B 421 33.32 -9.55 16.68
N TRP B 422 34.64 -9.40 16.70
CA TRP B 422 35.43 -9.86 15.56
C TRP B 422 36.60 -10.75 15.94
N GLN B 423 36.91 -10.94 17.23
CA GLN B 423 38.23 -11.46 17.55
C GLN B 423 38.42 -12.94 17.19
N GLY B 424 37.37 -13.73 17.08
CA GLY B 424 37.60 -15.11 16.75
C GLY B 424 36.98 -15.57 15.45
N VAL B 425 36.46 -14.61 14.69
CA VAL B 425 35.75 -14.89 13.45
C VAL B 425 36.60 -14.36 12.31
N LYS B 426 37.09 -15.27 11.47
CA LYS B 426 37.78 -14.88 10.24
C LYS B 426 37.02 -15.32 8.98
N SER B 427 35.74 -15.66 9.14
CA SER B 427 34.98 -16.25 8.06
C SER B 427 33.49 -16.02 8.33
N LYS B 428 32.69 -16.28 7.29
CA LYS B 428 31.24 -16.08 7.34
C LYS B 428 30.62 -16.87 8.49
N VAL B 429 29.71 -16.23 9.20
CA VAL B 429 29.13 -16.85 10.39
C VAL B 429 27.82 -17.52 9.99
N THR B 430 27.87 -18.84 9.84
CA THR B 430 26.77 -19.64 9.35
C THR B 430 25.77 -20.04 10.43
N ALA B 431 26.15 -20.02 11.68
CA ALA B 431 25.39 -20.67 12.72
C ALA B 431 25.75 -20.00 14.03
N LEU B 432 24.73 -19.74 14.85
CA LEU B 432 24.89 -19.10 16.14
C LEU B 432 23.96 -19.79 17.13
N CYS B 433 24.34 -19.78 18.40
CA CYS B 433 23.49 -20.34 19.45
C CYS B 433 23.87 -19.75 20.78
N TRP B 434 22.88 -19.27 21.52
CA TRP B 434 23.11 -18.76 22.85
C TRP B 434 23.09 -19.90 23.86
N HIS B 435 23.88 -19.75 24.90
CA HIS B 435 23.77 -20.71 25.99
C HIS B 435 22.46 -20.45 26.72
N PRO B 436 21.80 -21.52 27.20
CA PRO B 436 20.47 -21.38 27.81
C PRO B 436 20.47 -20.77 29.21
N THR B 437 21.49 -21.07 30.01
CA THR B 437 21.48 -20.67 31.41
C THR B 437 22.58 -19.69 31.80
N LYS B 438 23.60 -19.49 30.97
CA LYS B 438 24.73 -18.62 31.33
C LYS B 438 24.70 -17.34 30.50
N GLU B 439 24.73 -16.22 31.20
CA GLU B 439 24.71 -14.94 30.54
C GLU B 439 25.94 -14.76 29.67
N GLY B 440 25.74 -14.14 28.50
CA GLY B 440 26.83 -13.75 27.63
C GLY B 440 27.65 -14.86 27.05
N CYS B 441 27.09 -16.04 26.92
CA CYS B 441 27.81 -17.18 26.38
C CYS B 441 27.20 -17.53 25.02
N LEU B 442 27.97 -17.33 23.97
CA LEU B 442 27.46 -17.42 22.60
C LEU B 442 28.29 -18.41 21.79
N ALA B 443 27.62 -19.39 21.20
CA ALA B 443 28.25 -20.40 20.36
C ALA B 443 28.08 -20.01 18.91
N PHE B 444 29.17 -20.09 18.13
CA PHE B 444 29.10 -19.70 16.73
C PHE B 444 29.83 -20.70 15.84
N GLY B 445 29.35 -20.82 14.60
CA GLY B 445 30.03 -21.61 13.60
C GLY B 445 30.22 -20.82 12.30
N THR B 446 31.21 -21.23 11.51
CA THR B 446 31.57 -20.51 10.30
C THR B 446 31.61 -21.43 9.07
N ASP B 447 31.70 -20.82 7.88
CA ASP B 447 31.75 -21.56 6.63
C ASP B 447 33.06 -22.33 6.51
N ASP B 448 34.03 -22.01 7.38
CA ASP B 448 35.30 -22.72 7.54
C ASP B 448 35.15 -24.10 8.18
N GLY B 449 33.99 -24.43 8.77
CA GLY B 449 33.91 -25.58 9.65
C GLY B 449 34.37 -25.30 11.06
N LYS B 450 34.72 -24.05 11.37
CA LYS B 450 35.22 -23.67 12.68
C LYS B 450 34.08 -23.45 13.67
N VAL B 451 34.24 -23.99 14.87
CA VAL B 451 33.28 -23.82 15.97
C VAL B 451 33.99 -23.05 17.08
N GLY B 452 33.33 -22.02 17.61
CA GLY B 452 33.89 -21.24 18.69
C GLY B 452 32.81 -20.83 19.66
N LEU B 453 33.24 -20.38 20.84
CA LEU B 453 32.35 -19.96 21.89
C LEU B 453 32.82 -18.59 22.39
N TYR B 454 31.92 -17.64 22.37
CA TYR B 454 32.24 -16.25 22.61
C TYR B 454 31.68 -15.87 23.97
N ASP B 455 32.45 -15.08 24.73
CA ASP B 455 31.95 -14.41 25.94
C ASP B 455 31.64 -12.97 25.55
N THR B 456 30.36 -12.68 25.32
CA THR B 456 30.00 -11.36 24.80
C THR B 456 30.28 -10.25 25.80
N TYR B 457 30.16 -10.52 27.11
CA TYR B 457 30.42 -9.48 28.10
C TYR B 457 31.90 -9.16 28.17
N SER B 458 32.75 -10.18 28.09
CA SER B 458 34.19 -9.97 28.10
C SER B 458 34.68 -9.49 26.74
N ASN B 459 35.78 -8.75 26.76
CA ASN B 459 36.44 -8.32 25.54
C ASN B 459 37.39 -9.37 24.99
N LYS B 460 37.47 -10.54 25.61
CA LYS B 460 38.46 -11.54 25.26
C LYS B 460 38.13 -12.19 23.91
N PRO B 461 39.15 -12.68 23.20
CA PRO B 461 38.90 -13.48 21.99
C PRO B 461 38.18 -14.77 22.34
N PRO B 462 37.29 -15.23 21.48
CA PRO B 462 36.51 -16.43 21.81
C PRO B 462 37.37 -17.68 21.75
N GLN B 463 37.10 -18.60 22.68
CA GLN B 463 37.77 -19.88 22.62
C GLN B 463 37.26 -20.66 21.42
N ILE B 464 38.16 -21.32 20.73
CA ILE B 464 37.85 -22.03 19.51
C ILE B 464 38.06 -23.53 19.77
N SER B 465 37.11 -24.33 19.31
CA SER B 465 37.26 -25.77 19.39
C SER B 465 38.47 -26.21 18.57
N SER B 466 39.25 -27.17 19.10
CA SER B 466 40.39 -27.68 18.36
C SER B 466 39.94 -28.49 17.15
N THR B 467 38.80 -29.16 17.26
CA THR B 467 38.24 -29.92 16.17
C THR B 467 37.51 -29.00 15.19
N TYR B 468 37.80 -29.16 13.90
CA TYR B 468 37.20 -28.36 12.83
C TYR B 468 36.35 -29.27 11.96
N HIS B 469 35.19 -28.75 11.56
CA HIS B 469 34.34 -29.48 10.63
C HIS B 469 34.94 -29.44 9.23
N LYS B 470 34.86 -30.56 8.51
CA LYS B 470 35.36 -30.58 7.14
C LYS B 470 34.66 -29.55 6.28
N LYS B 471 33.38 -29.30 6.54
CA LYS B 471 32.58 -28.36 5.79
C LYS B 471 31.94 -27.35 6.73
N THR B 472 31.32 -26.36 6.11
CA THR B 472 30.46 -25.37 6.78
C THR B 472 29.64 -25.96 7.92
N VAL B 473 29.62 -25.29 9.07
CA VAL B 473 28.75 -25.73 10.16
C VAL B 473 27.37 -25.11 10.00
N TYR B 474 26.37 -25.98 9.79
CA TYR B 474 25.03 -25.51 9.46
C TYR B 474 24.28 -25.05 10.71
N THR B 475 24.47 -25.72 11.83
CA THR B 475 23.69 -25.41 13.02
C THR B 475 24.50 -25.76 14.26
N LEU B 476 24.12 -25.14 15.36
CA LEU B 476 24.70 -25.37 16.68
C LEU B 476 23.58 -25.57 17.69
N ALA B 477 23.79 -26.46 18.65
CA ALA B 477 22.73 -26.75 19.59
C ALA B 477 23.29 -27.16 20.94
N TRP B 478 22.74 -26.58 21.99
CA TRP B 478 23.06 -26.99 23.35
C TRP B 478 22.16 -28.12 23.79
N GLY B 479 22.75 -29.17 24.34
CA GLY B 479 22.02 -30.27 24.86
C GLY B 479 22.81 -30.95 25.95
N PRO B 480 22.17 -31.89 26.63
CA PRO B 480 22.87 -32.64 27.66
C PRO B 480 24.07 -33.35 27.08
N PRO B 481 25.13 -33.52 27.87
CA PRO B 481 26.26 -34.35 27.41
C PRO B 481 25.82 -35.80 27.26
N VAL B 482 26.39 -36.46 26.26
CA VAL B 482 26.16 -37.88 26.00
C VAL B 482 27.49 -38.60 26.09
N PRO B 483 27.48 -39.90 26.32
CA PRO B 483 28.75 -40.67 26.36
C PRO B 483 29.60 -40.39 25.11
N PRO B 484 30.94 -40.32 25.27
CA PRO B 484 31.60 -40.58 26.56
C PRO B 484 31.78 -39.32 27.42
N MET B 485 30.70 -38.57 27.60
CA MET B 485 30.69 -37.35 28.38
C MET B 485 29.52 -37.35 29.35
N SER B 495 27.64 -30.40 32.33
CA SER B 495 26.25 -29.95 32.46
C SER B 495 25.52 -29.88 31.12
N LEU B 496 25.87 -28.90 30.29
CA LEU B 496 25.39 -28.82 28.92
C LEU B 496 26.57 -28.99 27.98
N ALA B 497 26.39 -29.77 26.93
CA ALA B 497 27.39 -29.94 25.89
C ALA B 497 26.95 -29.19 24.64
N LEU B 498 27.93 -28.62 23.93
CA LEU B 498 27.67 -27.94 22.68
C LEU B 498 27.69 -28.93 21.53
N TYR B 499 26.68 -28.87 20.66
CA TYR B 499 26.60 -29.75 19.50
C TYR B 499 26.69 -28.94 18.22
N SER B 500 27.54 -29.42 17.33
CA SER B 500 27.87 -28.79 16.06
C SER B 500 27.49 -29.72 14.95
N CYS B 501 26.87 -29.19 13.91
CA CYS B 501 26.65 -29.97 12.71
C CYS B 501 27.42 -29.38 11.54
N GLY B 502 28.13 -30.21 10.79
CA GLY B 502 28.89 -29.71 9.66
C GLY B 502 28.24 -30.10 8.35
N GLY B 503 28.53 -29.37 7.28
CA GLY B 503 28.06 -29.78 5.98
C GLY B 503 28.57 -31.14 5.52
N GLU B 504 29.66 -31.64 6.12
CA GLU B 504 30.09 -32.99 5.87
C GLU B 504 29.07 -34.01 6.34
N GLY B 505 28.19 -33.63 7.25
CA GLY B 505 27.21 -34.55 7.79
C GLY B 505 27.58 -35.18 9.10
N ILE B 506 28.66 -34.73 9.72
CA ILE B 506 29.10 -35.24 11.02
C ILE B 506 28.65 -34.23 12.08
N VAL B 507 27.98 -34.71 13.12
CA VAL B 507 27.75 -33.90 14.31
C VAL B 507 28.95 -34.05 15.23
N LEU B 508 29.20 -33.04 16.06
CA LEU B 508 30.33 -33.07 16.99
C LEU B 508 29.81 -32.64 18.34
N GLN B 509 30.24 -33.35 19.39
CA GLN B 509 29.95 -32.97 20.77
C GLN B 509 31.17 -32.27 21.35
N HIS B 510 31.02 -31.00 21.69
CA HIS B 510 32.09 -30.18 22.24
C HIS B 510 31.88 -30.03 23.73
N ASN B 511 32.97 -29.99 24.49
CA ASN B 511 32.89 -29.61 25.89
C ASN B 511 33.36 -28.17 26.04
N PRO B 512 32.48 -27.25 26.45
CA PRO B 512 32.90 -25.85 26.57
C PRO B 512 34.09 -25.64 27.49
N TRP B 513 34.15 -26.42 28.59
CA TRP B 513 35.26 -26.30 29.53
C TRP B 513 36.58 -26.58 28.87
N LYS B 514 36.64 -27.60 28.02
CA LYS B 514 37.87 -28.00 27.36
C LYS B 514 37.66 -27.91 25.85
N LEU B 515 37.29 -26.71 25.38
CA LEU B 515 37.04 -26.49 23.96
C LEU B 515 38.18 -27.04 23.11
N SER B 516 39.42 -26.84 23.58
CA SER B 516 40.58 -27.41 22.90
C SER B 516 40.63 -28.94 22.99
N GLY B 517 39.92 -29.55 23.94
CA GLY B 517 39.79 -31.00 23.93
C GLY B 517 39.17 -31.47 22.64
N GLU B 518 39.44 -32.72 22.28
CA GLU B 518 38.93 -33.26 21.04
C GLU B 518 37.41 -33.40 21.10
N ALA B 519 36.74 -33.00 20.02
CA ALA B 519 35.30 -33.17 19.91
C ALA B 519 34.97 -34.61 19.55
N PHE B 520 33.86 -35.09 20.09
CA PHE B 520 33.45 -36.48 19.91
C PHE B 520 32.35 -36.58 18.85
N ASP B 521 32.62 -37.36 17.81
CA ASP B 521 31.61 -37.68 16.79
C ASP B 521 30.47 -38.50 17.42
N ILE B 522 29.26 -38.00 17.29
CA ILE B 522 28.05 -38.59 17.84
C ILE B 522 27.70 -39.94 17.19
N ASN B 523 28.15 -40.18 15.96
CA ASN B 523 27.84 -41.44 15.27
C ASN B 523 28.44 -42.65 15.99
N LYS B 524 29.56 -42.49 16.70
CA LYS B 524 30.12 -43.61 17.44
C LYS B 524 29.15 -44.08 18.51
N LEU B 525 28.54 -43.16 19.24
CA LEU B 525 27.60 -43.52 20.29
C LEU B 525 26.29 -44.05 19.71
N ILE B 526 25.85 -43.47 18.60
CA ILE B 526 24.62 -43.94 17.96
C ILE B 526 24.80 -45.37 17.47
N ARG B 527 25.97 -45.66 16.87
CA ARG B 527 26.21 -46.98 16.31
C ARG B 527 26.39 -48.01 17.40
N ASP B 528 26.91 -47.59 18.55
CA ASP B 528 27.11 -48.49 19.68
C ASP B 528 25.79 -48.78 20.36
N THR B 529 25.00 -47.74 20.65
CA THR B 529 23.77 -47.87 21.42
C THR B 529 22.72 -48.67 20.66
N ASN B 530 22.60 -48.45 19.36
CA ASN B 530 21.55 -49.02 18.55
C ASN B 530 22.13 -50.08 17.62
N SER B 531 21.33 -51.11 17.37
CA SER B 531 21.62 -52.16 16.40
C SER B 531 21.71 -51.63 14.96
N ILE B 532 22.91 -51.62 14.36
CA ILE B 532 23.11 -50.98 13.06
C ILE B 532 23.97 -51.85 12.12
N LYS B 533 23.47 -52.07 10.92
CA LYS B 533 24.11 -52.87 9.89
C LYS B 533 24.46 -52.01 8.68
N TYR B 534 24.19 -50.71 8.73
CA TYR B 534 24.34 -49.87 7.55
C TYR B 534 25.02 -48.56 7.93
N LYS B 535 25.69 -47.96 6.94
CA LYS B 535 26.34 -46.68 7.14
C LYS B 535 25.34 -45.62 7.52
N LEU B 536 25.67 -44.85 8.56
CA LEU B 536 24.77 -43.83 9.07
C LEU B 536 24.57 -42.72 8.05
N PRO B 537 23.38 -42.12 8.00
CA PRO B 537 23.13 -41.03 7.04
C PRO B 537 23.91 -39.78 7.41
N VAL B 538 24.14 -38.92 6.41
CA VAL B 538 24.84 -37.69 6.73
C VAL B 538 23.84 -36.73 7.37
N HIS B 539 24.22 -36.14 8.48
CA HIS B 539 23.32 -35.32 9.26
C HIS B 539 23.44 -33.87 8.80
N THR B 540 22.31 -33.21 8.54
CA THR B 540 22.34 -31.83 8.09
C THR B 540 21.88 -30.83 9.13
N GLU B 541 21.07 -31.21 10.11
CA GLU B 541 20.78 -30.25 11.15
C GLU B 541 20.35 -30.99 12.42
N ILE B 542 20.56 -30.32 13.56
CA ILE B 542 20.45 -30.91 14.88
C ILE B 542 19.44 -30.09 15.67
N SER B 543 18.48 -30.74 16.31
CA SER B 543 17.51 -30.00 17.10
C SER B 543 17.11 -30.77 18.34
N TRP B 544 17.32 -30.13 19.49
CA TRP B 544 17.04 -30.70 20.79
C TRP B 544 15.67 -30.24 21.28
N LYS B 545 14.94 -31.18 21.90
CA LYS B 545 13.65 -30.85 22.51
C LYS B 545 13.84 -29.96 23.73
N ALA B 546 12.81 -29.15 24.01
CA ALA B 546 12.89 -28.17 25.09
C ALA B 546 13.27 -28.82 26.42
N ASP B 547 12.65 -29.97 26.75
CA ASP B 547 13.09 -30.66 27.96
C ASP B 547 14.53 -31.14 27.86
N GLY B 548 15.09 -31.27 26.66
CA GLY B 548 16.42 -31.83 26.52
C GLY B 548 16.45 -33.34 26.64
N LYS B 549 15.30 -34.00 26.67
CA LYS B 549 15.28 -35.45 26.71
C LYS B 549 15.40 -36.06 25.33
N ILE B 550 14.92 -35.37 24.30
CA ILE B 550 14.87 -35.94 22.97
C ILE B 550 15.71 -35.09 22.03
N MET B 551 16.54 -35.74 21.21
CA MET B 551 17.30 -35.08 20.16
C MET B 551 16.80 -35.52 18.79
N ALA B 552 16.63 -34.57 17.89
CA ALA B 552 16.25 -34.86 16.51
C ALA B 552 17.40 -34.55 15.56
N LEU B 553 17.63 -35.44 14.61
CA LEU B 553 18.62 -35.22 13.55
C LEU B 553 17.92 -35.26 12.21
N GLY B 554 18.21 -34.27 11.37
CA GLY B 554 17.78 -34.26 9.97
C GLY B 554 18.92 -34.67 9.06
N ASN B 555 18.59 -35.34 7.96
CA ASN B 555 19.61 -35.91 7.10
C ASN B 555 19.41 -35.53 5.65
N GLU B 556 20.53 -35.56 4.90
CA GLU B 556 20.53 -35.25 3.46
C GLU B 556 19.48 -36.06 2.71
N ASP B 557 19.15 -37.23 3.23
CA ASP B 557 18.12 -38.10 2.67
C ASP B 557 16.72 -37.50 2.77
N GLY B 558 16.54 -36.49 3.61
CA GLY B 558 15.22 -36.06 4.02
C GLY B 558 14.70 -36.76 5.26
N SER B 559 15.39 -37.81 5.72
CA SER B 559 14.98 -38.50 6.92
C SER B 559 15.20 -37.60 8.14
N ILE B 560 14.47 -37.92 9.21
CA ILE B 560 14.62 -37.27 10.50
C ILE B 560 14.58 -38.35 11.57
N GLU B 561 15.58 -38.36 12.44
CA GLU B 561 15.77 -39.43 13.41
C GLU B 561 15.65 -38.87 14.82
N ILE B 562 14.95 -39.61 15.67
CA ILE B 562 14.64 -39.23 17.05
C ILE B 562 15.44 -40.13 17.98
N PHE B 563 16.15 -39.53 18.93
CA PHE B 563 16.99 -40.29 19.85
C PHE B 563 16.66 -39.95 21.30
N GLN B 564 16.90 -40.92 22.18
CA GLN B 564 16.53 -40.80 23.59
C GLN B 564 17.73 -40.37 24.41
N ILE B 565 17.42 -39.66 25.48
CA ILE B 565 18.37 -38.80 26.21
C ILE B 565 19.69 -39.49 26.58
N PRO B 566 19.71 -40.56 27.39
CA PRO B 566 21.00 -40.98 27.98
C PRO B 566 22.05 -41.39 26.97
N ASN B 567 21.74 -42.31 26.06
CA ASN B 567 22.74 -42.93 25.20
C ASN B 567 22.40 -42.76 23.73
N LEU B 568 21.51 -41.82 23.42
CA LEU B 568 21.07 -41.55 22.06
C LEU B 568 20.51 -42.83 21.42
N LYS B 569 19.56 -43.43 22.12
CA LYS B 569 18.86 -44.58 21.56
C LYS B 569 17.86 -44.11 20.50
N LEU B 570 17.87 -44.78 19.36
CA LEU B 570 17.04 -44.42 18.21
C LEU B 570 15.60 -44.85 18.46
N ILE B 571 14.76 -43.90 18.89
CA ILE B 571 13.35 -44.14 19.14
C ILE B 571 12.57 -44.30 17.84
N CYS B 572 12.85 -43.45 16.85
CA CYS B 572 11.92 -43.33 15.73
C CYS B 572 12.59 -42.57 14.60
N THR B 573 12.24 -42.93 13.37
CA THR B 573 12.70 -42.23 12.18
C THR B 573 11.51 -41.71 11.38
N ILE B 574 11.53 -40.41 11.09
CA ILE B 574 10.43 -39.79 10.36
C ILE B 574 10.82 -39.64 8.89
N GLN B 575 9.91 -39.97 8.00
CA GLN B 575 10.17 -40.07 6.60
C GLN B 575 9.18 -39.20 5.81
N GLN B 576 9.25 -37.89 5.98
CA GLN B 576 8.29 -37.04 5.28
C GLN B 576 8.92 -36.18 4.20
N HIS B 577 10.24 -35.98 4.19
CA HIS B 577 10.90 -35.08 3.25
C HIS B 577 11.68 -35.86 2.21
N HIS B 578 11.53 -35.49 0.94
CA HIS B 578 12.29 -36.13 -0.13
C HIS B 578 13.56 -35.37 -0.45
N LYS B 579 13.92 -34.37 0.36
CA LYS B 579 15.16 -33.66 0.13
C LYS B 579 15.81 -33.35 1.47
N LEU B 580 17.10 -33.02 1.38
CA LEU B 580 17.92 -32.55 2.50
C LEU B 580 17.08 -31.71 3.45
N VAL B 581 17.17 -32.02 4.74
CA VAL B 581 16.46 -31.28 5.78
C VAL B 581 17.28 -30.05 6.16
N ASN B 582 16.69 -28.86 6.04
CA ASN B 582 17.45 -27.69 6.45
C ASN B 582 17.21 -27.31 7.90
N THR B 583 16.03 -27.56 8.44
CA THR B 583 15.62 -26.88 9.66
C THR B 583 14.57 -27.73 10.40
N ILE B 584 14.75 -27.84 11.71
CA ILE B 584 13.86 -28.59 12.59
C ILE B 584 13.58 -27.71 13.80
N SER B 585 12.33 -27.66 14.23
CA SER B 585 12.02 -26.90 15.43
C SER B 585 10.97 -27.60 16.26
N TRP B 586 11.23 -27.63 17.57
CA TRP B 586 10.33 -28.19 18.57
C TRP B 586 9.50 -27.08 19.22
N HIS B 587 8.24 -27.37 19.49
CA HIS B 587 7.31 -26.40 20.05
C HIS B 587 7.62 -26.16 21.51
N HIS B 588 7.46 -24.90 21.95
CA HIS B 588 7.75 -24.55 23.34
C HIS B 588 6.85 -25.34 24.27
N GLU B 589 7.34 -25.62 25.48
CA GLU B 589 6.57 -26.45 26.40
C GLU B 589 5.49 -25.67 27.14
N HIS B 590 5.40 -24.36 26.93
CA HIS B 590 4.52 -23.50 27.70
C HIS B 590 3.15 -23.35 27.05
N GLY B 591 2.82 -24.23 26.10
CA GLY B 591 1.50 -24.25 25.54
C GLY B 591 0.46 -24.67 26.57
N SER B 592 -0.78 -24.24 26.32
CA SER B 592 -1.88 -24.60 27.20
C SER B 592 -2.03 -26.11 27.31
N GLN B 593 -1.88 -26.82 26.20
CA GLN B 593 -1.88 -28.27 26.24
C GLN B 593 -0.48 -28.79 26.59
N PRO B 594 -0.36 -29.74 27.50
CA PRO B 594 0.95 -30.35 27.74
C PRO B 594 1.48 -31.07 26.51
N GLU B 595 0.59 -31.61 25.68
CA GLU B 595 0.96 -32.33 24.47
C GLU B 595 1.54 -31.44 23.38
N LEU B 596 1.47 -30.12 23.53
CA LEU B 596 1.94 -29.24 22.47
C LEU B 596 3.45 -29.36 22.27
N SER B 597 4.17 -29.66 23.35
CA SER B 597 5.64 -29.72 23.32
C SER B 597 6.16 -30.86 22.46
N TYR B 598 5.32 -31.83 22.10
CA TYR B 598 5.72 -32.96 21.27
C TYR B 598 5.66 -32.68 19.78
N LEU B 599 5.12 -31.54 19.37
CA LEU B 599 5.04 -31.22 17.95
C LEU B 599 6.38 -30.70 17.47
N MET B 600 6.79 -31.15 16.28
CA MET B 600 8.07 -30.77 15.73
C MET B 600 7.86 -30.37 14.27
N ALA B 601 8.39 -29.21 13.89
CA ALA B 601 8.27 -28.72 12.53
C ALA B 601 9.61 -28.87 11.83
N SER B 602 9.58 -29.21 10.54
CA SER B 602 10.78 -29.47 9.76
C SER B 602 10.63 -28.85 8.38
N GLY B 603 11.73 -28.28 7.90
CA GLY B 603 11.82 -27.78 6.54
C GLY B 603 12.96 -28.45 5.81
N SER B 604 12.71 -28.80 4.54
CA SER B 604 13.71 -29.37 3.66
C SER B 604 13.92 -28.49 2.43
N ASN B 605 14.67 -29.01 1.47
CA ASN B 605 14.81 -28.38 0.16
C ASN B 605 13.52 -28.41 -0.65
N ASN B 606 12.57 -29.27 -0.33
CA ASN B 606 11.24 -29.13 -0.91
C ASN B 606 10.52 -27.95 -0.26
N ALA B 607 9.52 -27.43 -0.94
CA ALA B 607 8.81 -26.27 -0.41
C ALA B 607 7.89 -26.65 0.75
N VAL B 608 7.34 -27.87 0.73
CA VAL B 608 6.31 -28.23 1.71
C VAL B 608 6.90 -28.33 3.12
N ILE B 609 6.17 -27.80 4.10
CA ILE B 609 6.55 -27.91 5.50
C ILE B 609 5.65 -28.92 6.19
N TYR B 610 6.27 -29.85 6.93
CA TYR B 610 5.58 -30.86 7.70
C TYR B 610 5.71 -30.58 9.19
N VAL B 611 4.63 -30.90 9.92
CA VAL B 611 4.61 -30.95 11.38
C VAL B 611 4.30 -32.38 11.79
N HIS B 612 5.00 -32.87 12.80
CA HIS B 612 4.79 -34.21 13.34
C HIS B 612 4.57 -34.14 14.84
N ASN B 613 3.71 -35.01 15.35
CA ASN B 613 3.45 -35.15 16.77
C ASN B 613 4.15 -36.40 17.26
N LEU B 614 5.15 -36.24 18.12
CA LEU B 614 5.96 -37.36 18.59
C LEU B 614 5.54 -37.85 19.97
N LYS B 615 4.38 -37.42 20.46
CA LYS B 615 3.96 -37.76 21.82
C LYS B 615 3.76 -39.26 21.99
N THR B 616 3.03 -39.90 21.06
CA THR B 616 2.73 -41.32 21.24
C THR B 616 4.01 -42.16 21.14
N VAL B 617 4.87 -41.86 20.17
CA VAL B 617 6.06 -42.69 20.00
C VAL B 617 7.08 -42.39 21.10
N ILE B 618 7.23 -41.12 21.49
CA ILE B 618 8.18 -40.79 22.55
C ILE B 618 7.74 -41.42 23.87
N GLU B 619 6.45 -41.33 24.18
CA GLU B 619 5.96 -41.93 25.41
C GLU B 619 6.14 -43.45 25.40
N SER B 620 6.11 -44.07 24.22
CA SER B 620 6.20 -45.52 24.13
C SER B 620 7.59 -46.03 24.52
N SER B 621 8.64 -45.29 24.16
CA SER B 621 10.02 -45.73 24.35
C SER B 621 10.23 -47.13 23.81
N PRO B 622 9.93 -47.39 22.54
CA PRO B 622 9.93 -48.76 22.03
C PRO B 622 11.34 -49.32 21.90
N GLU B 623 11.47 -50.63 22.12
CA GLU B 623 12.77 -51.28 22.04
C GLU B 623 13.27 -51.35 20.60
N SER B 624 12.36 -51.40 19.63
CA SER B 624 12.67 -51.34 18.20
C SER B 624 12.15 -50.05 17.60
N PRO B 625 12.97 -49.35 16.82
CA PRO B 625 12.53 -48.07 16.25
C PRO B 625 11.39 -48.26 15.26
N VAL B 626 10.46 -47.32 15.29
CA VAL B 626 9.29 -47.33 14.43
C VAL B 626 9.48 -46.26 13.36
N THR B 627 9.04 -46.58 12.14
CA THR B 627 9.10 -45.65 11.03
C THR B 627 7.79 -44.89 10.93
N ILE B 628 7.88 -43.59 10.66
CA ILE B 628 6.70 -42.74 10.52
C ILE B 628 6.61 -42.27 9.08
N THR B 629 5.51 -42.62 8.41
CA THR B 629 5.25 -42.18 7.05
C THR B 629 4.15 -41.12 6.95
N GLU B 630 3.57 -40.69 8.07
CA GLU B 630 2.44 -39.78 8.00
C GLU B 630 2.71 -38.54 8.86
N PRO B 631 2.31 -37.36 8.39
CA PRO B 631 2.53 -36.14 9.18
C PRO B 631 1.31 -35.74 10.00
N TYR B 632 1.55 -34.99 11.09
CA TYR B 632 0.43 -34.49 11.89
C TYR B 632 -0.26 -33.33 11.17
N ARG B 633 0.52 -32.40 10.63
CA ARG B 633 0.03 -31.28 9.85
C ARG B 633 0.99 -31.05 8.69
N THR B 634 0.46 -30.66 7.55
CA THR B 634 1.27 -30.42 6.36
C THR B 634 0.96 -29.02 5.84
N LEU B 635 2.01 -28.23 5.60
CA LEU B 635 1.86 -26.81 5.29
C LEU B 635 2.35 -26.52 3.88
N SER B 636 1.43 -26.42 2.93
CA SER B 636 1.78 -26.12 1.55
C SER B 636 1.56 -24.64 1.28
N GLY B 637 2.48 -24.02 0.55
CA GLY B 637 2.35 -22.61 0.24
C GLY B 637 3.60 -21.95 -0.33
N HIS B 638 4.76 -22.41 0.13
CA HIS B 638 6.03 -21.85 -0.35
C HIS B 638 6.37 -22.30 -1.77
N THR B 639 7.31 -21.61 -2.40
CA THR B 639 7.69 -21.93 -3.77
C THR B 639 9.15 -22.36 -3.86
N ALA B 640 9.87 -22.40 -2.75
CA ALA B 640 11.30 -22.71 -2.77
C ALA B 640 11.68 -23.34 -1.43
N LYS B 641 12.96 -23.70 -1.30
CA LYS B 641 13.46 -24.39 -0.12
C LYS B 641 13.09 -23.64 1.15
N ILE B 642 12.87 -24.38 2.24
CA ILE B 642 12.63 -23.80 3.53
C ILE B 642 13.95 -23.78 4.29
N THR B 643 14.44 -22.60 4.62
CA THR B 643 15.70 -22.48 5.33
C THR B 643 15.52 -22.53 6.84
N SER B 644 14.37 -22.13 7.35
CA SER B 644 14.25 -21.99 8.79
C SER B 644 12.77 -22.04 9.15
N VAL B 645 12.48 -22.62 10.31
CA VAL B 645 11.12 -22.62 10.86
C VAL B 645 11.23 -22.30 12.33
N ALA B 646 10.26 -21.57 12.85
CA ALA B 646 10.29 -21.25 14.26
C ALA B 646 8.88 -21.20 14.80
N TRP B 647 8.70 -21.76 15.99
CA TRP B 647 7.46 -21.67 16.74
C TRP B 647 7.40 -20.36 17.51
N SER B 648 6.23 -19.77 17.55
CA SER B 648 6.04 -18.56 18.34
C SER B 648 5.97 -18.92 19.82
N PRO B 649 6.71 -18.21 20.69
CA PRO B 649 6.63 -18.51 22.12
C PRO B 649 5.30 -18.12 22.76
N HIS B 650 4.64 -17.06 22.30
CA HIS B 650 3.41 -16.60 22.95
C HIS B 650 2.14 -17.14 22.34
N HIS B 651 2.24 -18.08 21.41
CA HIS B 651 1.06 -18.61 20.75
C HIS B 651 1.10 -20.12 20.84
N ASP B 652 -0.02 -20.75 20.55
CA ASP B 652 -0.09 -22.21 20.48
C ASP B 652 -0.24 -22.61 19.02
N GLY B 653 0.70 -23.40 18.52
CA GLY B 653 0.63 -23.92 17.17
C GLY B 653 0.87 -22.90 16.08
N ARG B 654 1.67 -21.88 16.36
CA ARG B 654 1.91 -20.79 15.43
C ARG B 654 3.36 -20.80 14.95
N LEU B 655 3.54 -21.05 13.66
CA LEU B 655 4.85 -21.27 13.06
C LEU B 655 5.15 -20.22 12.01
N VAL B 656 6.41 -19.77 11.97
CA VAL B 656 6.89 -18.87 10.93
C VAL B 656 7.97 -19.62 10.15
N SER B 657 8.02 -19.37 8.86
CA SER B 657 8.95 -20.06 7.99
C SER B 657 9.59 -19.09 7.01
N ALA B 658 10.92 -19.19 6.86
CA ALA B 658 11.66 -18.43 5.86
C ALA B 658 11.98 -19.32 4.67
N SER B 659 12.02 -18.72 3.49
CA SER B 659 12.07 -19.47 2.25
C SER B 659 12.96 -18.78 1.23
N TYR B 660 13.64 -19.56 0.42
CA TYR B 660 14.36 -19.02 -0.72
C TYR B 660 13.44 -18.25 -1.65
N ASP B 661 12.12 -18.39 -1.49
CA ASP B 661 11.20 -17.66 -2.34
C ASP B 661 11.13 -16.17 -2.00
N GLY B 662 11.82 -15.73 -0.96
CA GLY B 662 11.85 -14.33 -0.63
C GLY B 662 10.81 -13.86 0.34
N THR B 663 10.02 -14.78 0.91
CA THR B 663 8.95 -14.43 1.83
C THR B 663 9.06 -15.25 3.10
N ALA B 664 8.66 -14.65 4.22
CA ALA B 664 8.46 -15.34 5.49
C ALA B 664 6.97 -15.50 5.74
N GLN B 665 6.55 -16.74 6.03
CA GLN B 665 5.14 -17.07 6.15
C GLN B 665 4.79 -17.41 7.59
N VAL B 666 3.91 -16.64 8.16
CA VAL B 666 3.27 -16.98 9.41
C VAL B 666 2.08 -17.88 9.11
N TRP B 667 1.91 -18.94 9.89
CA TRP B 667 0.70 -19.76 9.81
C TRP B 667 0.37 -20.36 11.16
N ASP B 668 -0.91 -20.68 11.32
CA ASP B 668 -1.36 -21.52 12.40
C ASP B 668 -1.24 -22.97 11.95
N ALA B 669 -0.28 -23.68 12.54
CA ALA B 669 0.02 -25.04 12.11
C ALA B 669 -1.15 -25.98 12.39
N LEU B 670 -1.77 -25.85 13.56
CA LEU B 670 -2.85 -26.76 13.95
C LEU B 670 -4.01 -26.69 12.96
N ARG B 671 -4.36 -25.50 12.51
CA ARG B 671 -5.48 -25.36 11.60
C ARG B 671 -5.06 -25.39 10.14
N GLU B 672 -3.74 -25.43 9.87
CA GLU B 672 -3.21 -25.46 8.51
C GLU B 672 -3.63 -24.21 7.73
N GLU B 673 -3.63 -23.07 8.42
CA GLU B 673 -4.08 -21.78 7.97
C GLU B 673 -2.90 -20.85 7.79
N PRO B 674 -2.69 -20.24 6.62
CA PRO B 674 -1.67 -19.19 6.51
C PRO B 674 -2.19 -17.86 7.05
N LEU B 675 -1.54 -17.34 8.09
CA LEU B 675 -2.01 -16.10 8.70
C LEU B 675 -1.51 -14.88 7.93
N CYS B 676 -0.21 -14.83 7.64
CA CYS B 676 0.33 -13.60 7.13
C CYS B 676 1.65 -13.87 6.41
N ASN B 677 1.93 -13.05 5.40
CA ASN B 677 3.07 -13.27 4.51
C ASN B 677 3.88 -12.00 4.37
N PHE B 678 5.16 -12.06 4.68
CA PHE B 678 6.04 -10.90 4.67
C PHE B 678 6.90 -10.90 3.40
N ARG B 679 6.70 -9.88 2.56
CA ARG B 679 7.37 -9.78 1.27
C ARG B 679 8.43 -8.68 1.24
N GLY B 680 8.84 -8.16 2.39
CA GLY B 680 9.69 -6.98 2.41
C GLY B 680 11.14 -7.24 2.03
N HIS B 681 11.61 -8.46 2.18
CA HIS B 681 12.97 -8.74 1.72
C HIS B 681 12.99 -8.74 0.19
N ARG B 682 14.16 -8.42 -0.36
CA ARG B 682 14.34 -8.58 -1.80
C ARG B 682 15.28 -9.72 -2.16
N GLY B 683 15.68 -10.54 -1.20
CA GLY B 683 16.39 -11.77 -1.50
C GLY B 683 15.93 -12.94 -0.66
N ARG B 684 16.59 -14.08 -0.90
CA ARG B 684 16.22 -15.32 -0.23
C ARG B 684 16.47 -15.22 1.26
N LEU B 685 15.48 -15.64 2.04
CA LEU B 685 15.53 -15.53 3.49
C LEU B 685 16.27 -16.73 4.06
N LEU B 686 17.25 -16.46 4.90
CA LEU B 686 18.01 -17.54 5.49
C LEU B 686 17.55 -17.88 6.90
N CYS B 687 16.90 -16.96 7.60
CA CYS B 687 16.61 -17.15 9.02
C CYS B 687 15.43 -16.28 9.46
N VAL B 688 14.56 -16.86 10.28
CA VAL B 688 13.47 -16.15 10.93
C VAL B 688 13.65 -16.32 12.43
N ALA B 689 13.40 -15.27 13.19
CA ALA B 689 13.40 -15.35 14.64
C ALA B 689 12.22 -14.56 15.17
N TRP B 690 11.37 -15.23 15.95
CA TRP B 690 10.22 -14.56 16.55
C TRP B 690 10.69 -13.65 17.68
N SER B 691 10.11 -12.46 17.75
CA SER B 691 10.44 -11.51 18.81
C SER B 691 9.85 -12.00 20.13
N PRO B 692 10.66 -12.14 21.19
CA PRO B 692 10.11 -12.55 22.49
C PRO B 692 9.39 -11.43 23.22
N LEU B 693 9.67 -10.17 22.89
CA LEU B 693 9.10 -9.04 23.61
C LEU B 693 7.71 -8.69 23.09
N ASP B 694 7.49 -8.84 21.78
CA ASP B 694 6.18 -8.57 21.22
C ASP B 694 5.67 -9.79 20.46
N PRO B 695 4.43 -10.22 20.72
CA PRO B 695 3.90 -11.39 20.02
C PRO B 695 3.63 -11.15 18.54
N ASP B 696 3.56 -9.91 18.12
CA ASP B 696 3.31 -9.60 16.72
C ASP B 696 4.58 -9.26 15.94
N CYS B 697 5.74 -9.36 16.57
CA CYS B 697 6.97 -8.91 15.96
C CYS B 697 7.87 -10.10 15.61
N ILE B 698 8.47 -10.05 14.43
CA ILE B 698 9.35 -11.11 13.91
C ILE B 698 10.54 -10.50 13.22
N TYR B 699 11.70 -11.14 13.38
CA TYR B 699 12.95 -10.75 12.74
C TYR B 699 13.35 -11.77 11.70
N SER B 700 13.78 -11.29 10.52
CA SER B 700 14.12 -12.16 9.40
C SER B 700 15.41 -11.67 8.76
N GLY B 701 16.18 -12.62 8.26
CA GLY B 701 17.47 -12.33 7.65
C GLY B 701 17.51 -12.93 6.26
N ALA B 702 18.21 -12.26 5.35
CA ALA B 702 18.16 -12.71 3.97
C ALA B 702 19.52 -12.55 3.30
N ASP B 703 19.63 -13.11 2.10
CA ASP B 703 20.77 -12.98 1.23
C ASP B 703 20.96 -11.55 0.71
N ASP B 704 20.06 -10.63 1.06
CA ASP B 704 20.08 -9.25 0.57
C ASP B 704 20.76 -8.31 1.55
N PHE B 705 21.56 -8.87 2.46
CA PHE B 705 22.39 -8.11 3.39
C PHE B 705 21.54 -7.30 4.33
N CYS B 706 20.27 -7.70 4.51
CA CYS B 706 19.30 -7.00 5.35
C CYS B 706 18.82 -7.91 6.47
N VAL B 707 18.57 -7.31 7.64
CA VAL B 707 17.71 -7.90 8.65
C VAL B 707 16.48 -7.02 8.76
N HIS B 708 15.29 -7.63 8.64
CA HIS B 708 14.02 -6.92 8.73
C HIS B 708 13.29 -7.34 10.00
N LYS B 709 12.83 -6.34 10.74
CA LYS B 709 11.93 -6.53 11.87
C LYS B 709 10.54 -6.07 11.45
N TRP B 710 9.57 -6.98 11.44
CA TRP B 710 8.25 -6.64 10.89
C TRP B 710 7.13 -7.12 11.81
N LEU B 711 5.95 -6.54 11.61
CA LEU B 711 4.75 -6.83 12.38
C LEU B 711 3.78 -7.66 11.55
N THR B 712 3.27 -8.74 12.15
CA THR B 712 2.38 -9.64 11.44
C THR B 712 1.09 -8.94 11.05
N SER B 713 0.67 -7.95 11.84
CA SER B 713 -0.58 -7.26 11.57
C SER B 713 -0.46 -6.25 10.45
N MET B 714 0.75 -5.77 10.16
CA MET B 714 0.94 -4.77 9.12
C MET B 714 0.94 -5.36 7.72
N GLN B 715 0.92 -6.69 7.57
CA GLN B 715 1.08 -7.31 6.27
C GLN B 715 -0.26 -7.39 5.52
N ASP B 716 -0.24 -7.00 4.22
CA ASP B 716 -1.41 -7.03 3.35
C ASP B 716 -1.66 -8.38 2.68
N HIS B 717 -0.69 -9.30 2.74
CA HIS B 717 -0.80 -10.60 2.10
C HIS B 717 -0.71 -11.68 3.16
N SER B 718 -1.51 -12.74 3.00
CA SER B 718 -1.56 -13.83 3.95
C SER B 718 -0.95 -15.12 3.41
N ARG B 719 -0.54 -15.15 2.15
CA ARG B 719 -0.02 -16.31 1.43
C ARG B 719 1.28 -15.98 0.73
N PRO B 720 2.15 -16.97 0.51
CA PRO B 720 3.33 -16.73 -0.32
C PRO B 720 2.92 -16.53 -1.78
N PRO B 721 3.71 -15.79 -2.55
CA PRO B 721 3.34 -15.53 -3.95
C PRO B 721 3.28 -16.82 -4.76
N GLN B 722 2.60 -16.71 -5.90
CA GLN B 722 2.38 -17.84 -6.81
C GLN B 722 3.61 -18.16 -7.67
C1 GOL D . -2.25 -12.32 -0.92
O1 GOL D . -3.50 -12.76 -0.44
C2 GOL D . -2.26 -11.24 -2.05
O2 GOL D . -2.09 -10.00 -1.48
C3 GOL D . -1.15 -11.41 -3.10
O3 GOL D . -1.29 -12.53 -3.98
#